data_8Q56
#
_entry.id   8Q56
#
_cell.length_a   238.458
_cell.length_b   60.786
_cell.length_c   146.637
_cell.angle_alpha   90.000
_cell.angle_beta   114.890
_cell.angle_gamma   90.000
#
_symmetry.space_group_name_H-M   'C 1 2 1'
#
loop_
_entity.id
_entity.type
_entity.pdbx_description
1 polymer 'site-specific DNA-methyltransferase (adenine-specific)'
2 polymer 'Protein Ocr'
3 non-polymer S-ADENOSYLMETHIONINE
4 water water
#
loop_
_entity_poly.entity_id
_entity_poly.type
_entity_poly.pdbx_seq_one_letter_code
_entity_poly.pdbx_strand_id
1 'polypeptide(L)'
;MNTNNIKKYAPQARNQFRDAVIQKLTTLGISADKKGNLQIADAELVGETMRYGQFDYPKSTLTRRDRLVKRAREQGFDVL
VEHCAYTWFNRLCAIRYMEIHGYLDHGFHMLSHPDNPTGFEVLDHVPEVAEALLPEKKAQLVEMKLSGNQDEAIYRELLL
AQCHALHRAMPFLFEAVDDEAELLLPDNLTRTDSILRGLVDGIPEEDWQEVEVIGWLYQFYISEKKDAVIGKVVKSEDIP
AATQLFTPNWIVQYLVQNSVGRQWLQTYPDSPLKGKMDYYIEPAEQTPEVQAQLAAITPASIEPESIKVLDPACGSGHIL
IEVYNVLKNIYEERGYRARDIPQLILENNIFGLDIDDRAAQLSGFALLMMARQDDRRIFTRDVRLNIVSLQESLHLDIAK
LWQQLNFHQQNQTGSMGDMFAENTALAHTDSAEYQLLMRTLKRFVNAKTLGSLIQVPQEEEAELKAFLEALYRMEQEGDF
QQKAAAKAFIPYIQQAWILAQRYDAVVANPPYMGGKGMNSELKEFAKNNFPDSKADLFAMFMQNAFSLLKENGFNAQVNM
QSWMFLSSYEALRNWLLDNKTFITMAHLGARAFGQISGEVVQTTAWVIKNQHSERYQPVFFRLIDGREEVKKSDLLLRKN
IFDKFTQHDFKNIPGMPIAYWIDLPSLLSFRHHKKLGEKIALKAGMSTGDNIKFQRYWYEVSIKKTLITNKESNTKIDIH
NIKWFPCSSGGEYRKWYGNNEIVVNWENNGYEIRNFKFENGKTRSAVRNDEYYFREGITWSKISQGNFCVRYRPKGFVFD
DTGRCGFSNNKNELLYAAGLMCTPVVNHYLSILAPTLSFTSGELASVPYPEIEDEIIELVTNAIEIAKNDWDSQEQSWDY
VCSPLLEHNSTQLLRNIYKQKINTNIKLVETLLLIENTINNIFIDKLQLDKTIIKAVLQSEITLLCNPNYRYKNIQDHTD
LTNKYYTDITIDILSYIIGCMMGRYSLDREGLVYAHEGNKGFAELVAEDAYKTFPADNDGILPLMDDEWFDDDVTSRVKE
FVRTVWGEEHLQENLEFIAESLCLYAIKPKKGESALDTIRRYLSTQFWKDHMKMYKKRPIYWLFSSGKEKAFECLVYLHR
YNDATLARMRTEYVVPLLARYQANIDRLNEQVDGASGGEATRLKRERDSLSKKFNELRSFDDRLRHYADMRISIDLDDGV
KVNYGKFGDLLADVKAITGNAPEII
;
A
2 'polypeptide(L)'
;MAMSNMTYNNVFDHAYEMLKENIRYDDIRDTDDLHDAIHMAADNAVPHYYADIFSVMASEGIDLEFEDSGLMPDTKDVIR
ILQARIYEQLTIDLWEDAEDLLNEYLEEVEEYEEDEE
;
B
#
# COMPACT_ATOMS: atom_id res chain seq x y z
N MET A 1 16.76 21.02 -18.31
CA MET A 1 16.29 20.11 -19.35
C MET A 1 14.81 19.80 -19.15
N ASN A 2 14.02 19.93 -20.21
CA ASN A 2 12.59 19.66 -20.15
C ASN A 2 12.37 18.17 -20.35
N THR A 3 12.34 17.43 -19.23
CA THR A 3 12.01 16.01 -19.30
C THR A 3 10.61 15.79 -19.83
N ASN A 4 9.72 16.77 -19.67
CA ASN A 4 8.33 16.61 -20.11
C ASN A 4 8.27 16.28 -21.60
N ASN A 5 9.08 16.95 -22.42
CA ASN A 5 9.22 16.53 -23.81
C ASN A 5 9.68 15.09 -23.88
N ILE A 6 10.65 14.72 -23.03
CA ILE A 6 11.16 13.36 -23.01
C ILE A 6 10.13 12.41 -22.39
N LYS A 7 9.61 12.76 -21.22
CA LYS A 7 8.65 11.89 -20.55
C LYS A 7 7.44 11.60 -21.43
N LYS A 8 6.99 12.58 -22.21
CA LYS A 8 5.88 12.33 -23.11
C LYS A 8 6.31 11.52 -24.32
N TYR A 9 7.51 11.80 -24.84
CA TYR A 9 7.95 11.16 -26.07
C TYR A 9 8.43 9.74 -25.83
N ALA A 10 9.28 9.54 -24.81
CA ALA A 10 9.93 8.24 -24.65
C ALA A 10 8.97 7.08 -24.51
N PRO A 11 7.89 7.16 -23.73
CA PRO A 11 6.94 6.06 -23.69
C PRO A 11 6.21 5.88 -25.01
N GLN A 12 5.86 6.98 -25.68
CA GLN A 12 5.28 6.89 -27.02
C GLN A 12 6.32 6.49 -28.05
N ALA A 13 7.57 6.92 -27.86
CA ALA A 13 8.65 6.50 -28.76
C ALA A 13 8.93 5.00 -28.63
N ARG A 14 8.71 4.44 -27.44
CA ARG A 14 8.79 2.99 -27.28
C ARG A 14 7.80 2.28 -28.17
N ASN A 15 6.58 2.80 -28.26
CA ASN A 15 5.53 2.13 -29.02
C ASN A 15 5.62 2.46 -30.51
N GLN A 16 6.15 3.63 -30.86
CA GLN A 16 6.43 3.93 -32.26
C GLN A 16 7.44 2.95 -32.83
N PHE A 17 8.53 2.72 -32.09
CA PHE A 17 9.60 1.84 -32.57
C PHE A 17 9.15 0.39 -32.58
N ARG A 18 8.33 -0.02 -31.62
CA ARG A 18 7.87 -1.40 -31.58
C ARG A 18 6.96 -1.72 -32.75
N ASP A 19 5.92 -0.90 -32.94
CA ASP A 19 5.02 -1.12 -34.06
C ASP A 19 5.73 -0.98 -35.40
N ALA A 20 6.78 -0.15 -35.47
CA ALA A 20 7.58 -0.07 -36.68
C ALA A 20 8.42 -1.32 -36.90
N VAL A 21 8.74 -2.05 -35.83
CA VAL A 21 9.41 -3.33 -35.98
C VAL A 21 8.42 -4.45 -36.24
N ILE A 22 7.17 -4.30 -35.81
CA ILE A 22 6.17 -5.33 -36.06
C ILE A 22 5.75 -5.33 -37.52
N GLN A 23 5.60 -4.15 -38.12
CA GLN A 23 5.28 -4.08 -39.54
C GLN A 23 6.47 -4.37 -40.44
N LYS A 24 7.70 -4.35 -39.91
CA LYS A 24 8.83 -4.88 -40.68
C LYS A 24 8.96 -6.39 -40.52
N LEU A 25 8.33 -6.97 -39.50
CA LEU A 25 8.38 -8.41 -39.31
C LEU A 25 7.31 -9.11 -40.14
N THR A 26 6.18 -8.46 -40.40
CA THR A 26 5.11 -9.10 -41.18
C THR A 26 5.60 -9.43 -42.58
N THR A 27 6.40 -8.56 -43.18
CA THR A 27 7.00 -8.85 -44.48
C THR A 27 8.15 -9.84 -44.35
N LEU A 28 8.91 -9.74 -43.26
CA LEU A 28 9.96 -10.71 -42.98
C LEU A 28 9.40 -12.11 -42.76
N GLY A 29 8.10 -12.25 -42.59
CA GLY A 29 7.47 -13.54 -42.41
C GLY A 29 7.29 -14.00 -40.98
N ILE A 30 7.45 -13.09 -40.03
CA ILE A 30 7.47 -13.43 -38.60
C ILE A 30 6.34 -12.66 -37.92
N SER A 31 5.41 -13.40 -37.32
CA SER A 31 4.28 -12.80 -36.62
C SER A 31 3.91 -13.72 -35.45
N ALA A 32 2.77 -13.45 -34.85
CA ALA A 32 2.31 -14.21 -33.69
C ALA A 32 0.80 -14.10 -33.58
N ASP A 33 0.18 -15.10 -32.95
CA ASP A 33 -1.26 -15.07 -32.75
C ASP A 33 -1.64 -13.88 -31.87
N LYS A 34 -2.95 -13.63 -31.79
CA LYS A 34 -3.47 -12.52 -31.00
C LYS A 34 -2.85 -12.55 -29.60
N LYS A 35 -2.54 -13.74 -29.11
CA LYS A 35 -1.93 -13.93 -27.80
C LYS A 35 -0.42 -13.94 -27.89
N GLY A 36 0.14 -14.79 -28.76
CA GLY A 36 1.57 -14.87 -28.96
C GLY A 36 2.07 -16.25 -29.34
N ASN A 37 2.19 -16.52 -30.65
CA ASN A 37 2.73 -17.78 -31.13
C ASN A 37 3.43 -17.54 -32.46
N LEU A 38 4.67 -18.00 -32.56
CA LEU A 38 5.54 -17.71 -33.69
C LEU A 38 5.06 -18.44 -34.95
N GLN A 39 5.58 -18.00 -36.11
CA GLN A 39 5.16 -18.58 -37.40
C GLN A 39 6.27 -18.37 -38.43
N ILE A 40 6.43 -19.30 -39.37
CA ILE A 40 7.41 -19.13 -40.48
C ILE A 40 6.73 -19.71 -41.72
N ALA A 41 7.43 -19.77 -42.85
CA ALA A 41 6.86 -20.37 -44.08
C ALA A 41 7.97 -20.82 -45.02
N ASP A 42 8.96 -21.58 -44.52
CA ASP A 42 10.12 -21.92 -45.38
C ASP A 42 10.45 -20.64 -46.15
N ALA A 43 10.67 -20.72 -47.46
CA ALA A 43 10.81 -19.48 -48.22
C ALA A 43 10.76 -19.84 -49.70
N GLU A 44 10.22 -18.93 -50.52
CA GLU A 44 9.99 -19.22 -51.93
C GLU A 44 11.30 -18.91 -52.65
N LEU A 45 11.71 -19.82 -53.53
CA LEU A 45 12.97 -19.72 -54.26
C LEU A 45 12.66 -19.38 -55.72
N VAL A 46 12.71 -18.10 -56.05
CA VAL A 46 12.47 -17.63 -57.42
C VAL A 46 13.80 -17.35 -58.09
N GLY A 47 14.46 -18.43 -58.53
CA GLY A 47 15.81 -18.28 -59.12
C GLY A 47 16.78 -17.81 -58.06
N GLU A 48 16.72 -16.53 -57.72
CA GLU A 48 17.60 -15.97 -56.67
C GLU A 48 16.83 -14.88 -55.96
N THR A 49 15.52 -15.08 -55.79
CA THR A 49 14.68 -14.09 -55.08
C THR A 49 13.82 -14.81 -54.05
N MET A 50 13.92 -14.43 -52.77
CA MET A 50 13.03 -15.06 -51.80
C MET A 50 11.88 -14.12 -51.48
N ARG A 51 10.65 -14.56 -51.78
CA ARG A 51 9.47 -13.79 -51.43
C ARG A 51 8.87 -14.45 -50.20
N TYR A 52 9.01 -13.79 -49.04
CA TYR A 52 8.59 -14.40 -47.79
C TYR A 52 7.08 -14.35 -47.60
N GLY A 53 6.51 -13.14 -47.59
CA GLY A 53 5.08 -12.95 -47.45
C GLY A 53 4.25 -13.38 -48.65
N ASP A 56 9.42 -10.64 -50.31
CA ASP A 56 10.15 -9.98 -51.39
C ASP A 56 11.52 -9.49 -50.91
N TYR A 57 12.55 -10.32 -51.04
CA TYR A 57 13.88 -9.93 -50.60
C TYR A 57 14.92 -10.70 -51.40
N PRO A 58 16.13 -10.15 -51.56
CA PRO A 58 17.19 -10.89 -52.27
C PRO A 58 17.44 -12.26 -51.66
N LYS A 59 18.25 -13.06 -52.34
CA LYS A 59 18.54 -14.41 -51.86
C LYS A 59 19.68 -14.45 -50.87
N SER A 60 20.62 -13.51 -50.96
CA SER A 60 21.71 -13.44 -50.00
C SER A 60 21.26 -12.95 -48.63
N THR A 61 20.05 -12.40 -48.53
CA THR A 61 19.47 -12.02 -47.25
C THR A 61 18.62 -13.13 -46.64
N LEU A 62 18.91 -14.38 -47.00
CA LEU A 62 18.17 -15.54 -46.50
C LEU A 62 18.90 -16.25 -45.36
N THR A 63 20.22 -16.38 -45.44
CA THR A 63 20.98 -16.94 -44.32
C THR A 63 20.94 -16.01 -43.11
N ARG A 64 20.93 -14.70 -43.36
CA ARG A 64 20.75 -13.69 -42.32
C ARG A 64 19.30 -13.53 -41.91
N ARG A 65 18.36 -14.12 -42.65
CA ARG A 65 16.98 -14.22 -42.20
C ARG A 65 16.74 -15.43 -41.31
N ASP A 66 17.48 -16.51 -41.54
CA ASP A 66 17.30 -17.74 -40.78
C ASP A 66 18.16 -17.78 -39.52
N ARG A 67 18.96 -16.74 -39.28
CA ARG A 67 19.53 -16.50 -37.95
C ARG A 67 18.59 -15.68 -37.09
N LEU A 68 17.52 -15.14 -37.67
CA LEU A 68 16.45 -14.46 -36.96
C LEU A 68 15.28 -15.40 -36.65
N VAL A 69 14.96 -16.30 -37.58
CA VAL A 69 14.02 -17.37 -37.29
C VAL A 69 14.53 -18.23 -36.16
N LYS A 70 15.86 -18.42 -36.08
CA LYS A 70 16.47 -19.03 -34.91
C LYS A 70 16.07 -18.29 -33.63
N ARG A 71 16.44 -17.02 -33.54
CA ARG A 71 16.35 -16.29 -32.29
C ARG A 71 14.91 -16.23 -31.78
N ALA A 72 13.94 -16.13 -32.68
CA ALA A 72 12.55 -16.04 -32.26
C ALA A 72 12.09 -17.33 -31.58
N ARG A 73 12.43 -18.47 -32.17
CA ARG A 73 11.93 -19.75 -31.61
C ARG A 73 12.41 -19.89 -30.16
N GLU A 74 13.56 -19.31 -29.82
CA GLU A 74 14.13 -19.51 -28.50
C GLU A 74 13.92 -18.31 -27.58
N GLN A 75 13.22 -17.27 -28.03
CA GLN A 75 13.19 -16.02 -27.27
C GLN A 75 11.77 -15.46 -27.20
N GLY A 76 11.12 -15.27 -28.35
CA GLY A 76 9.73 -14.85 -28.32
C GLY A 76 9.42 -13.62 -29.14
N PHE A 77 8.16 -13.48 -29.55
CA PHE A 77 7.77 -12.40 -30.45
C PHE A 77 7.66 -11.08 -29.71
N ASP A 78 6.97 -11.06 -28.56
CA ASP A 78 6.90 -9.85 -27.76
C ASP A 78 8.22 -9.54 -27.07
N VAL A 79 9.17 -10.48 -27.07
CA VAL A 79 10.47 -10.26 -26.44
C VAL A 79 11.44 -9.62 -27.41
N LEU A 80 11.39 -10.00 -28.68
CA LEU A 80 12.35 -9.48 -29.65
C LEU A 80 11.99 -8.07 -30.09
N VAL A 81 10.70 -7.80 -30.26
CA VAL A 81 10.26 -6.44 -30.59
C VAL A 81 10.76 -5.46 -29.52
N GLU A 82 10.54 -5.79 -28.26
CA GLU A 82 10.90 -4.89 -27.17
C GLU A 82 12.41 -4.65 -27.12
N HIS A 83 13.20 -5.66 -27.46
CA HIS A 83 14.65 -5.52 -27.44
C HIS A 83 15.14 -4.75 -28.66
N CYS A 84 14.64 -5.11 -29.85
CA CYS A 84 15.15 -4.52 -31.09
C CYS A 84 14.57 -3.13 -31.35
N ALA A 85 13.36 -2.84 -30.87
CA ALA A 85 12.86 -1.47 -30.94
C ALA A 85 13.60 -0.59 -29.93
N TYR A 86 14.06 -1.18 -28.83
CA TYR A 86 14.89 -0.49 -27.85
C TYR A 86 16.28 -0.23 -28.41
N THR A 87 16.87 -1.24 -29.07
CA THR A 87 18.26 -1.15 -29.50
C THR A 87 18.44 -0.18 -30.66
N TRP A 88 17.50 -0.17 -31.62
CA TRP A 88 17.59 0.81 -32.69
C TRP A 88 17.25 2.21 -32.19
N PHE A 89 16.23 2.33 -31.34
CA PHE A 89 15.98 3.61 -30.66
C PHE A 89 17.22 4.06 -29.91
N ASN A 90 18.01 3.11 -29.38
CA ASN A 90 19.26 3.44 -28.72
C ASN A 90 20.31 3.87 -29.74
N ARG A 91 20.45 3.10 -30.83
CA ARG A 91 21.42 3.43 -31.86
C ARG A 91 21.16 4.81 -32.47
N LEU A 92 19.89 5.21 -32.54
CA LEU A 92 19.57 6.51 -33.16
C LEU A 92 19.75 7.65 -32.17
N CYS A 93 19.25 7.49 -30.94
CA CYS A 93 19.48 8.52 -29.93
C CYS A 93 20.97 8.79 -29.73
N ALA A 94 21.82 7.77 -29.92
CA ALA A 94 23.26 7.98 -29.83
C ALA A 94 23.78 8.75 -31.03
N ILE A 95 23.19 8.55 -32.22
CA ILE A 95 23.54 9.37 -33.37
C ILE A 95 22.97 10.77 -33.22
N ARG A 96 21.73 10.87 -32.72
CA ARG A 96 21.16 12.18 -32.41
C ARG A 96 22.04 12.93 -31.43
N TYR A 97 22.61 12.22 -30.46
CA TYR A 97 23.48 12.84 -29.47
C TYR A 97 24.85 13.19 -30.07
N MET A 98 25.34 12.40 -31.02
CA MET A 98 26.67 12.60 -31.55
C MET A 98 26.73 13.59 -32.71
N GLU A 99 25.60 13.90 -33.34
CA GLU A 99 25.59 14.95 -34.36
C GLU A 99 25.37 16.32 -33.74
N ILE A 100 24.79 16.39 -32.55
CA ILE A 100 24.65 17.66 -31.86
C ILE A 100 25.95 18.06 -31.16
N HIS A 101 26.74 17.08 -30.73
CA HIS A 101 28.07 17.34 -30.18
C HIS A 101 29.16 17.20 -31.22
N GLY A 102 28.81 17.15 -32.50
CA GLY A 102 29.79 17.14 -33.58
C GLY A 102 30.89 16.11 -33.41
N TYR A 103 30.57 14.97 -32.80
CA TYR A 103 31.55 13.91 -32.63
C TYR A 103 31.78 13.11 -33.90
N LEU A 104 30.93 13.29 -34.91
CA LEU A 104 31.13 12.62 -36.19
C LEU A 104 32.35 13.20 -36.90
N ASP A 105 33.17 12.31 -37.48
CA ASP A 105 34.36 12.77 -38.20
C ASP A 105 34.00 13.53 -39.46
N HIS A 106 32.83 13.25 -40.05
CA HIS A 106 32.38 14.00 -41.22
C HIS A 106 31.64 15.29 -40.85
N GLY A 107 31.18 15.41 -39.60
CA GLY A 107 30.76 16.67 -39.05
C GLY A 107 29.43 17.21 -39.51
N PHE A 108 28.74 16.54 -40.42
CA PHE A 108 27.43 16.99 -40.86
C PHE A 108 26.33 16.40 -40.00
N HIS A 109 25.28 17.17 -39.78
CA HIS A 109 24.12 16.65 -39.08
C HIS A 109 23.58 15.42 -39.79
N MET A 110 23.28 14.37 -39.02
CA MET A 110 23.00 13.05 -39.55
C MET A 110 21.52 12.69 -39.53
N LEU A 111 20.70 13.38 -38.74
CA LEU A 111 19.28 13.09 -38.63
C LEU A 111 18.38 14.29 -38.88
N SER A 112 18.90 15.51 -38.82
CA SER A 112 18.10 16.72 -39.00
C SER A 112 18.87 17.66 -39.90
N HIS A 113 18.37 18.88 -40.03
CA HIS A 113 18.99 19.90 -40.85
C HIS A 113 19.02 21.20 -40.05
N PRO A 114 20.20 21.75 -39.76
CA PRO A 114 20.24 22.97 -38.91
C PRO A 114 19.33 24.08 -39.39
N ASP A 115 19.29 24.34 -40.70
CA ASP A 115 18.53 25.44 -41.27
C ASP A 115 17.21 24.98 -41.89
N ASN A 116 16.63 23.88 -41.38
CA ASN A 116 15.40 23.34 -41.95
C ASN A 116 14.71 22.44 -40.94
N PRO A 117 13.57 22.86 -40.37
CA PRO A 117 12.89 22.03 -39.36
C PRO A 117 12.35 20.71 -39.86
N THR A 118 12.35 20.45 -41.18
CA THR A 118 11.74 19.23 -41.72
C THR A 118 12.64 18.45 -42.67
N GLY A 119 13.90 18.87 -42.86
CA GLY A 119 14.78 18.24 -43.81
C GLY A 119 15.85 17.38 -43.14
N PHE A 120 16.78 16.90 -43.97
CA PHE A 120 17.89 16.08 -43.52
C PHE A 120 19.14 16.56 -44.23
N GLU A 121 20.19 16.88 -43.47
CA GLU A 121 21.35 17.54 -44.05
C GLU A 121 22.20 16.58 -44.89
N VAL A 122 22.21 15.29 -44.56
CA VAL A 122 22.93 14.33 -45.38
C VAL A 122 22.29 14.12 -46.74
N LEU A 123 21.07 14.64 -46.95
CA LEU A 123 20.46 14.62 -48.27
C LEU A 123 21.12 15.64 -49.19
N ASP A 124 21.50 16.79 -48.65
CA ASP A 124 22.05 17.87 -49.44
C ASP A 124 23.52 17.62 -49.77
N HIS A 125 24.26 17.03 -48.83
CA HIS A 125 25.66 16.74 -49.07
C HIS A 125 25.85 15.24 -49.25
N VAL A 126 25.22 14.67 -50.27
CA VAL A 126 25.34 13.24 -50.52
C VAL A 126 26.78 12.83 -50.77
N PRO A 127 27.56 13.55 -51.59
CA PRO A 127 28.94 13.11 -51.84
C PRO A 127 29.87 13.28 -50.65
N GLU A 128 29.74 14.36 -49.88
CA GLU A 128 30.58 14.53 -48.69
C GLU A 128 30.32 13.40 -47.69
N VAL A 129 29.06 13.13 -47.39
CA VAL A 129 28.73 12.09 -46.43
C VAL A 129 29.20 10.73 -46.91
N ALA A 130 29.20 10.50 -48.23
CA ALA A 130 29.67 9.22 -48.76
C ALA A 130 31.18 9.17 -48.85
N GLU A 131 31.82 10.30 -49.15
CA GLU A 131 33.27 10.33 -49.25
C GLU A 131 33.92 9.82 -47.97
N ALA A 132 33.37 10.16 -46.81
CA ALA A 132 33.92 9.72 -45.54
C ALA A 132 33.57 8.28 -45.22
N LEU A 133 32.40 7.81 -45.65
CA LEU A 133 31.87 6.50 -45.26
C LEU A 133 32.01 5.45 -46.35
N LEU A 134 31.56 5.75 -47.58
CA LEU A 134 31.53 4.78 -48.68
C LEU A 134 32.36 5.32 -49.84
N PRO A 135 33.69 5.25 -49.74
CA PRO A 135 34.52 5.86 -50.80
C PRO A 135 34.38 5.19 -52.15
N GLU A 136 34.21 3.86 -52.19
CA GLU A 136 34.08 3.17 -53.47
C GLU A 136 32.67 3.27 -54.05
N LYS A 137 31.68 3.59 -53.21
CA LYS A 137 30.29 3.66 -53.65
C LYS A 137 29.82 5.08 -53.92
N LYS A 138 30.76 6.01 -54.14
CA LYS A 138 30.38 7.40 -54.38
C LYS A 138 29.72 7.56 -55.74
N ALA A 139 30.40 7.13 -56.81
CA ALA A 139 29.88 7.30 -58.16
C ALA A 139 28.50 6.66 -58.34
N GLN A 140 28.16 5.67 -57.52
CA GLN A 140 26.85 5.06 -57.56
C GLN A 140 25.84 5.84 -56.71
N LEU A 141 26.24 6.29 -55.53
CA LEU A 141 25.39 7.17 -54.74
C LEU A 141 25.20 8.52 -55.42
N VAL A 142 26.24 8.99 -56.12
CA VAL A 142 26.15 10.27 -56.82
C VAL A 142 25.13 10.20 -57.96
N GLU A 143 24.99 9.03 -58.59
CA GLU A 143 24.05 8.89 -59.71
C GLU A 143 22.63 8.65 -59.25
N MET A 144 22.43 8.30 -57.98
CA MET A 144 21.07 8.13 -57.45
C MET A 144 20.43 9.47 -57.15
N LYS A 145 21.08 10.28 -56.31
CA LYS A 145 20.59 11.61 -56.01
C LYS A 145 20.45 12.48 -57.25
N LEU A 146 21.02 12.06 -58.37
CA LEU A 146 20.86 12.75 -59.65
C LEU A 146 19.63 12.30 -60.41
N SER A 147 18.90 11.29 -59.90
CA SER A 147 17.59 10.97 -60.45
C SER A 147 16.47 11.71 -59.71
N GLY A 148 16.67 12.03 -58.43
CA GLY A 148 15.83 12.97 -57.73
C GLY A 148 14.59 12.41 -57.07
N ASN A 149 14.38 11.09 -57.10
CA ASN A 149 13.15 10.50 -56.58
C ASN A 149 13.36 9.36 -55.60
N GLN A 150 14.60 9.02 -55.24
CA GLN A 150 14.90 7.89 -54.37
C GLN A 150 15.53 8.34 -53.05
N ASP A 151 15.05 9.43 -52.48
CA ASP A 151 15.69 9.97 -51.29
C ASP A 151 15.56 9.06 -50.08
N GLU A 152 14.53 8.21 -50.03
CA GLU A 152 14.41 7.26 -48.94
C GLU A 152 15.44 6.14 -49.04
N ALA A 153 15.81 5.75 -50.26
CA ALA A 153 16.82 4.71 -50.45
C ALA A 153 18.23 5.20 -50.18
N ILE A 154 18.49 6.50 -50.36
CA ILE A 154 19.83 7.05 -50.14
C ILE A 154 20.08 7.26 -48.65
N TYR A 155 19.13 7.90 -47.97
CA TYR A 155 19.28 8.17 -46.53
C TYR A 155 19.58 6.90 -45.75
N ARG A 156 19.15 5.74 -46.27
CA ARG A 156 19.34 4.48 -45.58
C ARG A 156 20.75 3.93 -45.79
N GLU A 157 21.29 4.07 -47.01
CA GLU A 157 22.63 3.57 -47.29
C GLU A 157 23.68 4.29 -46.44
N LEU A 158 23.47 5.57 -46.16
CA LEU A 158 24.42 6.35 -45.36
C LEU A 158 24.32 6.01 -43.89
N LEU A 159 23.11 6.05 -43.33
CA LEU A 159 22.92 5.83 -41.91
C LEU A 159 23.52 4.49 -41.48
N LEU A 160 23.38 3.47 -42.32
CA LEU A 160 24.02 2.18 -42.03
C LEU A 160 25.54 2.26 -42.17
N ALA A 161 26.02 2.96 -43.20
CA ALA A 161 27.46 3.19 -43.33
C ALA A 161 28.03 3.98 -42.17
N GLN A 162 27.20 4.76 -41.48
CA GLN A 162 27.63 5.43 -40.26
C GLN A 162 27.73 4.44 -39.11
N CYS A 163 26.79 3.50 -39.02
CA CYS A 163 26.76 2.56 -37.89
C CYS A 163 27.83 1.50 -38.01
N HIS A 164 28.07 0.97 -39.22
CA HIS A 164 29.22 0.09 -39.40
C HIS A 164 30.50 0.81 -38.98
N ALA A 165 30.59 2.12 -39.27
CA ALA A 165 31.77 2.88 -38.89
C ALA A 165 31.92 2.96 -37.38
N LEU A 166 30.81 2.92 -36.64
CA LEU A 166 30.81 3.00 -35.20
C LEU A 166 30.97 1.63 -34.53
N HIS A 167 31.11 0.56 -35.31
CA HIS A 167 31.25 -0.78 -34.76
C HIS A 167 32.61 -1.02 -34.13
N ARG A 168 33.62 -0.22 -34.49
CA ARG A 168 34.97 -0.45 -33.99
C ARG A 168 35.14 0.05 -32.55
N ALA A 169 34.62 1.24 -32.25
CA ALA A 169 34.84 1.86 -30.95
C ALA A 169 33.72 1.63 -29.95
N MET A 170 32.52 1.29 -30.41
CA MET A 170 31.37 1.06 -29.53
C MET A 170 30.71 -0.24 -29.94
N PRO A 171 31.40 -1.38 -29.78
CA PRO A 171 30.88 -2.64 -30.32
C PRO A 171 29.63 -3.13 -29.59
N PHE A 172 29.35 -2.63 -28.38
CA PHE A 172 28.18 -3.08 -27.63
C PHE A 172 26.87 -2.55 -28.21
N LEU A 173 26.93 -1.55 -29.08
CA LEU A 173 25.74 -0.91 -29.62
C LEU A 173 25.67 -0.93 -31.13
N PHE A 174 26.79 -0.81 -31.82
CA PHE A 174 26.82 -0.76 -33.29
C PHE A 174 27.65 -1.94 -33.78
N GLU A 175 26.98 -2.92 -34.40
CA GLU A 175 27.67 -4.06 -34.98
C GLU A 175 27.68 -4.00 -36.51
N ALA A 176 28.64 -4.72 -37.10
CA ALA A 176 28.89 -4.66 -38.54
C ALA A 176 28.25 -5.67 -39.49
N VAL A 177 28.36 -6.96 -39.18
CA VAL A 177 27.76 -7.99 -40.02
C VAL A 177 26.61 -8.34 -39.09
N ASP A 178 25.92 -7.32 -38.57
CA ASP A 178 24.73 -7.47 -37.74
C ASP A 178 23.62 -7.44 -38.79
N ASP A 179 23.65 -8.41 -39.70
CA ASP A 179 22.73 -8.49 -40.84
C ASP A 179 21.30 -8.54 -40.31
N GLU A 180 21.05 -9.36 -39.27
CA GLU A 180 19.72 -9.46 -38.69
C GLU A 180 19.16 -8.09 -38.34
N ALA A 181 20.00 -7.22 -37.78
CA ALA A 181 19.54 -5.90 -37.35
C ALA A 181 19.10 -5.06 -38.55
N GLU A 182 19.99 -4.87 -39.52
CA GLU A 182 19.71 -3.99 -40.66
C GLU A 182 18.39 -4.31 -41.35
N LEU A 183 17.80 -5.47 -41.09
CA LEU A 183 16.55 -5.87 -41.72
C LEU A 183 15.32 -5.34 -40.99
N LEU A 184 15.47 -4.94 -39.74
CA LEU A 184 14.38 -4.37 -38.96
C LEU A 184 14.41 -2.85 -38.92
N LEU A 185 15.41 -2.24 -39.53
CA LEU A 185 15.41 -0.80 -39.76
C LEU A 185 14.18 -0.41 -40.57
N PRO A 186 13.28 0.41 -40.04
CA PRO A 186 12.06 0.75 -40.79
C PRO A 186 12.36 1.57 -42.03
N ASP A 187 11.37 1.61 -42.92
CA ASP A 187 11.39 2.50 -44.06
C ASP A 187 10.70 3.81 -43.66
N ASN A 188 10.41 4.67 -44.63
CA ASN A 188 9.68 5.91 -44.38
C ASN A 188 10.38 6.75 -43.33
N LEU A 189 11.70 6.88 -43.47
CA LEU A 189 12.49 7.73 -42.59
C LEU A 189 12.53 9.18 -43.04
N THR A 190 12.09 9.47 -44.26
CA THR A 190 12.12 10.82 -44.80
C THR A 190 10.74 11.43 -44.99
N ARG A 191 9.69 10.73 -44.57
CA ARG A 191 8.34 11.27 -44.65
C ARG A 191 8.10 12.25 -43.52
N THR A 192 7.05 13.06 -43.66
CA THR A 192 6.63 13.95 -42.59
C THR A 192 6.13 13.19 -41.37
N ASP A 193 5.90 11.88 -41.50
CA ASP A 193 5.44 11.04 -40.39
C ASP A 193 6.43 9.94 -40.04
N SER A 194 7.71 10.12 -40.38
CA SER A 194 8.72 9.16 -39.97
C SER A 194 8.86 9.17 -38.45
N ILE A 195 9.22 8.01 -37.89
CA ILE A 195 9.49 7.94 -36.45
C ILE A 195 10.59 8.94 -36.08
N LEU A 196 11.45 9.29 -37.03
CA LEU A 196 12.60 10.13 -36.73
C LEU A 196 12.19 11.54 -36.32
N ARG A 197 11.17 12.10 -36.98
CA ARG A 197 10.75 13.47 -36.68
C ARG A 197 10.42 13.63 -35.20
N GLY A 198 9.70 12.68 -34.63
CA GLY A 198 9.41 12.74 -33.21
C GLY A 198 10.65 12.82 -32.34
N LEU A 199 11.74 12.18 -32.76
CA LEU A 199 12.97 12.22 -31.98
C LEU A 199 13.63 13.59 -32.03
N VAL A 200 13.49 14.29 -33.16
CA VAL A 200 13.97 15.66 -33.28
C VAL A 200 12.93 16.65 -32.77
N ASP A 201 11.66 16.39 -33.05
CA ASP A 201 10.57 17.31 -32.73
C ASP A 201 10.06 17.13 -31.30
N GLY A 202 10.17 15.94 -30.74
CA GLY A 202 9.75 15.67 -29.38
C GLY A 202 10.76 16.00 -28.30
N ILE A 203 12.02 16.22 -28.69
CA ILE A 203 13.07 16.55 -27.74
C ILE A 203 13.85 17.75 -28.25
N PRO A 204 13.62 18.94 -27.69
CA PRO A 204 14.44 20.10 -28.06
C PRO A 204 15.92 19.80 -27.93
N GLU A 205 16.74 20.48 -28.75
CA GLU A 205 18.16 20.22 -28.75
C GLU A 205 18.81 20.54 -27.41
N GLU A 206 18.23 21.46 -26.64
CA GLU A 206 18.76 21.75 -25.31
C GLU A 206 18.75 20.50 -24.44
N ASP A 207 17.66 19.73 -24.53
CA ASP A 207 17.53 18.51 -23.75
C ASP A 207 18.65 17.52 -24.05
N TRP A 208 19.39 17.73 -25.14
CA TRP A 208 20.42 16.81 -25.58
C TRP A 208 21.80 17.18 -25.07
N GLN A 209 21.96 18.35 -24.46
CA GLN A 209 23.28 18.85 -24.06
C GLN A 209 23.97 17.90 -23.10
N GLU A 210 23.47 17.79 -21.88
CA GLU A 210 24.08 16.95 -20.87
C GLU A 210 23.94 15.47 -21.25
N VAL A 211 24.45 14.60 -20.38
CA VAL A 211 24.47 13.16 -20.65
C VAL A 211 23.31 12.47 -19.92
N GLU A 212 22.93 13.00 -18.76
CA GLU A 212 21.87 12.36 -17.97
C GLU A 212 20.62 12.12 -18.80
N VAL A 213 20.42 12.93 -19.85
CA VAL A 213 19.36 12.71 -20.82
C VAL A 213 19.34 11.23 -21.18
N ILE A 214 20.53 10.63 -21.33
CA ILE A 214 20.61 9.19 -21.53
C ILE A 214 19.85 8.46 -20.44
N GLY A 215 19.98 8.92 -19.20
CA GLY A 215 19.24 8.30 -18.10
C GLY A 215 17.75 8.59 -18.17
N TRP A 216 17.37 9.74 -18.71
CA TRP A 216 15.95 10.08 -18.80
C TRP A 216 15.29 9.36 -19.96
N LEU A 217 15.96 9.31 -21.12
CA LEU A 217 15.60 8.34 -22.13
C LEU A 217 15.49 6.95 -21.50
N TYR A 218 16.49 6.57 -20.74
CA TYR A 218 16.55 5.25 -20.13
C TYR A 218 15.30 4.96 -19.30
N GLN A 219 14.96 5.87 -18.38
CA GLN A 219 13.82 5.62 -17.50
C GLN A 219 12.50 5.75 -18.24
N PHE A 220 12.30 6.86 -18.96
CA PHE A 220 10.99 7.14 -19.53
C PHE A 220 10.62 6.15 -20.64
N TYR A 221 11.60 5.70 -21.43
CA TYR A 221 11.31 4.71 -22.46
C TYR A 221 10.53 3.54 -21.88
N ILE A 222 11.07 2.92 -20.82
CA ILE A 222 10.46 1.75 -20.22
C ILE A 222 9.33 2.09 -19.27
N SER A 223 9.01 3.38 -19.14
CA SER A 223 8.03 3.80 -18.13
C SER A 223 6.70 3.10 -18.31
N GLU A 224 6.23 2.97 -19.56
CA GLU A 224 4.87 2.48 -19.80
C GLU A 224 4.73 1.01 -19.40
N LYS A 225 5.67 0.17 -19.83
CA LYS A 225 5.57 -1.26 -19.53
C LYS A 225 5.68 -1.56 -18.04
N LYS A 226 6.07 -0.57 -17.23
CA LYS A 226 6.22 -0.82 -15.80
C LYS A 226 4.87 -1.01 -15.12
N ASP A 227 3.96 -0.07 -15.32
CA ASP A 227 2.68 -0.10 -14.59
C ASP A 227 1.85 -1.33 -14.90
N ALA A 228 2.12 -2.00 -16.03
CA ALA A 228 1.41 -3.24 -16.33
C ALA A 228 1.99 -4.42 -15.57
N VAL A 229 3.30 -4.42 -15.35
CA VAL A 229 3.99 -5.56 -14.77
C VAL A 229 4.04 -5.46 -13.25
N ILE A 230 3.21 -4.59 -12.67
CA ILE A 230 3.18 -4.39 -11.23
C ILE A 230 1.97 -5.12 -10.65
N GLY A 231 2.12 -5.56 -9.41
CA GLY A 231 1.09 -6.34 -8.74
C GLY A 231 1.19 -7.83 -8.96
N LYS A 232 1.32 -8.25 -10.21
CA LYS A 232 1.52 -9.64 -10.56
C LYS A 232 2.94 -10.07 -10.23
N VAL A 233 3.25 -11.34 -10.48
CA VAL A 233 4.63 -11.78 -10.53
C VAL A 233 5.26 -11.23 -11.80
N VAL A 234 6.53 -10.85 -11.71
CA VAL A 234 7.22 -10.28 -12.85
C VAL A 234 7.95 -11.39 -13.59
N LYS A 235 7.69 -11.49 -14.89
CA LYS A 235 8.37 -12.47 -15.71
C LYS A 235 9.88 -12.17 -15.74
N SER A 236 10.66 -13.20 -16.09
CA SER A 236 12.11 -13.02 -16.22
C SER A 236 12.46 -11.99 -17.29
N GLU A 237 11.59 -11.80 -18.26
CA GLU A 237 11.78 -10.84 -19.35
C GLU A 237 11.26 -9.45 -19.01
N ASP A 238 10.43 -9.32 -17.98
CA ASP A 238 9.83 -8.04 -17.59
C ASP A 238 10.46 -7.46 -16.32
N ILE A 239 11.46 -8.13 -15.75
CA ILE A 239 12.13 -7.62 -14.56
C ILE A 239 12.67 -6.20 -14.77
N PRO A 240 13.53 -5.94 -15.75
CA PRO A 240 14.07 -4.57 -15.89
C PRO A 240 13.02 -3.49 -15.90
N ALA A 241 11.82 -3.78 -16.41
CA ALA A 241 10.74 -2.80 -16.40
C ALA A 241 10.22 -2.56 -14.99
N ALA A 242 9.94 -3.64 -14.27
CA ALA A 242 9.28 -3.53 -12.96
C ALA A 242 10.20 -2.98 -11.88
N THR A 243 11.49 -2.82 -12.15
CA THR A 243 12.43 -2.42 -11.11
C THR A 243 13.35 -1.27 -11.56
N GLN A 244 12.98 -0.56 -12.62
CA GLN A 244 13.85 0.46 -13.20
C GLN A 244 13.45 1.83 -12.69
N LEU A 245 14.38 2.49 -11.99
CA LEU A 245 14.18 3.86 -11.53
C LEU A 245 15.31 4.74 -12.05
N PHE A 246 15.51 5.89 -11.41
CA PHE A 246 16.66 6.75 -11.72
C PHE A 246 16.96 7.56 -10.47
N THR A 247 18.10 7.28 -9.85
CA THR A 247 18.43 7.85 -8.54
C THR A 247 18.86 9.30 -8.68
N PRO A 248 18.39 10.18 -7.79
CA PRO A 248 18.83 11.58 -7.80
C PRO A 248 20.35 11.68 -7.69
N ASN A 249 20.92 12.62 -8.43
CA ASN A 249 22.37 12.74 -8.50
C ASN A 249 22.99 12.86 -7.11
N TRP A 250 22.35 13.62 -6.22
CA TRP A 250 22.93 13.90 -4.92
C TRP A 250 23.04 12.65 -4.04
N ILE A 251 22.26 11.62 -4.32
CA ILE A 251 22.44 10.37 -3.58
C ILE A 251 23.63 9.60 -4.11
N VAL A 252 23.78 9.54 -5.44
CA VAL A 252 24.90 8.82 -6.03
C VAL A 252 26.23 9.42 -5.58
N GLN A 253 26.27 10.74 -5.46
CA GLN A 253 27.50 11.41 -5.02
C GLN A 253 27.85 10.99 -3.60
N TYR A 254 26.87 11.04 -2.69
CA TYR A 254 27.08 10.54 -1.34
C TYR A 254 27.64 9.13 -1.37
N LEU A 255 27.05 8.27 -2.22
CA LEU A 255 27.45 6.87 -2.24
C LEU A 255 28.89 6.72 -2.75
N VAL A 256 29.15 7.19 -3.97
CA VAL A 256 30.47 7.00 -4.56
C VAL A 256 31.55 7.72 -3.76
N GLN A 257 31.23 8.88 -3.19
CA GLN A 257 32.24 9.66 -2.48
C GLN A 257 32.50 9.12 -1.08
N ASN A 258 31.47 8.59 -0.41
CA ASN A 258 31.67 7.93 0.88
C ASN A 258 32.07 6.47 0.74
N SER A 259 32.45 6.04 -0.47
CA SER A 259 32.93 4.68 -0.67
C SER A 259 34.27 4.70 -1.42
N VAL A 260 34.23 5.12 -2.68
CA VAL A 260 35.47 5.17 -3.47
C VAL A 260 36.44 6.18 -2.87
N GLY A 261 36.01 7.44 -2.75
CA GLY A 261 36.88 8.47 -2.21
C GLY A 261 37.35 8.19 -0.80
N ARG A 262 36.65 7.34 -0.06
CA ARG A 262 37.04 7.09 1.33
C ARG A 262 38.34 6.29 1.41
N GLN A 263 38.52 5.30 0.52
CA GLN A 263 39.73 4.50 0.58
C GLN A 263 40.95 5.31 0.17
N TRP A 264 40.84 6.09 -0.91
CA TRP A 264 41.96 6.95 -1.31
C TRP A 264 42.27 7.95 -0.21
N LEU A 265 41.26 8.38 0.55
CA LEU A 265 41.49 9.30 1.65
C LEU A 265 42.14 8.60 2.84
N GLN A 266 41.73 7.36 3.12
CA GLN A 266 42.28 6.60 4.24
C GLN A 266 43.76 6.32 4.08
N THR A 267 44.27 6.29 2.85
CA THR A 267 45.69 6.06 2.59
C THR A 267 46.45 7.37 2.46
N TYR A 268 45.90 8.33 1.72
CA TYR A 268 46.50 9.65 1.59
C TYR A 268 45.59 10.66 2.28
N PRO A 269 45.62 10.73 3.61
CA PRO A 269 44.64 11.59 4.32
C PRO A 269 44.54 13.00 3.77
N ASP A 270 45.65 13.63 3.45
CA ASP A 270 45.55 15.04 3.00
C ASP A 270 45.25 15.06 1.49
N SER A 271 44.64 14.00 0.93
CA SER A 271 44.29 14.09 -0.51
C SER A 271 43.32 15.25 -0.68
N PRO A 272 43.56 16.30 -1.53
CA PRO A 272 42.55 17.33 -1.77
C PRO A 272 41.22 16.74 -2.28
N LEU A 273 41.17 15.46 -2.61
CA LEU A 273 39.91 14.90 -3.16
C LEU A 273 38.74 15.43 -2.32
N LYS A 274 38.89 15.40 -1.00
CA LYS A 274 37.80 15.85 -0.09
C LYS A 274 37.21 17.19 -0.55
N GLY A 275 37.99 17.99 -1.27
CA GLY A 275 37.53 19.31 -1.67
C GLY A 275 36.39 19.32 -2.66
N LYS A 276 36.29 18.28 -3.50
CA LYS A 276 35.19 18.16 -4.45
C LYS A 276 33.99 17.53 -3.76
N MET A 277 34.18 16.34 -3.18
CA MET A 277 33.14 15.58 -2.52
C MET A 277 32.62 16.69 -1.62
N ASP A 278 31.31 16.95 -1.66
CA ASP A 278 30.72 17.89 -0.71
C ASP A 278 29.88 16.92 0.12
N TYR A 279 29.60 15.73 -0.41
CA TYR A 279 28.80 14.74 0.29
C TYR A 279 29.66 13.73 1.02
N TYR A 280 30.95 14.00 1.18
CA TYR A 280 31.82 13.13 1.97
C TYR A 280 31.58 13.40 3.45
N ILE A 281 31.16 12.38 4.18
CA ILE A 281 30.98 12.50 5.62
C ILE A 281 32.32 12.32 6.31
N GLU A 282 32.53 13.06 7.40
CA GLU A 282 33.80 12.99 8.12
C GLU A 282 33.74 11.88 9.15
N PRO A 283 34.60 10.85 9.05
CA PRO A 283 34.64 9.82 10.09
C PRO A 283 34.59 10.40 11.49
N ALA A 284 33.56 10.04 12.24
CA ALA A 284 33.42 10.57 13.59
C ALA A 284 34.68 10.28 14.38
N GLU A 285 34.88 11.08 15.45
CA GLU A 285 36.06 10.93 16.29
C GLU A 285 35.92 9.44 16.59
N GLN A 286 36.95 8.66 16.25
CA GLN A 286 36.93 7.23 16.52
C GLN A 286 37.81 7.18 17.78
N THR A 287 37.70 6.08 18.51
CA THR A 287 38.56 5.87 19.65
C THR A 287 40.00 5.64 19.17
N PRO A 288 41.00 6.23 19.84
CA PRO A 288 42.39 6.04 19.39
C PRO A 288 42.82 4.58 19.29
N GLU A 289 42.03 3.64 19.80
CA GLU A 289 42.32 2.23 19.58
C GLU A 289 41.89 1.80 18.19
N VAL A 290 40.61 2.01 17.87
CA VAL A 290 40.13 1.74 16.52
C VAL A 290 40.90 2.58 15.51
N GLN A 291 41.11 3.84 15.83
CA GLN A 291 42.01 4.69 15.04
C GLN A 291 43.32 3.96 14.80
N ALA A 292 43.84 3.33 15.85
CA ALA A 292 45.07 2.56 15.74
C ALA A 292 44.86 1.22 15.05
N GLN A 293 43.64 0.69 15.11
CA GLN A 293 43.32 -0.53 14.36
C GLN A 293 43.28 -0.25 12.86
N LEU A 294 42.62 0.85 12.46
CA LEU A 294 42.41 1.13 11.05
C LEU A 294 43.72 1.45 10.32
N ALA A 295 44.66 2.11 11.00
CA ALA A 295 45.93 2.47 10.39
C ALA A 295 46.88 1.28 10.26
N ALA A 296 46.60 0.16 10.92
CA ALA A 296 47.40 -1.05 10.76
C ALA A 296 46.93 -1.92 9.60
N ILE A 297 45.82 -1.55 8.96
CA ILE A 297 45.26 -2.33 7.86
C ILE A 297 45.36 -1.57 6.55
N THR A 298 45.16 -0.26 6.59
CA THR A 298 45.20 0.54 5.38
C THR A 298 46.56 0.41 4.70
N PRO A 299 46.62 0.19 3.39
CA PRO A 299 47.92 0.18 2.72
C PRO A 299 48.53 1.57 2.73
N ALA A 300 49.85 1.62 2.78
CA ALA A 300 50.55 2.90 2.77
C ALA A 300 50.41 3.62 1.43
N SER A 301 50.13 2.88 0.35
CA SER A 301 50.02 3.48 -0.97
C SER A 301 49.01 2.70 -1.80
N ILE A 302 48.20 3.42 -2.58
CA ILE A 302 47.26 2.83 -3.52
C ILE A 302 47.56 3.39 -4.89
N GLU A 303 47.79 2.50 -5.86
CA GLU A 303 47.91 3.02 -7.20
C GLU A 303 46.51 3.32 -7.77
N PRO A 304 46.35 4.45 -8.47
CA PRO A 304 45.01 4.79 -8.99
C PRO A 304 44.45 3.72 -9.90
N GLU A 305 45.31 3.01 -10.64
CA GLU A 305 44.87 2.03 -11.60
C GLU A 305 44.90 0.61 -11.05
N SER A 306 45.01 0.45 -9.73
CA SER A 306 44.74 -0.82 -9.08
C SER A 306 43.38 -0.85 -8.39
N ILE A 307 42.79 0.32 -8.15
CA ILE A 307 41.45 0.39 -7.58
C ILE A 307 40.45 -0.17 -8.59
N LYS A 308 39.50 -0.95 -8.10
CA LYS A 308 38.54 -1.62 -8.97
C LYS A 308 37.16 -1.52 -8.35
N VAL A 309 36.22 -0.94 -9.10
CA VAL A 309 34.89 -0.61 -8.61
C VAL A 309 33.86 -1.36 -9.44
N LEU A 310 32.73 -1.69 -8.82
CA LEU A 310 31.73 -2.53 -9.48
C LEU A 310 30.31 -2.11 -9.09
N ASP A 311 29.52 -1.74 -10.09
CA ASP A 311 28.07 -1.57 -9.91
C ASP A 311 27.39 -2.80 -10.47
N PRO A 312 26.84 -3.69 -9.64
CA PRO A 312 26.16 -4.87 -10.19
C PRO A 312 24.86 -4.57 -10.93
N ALA A 313 24.28 -3.38 -10.76
CA ALA A 313 23.00 -3.00 -11.37
C ALA A 313 23.09 -1.51 -11.68
N CYS A 314 23.72 -1.18 -12.81
CA CYS A 314 23.97 0.22 -13.11
C CYS A 314 22.73 0.91 -13.64
N GLY A 315 21.97 0.22 -14.48
CA GLY A 315 20.82 0.83 -15.13
C GLY A 315 21.26 1.80 -16.22
N SER A 316 21.01 3.09 -16.01
CA SER A 316 21.56 4.12 -16.89
C SER A 316 23.06 4.32 -16.69
N GLY A 317 23.74 3.47 -15.93
CA GLY A 317 25.14 3.73 -15.59
C GLY A 317 25.30 4.95 -14.70
N HIS A 318 24.16 5.58 -14.39
CA HIS A 318 24.12 6.82 -13.64
C HIS A 318 25.10 6.81 -12.48
N ILE A 319 25.29 5.65 -11.87
CA ILE A 319 26.23 5.54 -10.76
C ILE A 319 27.65 5.49 -11.26
N LEU A 320 27.88 4.79 -12.38
CA LEU A 320 29.23 4.67 -12.91
C LEU A 320 29.77 6.02 -13.38
N ILE A 321 28.89 6.92 -13.81
CA ILE A 321 29.35 8.24 -14.24
C ILE A 321 29.99 8.98 -13.08
N GLU A 322 29.46 8.79 -11.87
CA GLU A 322 30.04 9.43 -10.69
C GLU A 322 31.35 8.76 -10.29
N VAL A 323 31.39 7.42 -10.30
CA VAL A 323 32.65 6.73 -10.03
C VAL A 323 33.69 7.13 -11.05
N TYR A 324 33.27 7.35 -12.30
CA TYR A 324 34.17 7.88 -13.32
C TYR A 324 34.63 9.28 -12.95
N ASN A 325 33.75 10.10 -12.38
CA ASN A 325 34.11 11.46 -12.02
C ASN A 325 35.10 11.50 -10.85
N VAL A 326 34.92 10.62 -9.86
CA VAL A 326 35.77 10.67 -8.68
C VAL A 326 37.13 10.02 -8.95
N LEU A 327 37.18 9.00 -9.81
CA LEU A 327 38.47 8.50 -10.27
C LEU A 327 39.16 9.52 -11.16
N LYS A 328 38.37 10.39 -11.81
CA LYS A 328 38.93 11.42 -12.67
C LYS A 328 39.75 12.43 -11.87
N ASN A 329 39.28 12.77 -10.67
CA ASN A 329 40.02 13.65 -9.78
C ASN A 329 41.07 12.91 -8.96
N ILE A 330 41.04 11.58 -8.95
CA ILE A 330 42.17 10.84 -8.39
C ILE A 330 43.33 10.81 -9.38
N TYR A 331 43.02 10.67 -10.67
CA TYR A 331 44.04 10.72 -11.69
C TYR A 331 44.50 12.15 -11.98
N GLU A 332 43.61 13.13 -11.81
CA GLU A 332 44.01 14.52 -11.93
C GLU A 332 44.84 14.97 -10.73
N GLU A 333 44.55 14.44 -9.54
CA GLU A 333 45.37 14.68 -8.37
C GLU A 333 46.67 13.88 -8.42
N ARG A 334 46.64 12.69 -9.02
CA ARG A 334 47.85 11.88 -9.11
C ARG A 334 48.79 12.37 -10.20
N GLY A 335 48.29 13.13 -11.17
CA GLY A 335 49.15 13.76 -12.15
C GLY A 335 49.26 13.00 -13.46
N TYR A 336 48.13 12.69 -14.07
CA TYR A 336 48.08 11.96 -15.33
C TYR A 336 47.56 12.88 -16.42
N ARG A 337 48.04 12.69 -17.64
CA ARG A 337 47.64 13.53 -18.75
C ARG A 337 46.13 13.47 -18.96
N ALA A 338 45.53 14.63 -19.27
CA ALA A 338 44.09 14.70 -19.48
C ALA A 338 43.64 13.70 -20.54
N ARG A 339 44.38 13.58 -21.63
CA ARG A 339 44.00 12.68 -22.71
C ARG A 339 44.21 11.21 -22.34
N ASP A 340 45.07 10.92 -21.38
CA ASP A 340 45.42 9.55 -21.03
C ASP A 340 44.53 8.95 -19.96
N ILE A 341 43.62 9.72 -19.37
CA ILE A 341 42.84 9.28 -18.22
C ILE A 341 41.71 8.35 -18.64
N PRO A 342 40.86 8.73 -19.61
CA PRO A 342 39.72 7.88 -19.98
C PRO A 342 40.09 6.42 -20.23
N GLN A 343 41.16 6.17 -20.99
CA GLN A 343 41.51 4.79 -21.32
C GLN A 343 41.88 3.99 -20.07
N LEU A 344 42.52 4.64 -19.11
CA LEU A 344 42.99 3.93 -17.91
C LEU A 344 41.87 3.68 -16.90
N ILE A 345 40.84 4.53 -16.89
CA ILE A 345 39.69 4.30 -16.02
C ILE A 345 38.81 3.19 -16.58
N LEU A 346 38.27 3.38 -17.79
CA LEU A 346 37.33 2.42 -18.35
C LEU A 346 37.93 1.02 -18.43
N GLU A 347 39.25 0.91 -18.52
CA GLU A 347 39.89 -0.39 -18.64
C GLU A 347 40.23 -1.00 -17.29
N ASN A 348 40.83 -0.21 -16.39
CA ASN A 348 41.37 -0.74 -15.15
C ASN A 348 40.40 -0.66 -13.97
N ASN A 349 39.49 0.31 -13.97
CA ASN A 349 38.83 0.72 -12.75
C ASN A 349 37.34 0.41 -12.69
N ILE A 350 36.59 0.69 -13.75
CA ILE A 350 35.13 0.61 -13.71
C ILE A 350 34.66 -0.69 -14.33
N PHE A 351 33.80 -1.40 -13.61
CA PHE A 351 33.12 -2.60 -14.10
C PHE A 351 31.64 -2.48 -13.79
N GLY A 352 30.80 -2.95 -14.70
CA GLY A 352 29.36 -2.80 -14.55
C GLY A 352 28.62 -4.02 -15.02
N LEU A 353 27.45 -4.25 -14.43
CA LEU A 353 26.63 -5.39 -14.76
C LEU A 353 25.15 -5.02 -14.65
N ASP A 354 24.31 -5.90 -15.19
CA ASP A 354 22.87 -5.74 -15.23
C ASP A 354 22.27 -6.85 -16.08
N ILE A 355 20.98 -7.14 -15.94
CA ILE A 355 20.36 -8.16 -16.78
C ILE A 355 19.72 -7.54 -18.01
N ASP A 356 19.50 -6.23 -18.02
CA ASP A 356 18.86 -5.54 -19.15
C ASP A 356 19.92 -5.26 -20.21
N ASP A 357 20.01 -6.15 -21.21
CA ASP A 357 20.98 -6.01 -22.29
C ASP A 357 21.07 -4.57 -22.78
N ARG A 358 19.93 -3.86 -22.72
CA ARG A 358 19.82 -2.50 -23.20
C ARG A 358 20.15 -1.45 -22.14
N ALA A 359 20.03 -1.80 -20.86
CA ALA A 359 20.56 -0.92 -19.82
C ALA A 359 22.09 -0.90 -19.84
N ALA A 360 22.71 -1.94 -20.41
CA ALA A 360 24.15 -1.96 -20.59
C ALA A 360 24.59 -1.25 -21.85
N GLN A 361 23.74 -1.23 -22.88
CA GLN A 361 24.06 -0.46 -24.08
C GLN A 361 24.11 1.03 -23.76
N LEU A 362 23.07 1.56 -23.12
CA LEU A 362 23.06 2.96 -22.74
C LEU A 362 24.18 3.27 -21.75
N SER A 363 24.38 2.40 -20.76
CA SER A 363 25.40 2.64 -19.75
C SER A 363 26.77 2.88 -20.38
N GLY A 364 27.21 1.96 -21.26
CA GLY A 364 28.49 2.09 -21.92
C GLY A 364 28.61 3.30 -22.84
N PHE A 365 27.48 3.75 -23.40
CA PHE A 365 27.49 4.97 -24.20
C PHE A 365 27.65 6.19 -23.30
N ALA A 366 26.92 6.25 -22.20
CA ALA A 366 27.05 7.35 -21.25
C ALA A 366 28.48 7.46 -20.74
N LEU A 367 29.15 6.32 -20.52
CA LEU A 367 30.53 6.35 -20.07
C LEU A 367 31.51 6.64 -21.21
N LEU A 368 31.18 6.23 -22.44
CA LEU A 368 32.03 6.58 -23.56
C LEU A 368 31.80 8.02 -24.01
N MET A 369 30.61 8.56 -23.76
CA MET A 369 30.41 9.99 -23.97
C MET A 369 31.04 10.82 -22.86
N MET A 370 31.32 10.20 -21.72
CA MET A 370 32.13 10.84 -20.70
C MET A 370 33.57 10.96 -21.17
N ALA A 371 34.13 9.86 -21.70
CA ALA A 371 35.52 9.82 -22.11
C ALA A 371 35.78 10.55 -23.43
N ARG A 372 34.78 10.69 -24.30
CA ARG A 372 34.96 11.47 -25.52
C ARG A 372 34.92 12.96 -25.22
N GLN A 373 34.21 13.36 -24.17
CA GLN A 373 34.21 14.73 -23.70
C GLN A 373 35.55 15.16 -23.12
N ASP A 374 36.50 14.25 -23.02
CA ASP A 374 37.83 14.54 -22.48
C ASP A 374 38.97 14.05 -23.36
N ASP A 375 38.72 13.09 -24.26
CA ASP A 375 39.74 12.55 -25.14
C ASP A 375 39.11 12.36 -26.51
N ARG A 376 39.47 13.23 -27.45
CA ARG A 376 38.88 13.18 -28.78
C ARG A 376 39.27 11.91 -29.54
N ARG A 377 40.35 11.25 -29.14
CA ARG A 377 40.90 10.10 -29.86
C ARG A 377 40.64 8.77 -29.16
N ILE A 378 39.87 8.78 -28.07
CA ILE A 378 39.48 7.51 -27.45
C ILE A 378 38.76 6.63 -28.46
N PHE A 379 38.07 7.25 -29.43
CA PHE A 379 37.32 6.53 -30.44
C PHE A 379 38.20 5.71 -31.36
N THR A 380 39.51 5.95 -31.37
CA THR A 380 40.43 5.22 -32.23
C THR A 380 41.11 4.05 -31.55
N ARG A 381 41.29 4.11 -30.24
CA ARG A 381 41.97 3.05 -29.51
C ARG A 381 41.06 1.86 -29.30
N ASP A 382 41.68 0.68 -29.16
CA ASP A 382 40.96 -0.54 -28.83
C ASP A 382 40.57 -0.48 -27.36
N VAL A 383 39.36 -0.01 -27.08
CA VAL A 383 38.93 0.33 -25.74
C VAL A 383 37.91 -0.72 -25.30
N ARG A 384 38.36 -1.68 -24.49
CA ARG A 384 37.46 -2.68 -23.93
C ARG A 384 36.74 -2.11 -22.72
N LEU A 385 35.41 -2.18 -22.73
CA LEU A 385 34.59 -1.70 -21.64
C LEU A 385 34.12 -2.86 -20.77
N ASN A 386 34.24 -2.70 -19.45
CA ASN A 386 33.74 -3.71 -18.50
C ASN A 386 32.30 -3.44 -18.07
N ILE A 387 31.45 -3.07 -19.02
CA ILE A 387 30.02 -2.85 -18.77
C ILE A 387 29.28 -3.78 -19.72
N VAL A 388 29.05 -5.01 -19.28
CA VAL A 388 28.40 -6.02 -20.11
C VAL A 388 27.10 -6.45 -19.47
N SER A 389 26.18 -6.90 -20.30
CA SER A 389 24.95 -7.50 -19.83
C SER A 389 25.11 -9.00 -19.68
N LEU A 390 24.39 -9.58 -18.72
CA LEU A 390 24.49 -11.00 -18.46
C LEU A 390 23.69 -11.80 -19.50
N GLN A 391 24.17 -12.99 -19.81
CA GLN A 391 23.60 -13.79 -20.89
C GLN A 391 23.33 -15.22 -20.43
N GLU A 392 22.27 -15.79 -20.98
CA GLU A 392 21.88 -17.17 -20.74
C GLU A 392 22.68 -18.11 -21.64
N SER A 393 22.57 -19.41 -21.36
CA SER A 393 23.34 -20.40 -22.11
C SER A 393 22.49 -21.63 -22.45
N LEU A 394 21.19 -21.45 -22.68
CA LEU A 394 20.31 -22.53 -23.10
C LEU A 394 20.23 -22.63 -24.62
N HIS A 395 21.28 -22.24 -25.34
CA HIS A 395 21.19 -22.12 -26.79
C HIS A 395 22.54 -22.31 -27.49
N LEU A 396 23.57 -22.80 -26.81
CA LEU A 396 24.93 -22.79 -27.34
C LEU A 396 25.28 -24.13 -27.99
N ASP A 397 25.88 -24.06 -29.18
CA ASP A 397 26.44 -25.22 -29.86
C ASP A 397 27.84 -25.46 -29.31
N ILE A 398 27.88 -26.12 -28.16
CA ILE A 398 29.12 -26.21 -27.38
C ILE A 398 30.21 -26.92 -28.18
N ALA A 399 29.86 -28.08 -28.76
CA ALA A 399 30.89 -28.88 -29.42
C ALA A 399 31.34 -28.27 -30.73
N LYS A 400 30.47 -27.52 -31.40
CA LYS A 400 30.87 -26.85 -32.64
C LYS A 400 31.89 -25.76 -32.38
N LEU A 401 31.85 -25.14 -31.20
CA LEU A 401 32.69 -23.98 -30.90
C LEU A 401 34.05 -24.35 -30.32
N TRP A 402 34.16 -25.48 -29.62
CA TRP A 402 35.45 -25.88 -29.05
C TRP A 402 36.39 -26.43 -30.11
N GLN A 403 35.85 -26.99 -31.19
CA GLN A 403 36.68 -27.42 -32.31
C GLN A 403 36.73 -26.38 -33.43
N GLN A 404 35.83 -25.39 -33.42
CA GLN A 404 36.04 -24.17 -34.19
C GLN A 404 37.08 -23.27 -33.54
N LEU A 405 37.29 -23.40 -32.23
CA LEU A 405 38.35 -22.68 -31.55
C LEU A 405 39.72 -23.19 -31.97
N ASN A 406 39.86 -24.52 -32.07
CA ASN A 406 41.14 -25.14 -32.37
C ASN A 406 42.23 -24.57 -31.45
N PHE A 407 41.87 -24.45 -30.18
CA PHE A 407 42.74 -23.80 -29.20
C PHE A 407 44.12 -24.44 -29.20
N HIS A 408 44.20 -25.71 -28.83
CA HIS A 408 45.46 -26.44 -28.91
C HIS A 408 45.89 -26.70 -30.34
N GLN A 409 45.10 -26.25 -31.31
CA GLN A 409 45.37 -26.47 -32.73
C GLN A 409 45.48 -27.96 -33.04
N GLN A 410 44.35 -28.63 -32.88
CA GLN A 410 44.24 -30.07 -33.13
C GLN A 410 44.03 -30.39 -34.61
N ASN A 411 43.12 -29.68 -35.27
CA ASN A 411 42.93 -29.82 -36.71
C ASN A 411 43.94 -28.93 -37.43
N GLN A 412 44.95 -29.54 -38.04
CA GLN A 412 45.93 -28.79 -38.82
C GLN A 412 45.25 -28.15 -40.03
N LEU A 426 36.73 -35.64 -29.19
CA LEU A 426 36.95 -34.32 -28.59
C LEU A 426 38.29 -34.28 -27.89
N ALA A 427 39.36 -34.07 -28.66
CA ALA A 427 40.71 -34.10 -28.12
C ALA A 427 40.86 -33.03 -27.03
N HIS A 428 41.44 -33.44 -25.90
CA HIS A 428 41.69 -32.56 -24.77
C HIS A 428 40.42 -32.23 -23.99
N THR A 429 39.71 -33.27 -23.54
CA THR A 429 38.65 -33.11 -22.56
C THR A 429 39.16 -33.28 -21.12
N ASP A 430 40.38 -33.78 -20.95
CA ASP A 430 41.11 -33.69 -19.69
C ASP A 430 42.05 -32.49 -19.65
N SER A 431 41.77 -31.47 -20.47
CA SER A 431 42.53 -30.23 -20.49
C SER A 431 41.78 -29.16 -19.71
N ALA A 432 42.53 -28.30 -19.02
CA ALA A 432 41.94 -27.32 -18.11
C ALA A 432 41.21 -26.19 -18.83
N GLU A 433 41.24 -26.15 -20.16
CA GLU A 433 40.44 -25.18 -20.90
C GLU A 433 39.02 -25.68 -21.16
N TYR A 434 38.81 -26.99 -21.20
CA TYR A 434 37.48 -27.56 -21.32
C TYR A 434 36.80 -27.70 -19.96
N GLN A 435 37.57 -28.09 -18.94
CA GLN A 435 37.01 -28.24 -17.61
C GLN A 435 36.60 -26.90 -17.03
N LEU A 436 37.42 -25.87 -17.24
CA LEU A 436 37.05 -24.53 -16.79
C LEU A 436 35.95 -23.93 -17.66
N LEU A 437 35.86 -24.35 -18.93
CA LEU A 437 34.83 -23.82 -19.82
C LEU A 437 33.44 -24.32 -19.43
N MET A 438 33.34 -25.61 -19.13
CA MET A 438 32.04 -26.19 -18.83
C MET A 438 31.56 -25.82 -17.43
N ARG A 439 32.49 -25.57 -16.50
CA ARG A 439 32.09 -25.23 -15.14
C ARG A 439 31.43 -23.87 -15.09
N THR A 440 31.79 -22.98 -16.01
CA THR A 440 31.27 -21.62 -16.00
C THR A 440 29.95 -21.48 -16.74
N LEU A 441 29.75 -22.28 -17.80
CA LEU A 441 28.51 -22.19 -18.54
C LEU A 441 27.32 -22.71 -17.73
N LYS A 442 27.58 -23.47 -16.67
CA LYS A 442 26.52 -23.99 -15.81
C LYS A 442 26.12 -23.02 -14.72
N ARG A 443 27.04 -22.14 -14.30
CA ARG A 443 26.69 -21.11 -13.33
C ARG A 443 25.70 -20.11 -13.92
N PHE A 444 25.73 -19.91 -15.23
CA PHE A 444 24.87 -18.93 -15.89
C PHE A 444 23.81 -19.62 -16.73
N VAL A 445 23.10 -20.57 -16.15
CA VAL A 445 22.01 -21.23 -16.86
C VAL A 445 20.81 -20.31 -16.99
N ASN A 446 20.37 -19.74 -15.87
CA ASN A 446 19.30 -18.75 -15.84
C ASN A 446 19.88 -17.42 -15.37
N ALA A 447 20.73 -16.83 -16.22
CA ALA A 447 21.36 -15.56 -15.88
C ALA A 447 20.40 -14.40 -16.08
N LYS A 448 19.61 -14.42 -17.15
CA LYS A 448 18.60 -13.39 -17.36
C LYS A 448 17.64 -13.27 -16.18
N THR A 449 17.76 -14.13 -15.17
CA THR A 449 16.80 -14.20 -14.08
C THR A 449 17.53 -14.10 -12.74
N LEU A 450 18.76 -14.63 -12.69
CA LEU A 450 19.53 -14.58 -11.46
C LEU A 450 20.40 -13.33 -11.35
N GLY A 451 20.87 -12.78 -12.47
CA GLY A 451 21.68 -11.58 -12.43
C GLY A 451 22.98 -11.79 -11.68
N SER A 452 23.51 -10.69 -11.16
CA SER A 452 24.81 -10.66 -10.49
C SER A 452 24.78 -11.37 -9.14
N LEU A 453 23.76 -12.19 -8.88
CA LEU A 453 23.67 -12.92 -7.63
C LEU A 453 24.36 -14.28 -7.70
N ILE A 454 24.64 -14.78 -8.90
CA ILE A 454 25.38 -16.03 -9.05
C ILE A 454 26.84 -15.78 -8.69
N GLN A 455 27.31 -16.44 -7.65
CA GLN A 455 28.66 -16.19 -7.15
C GLN A 455 29.67 -17.06 -7.87
N VAL A 456 30.91 -16.57 -7.87
CA VAL A 456 32.05 -17.26 -8.48
C VAL A 456 33.24 -17.12 -7.54
N PRO A 457 33.96 -18.21 -7.23
CA PRO A 457 35.08 -18.10 -6.29
C PRO A 457 36.23 -17.30 -6.85
N GLN A 458 36.91 -16.56 -5.97
CA GLN A 458 38.08 -15.79 -6.38
C GLN A 458 39.19 -16.67 -6.94
N GLU A 459 39.23 -17.95 -6.56
CA GLU A 459 40.25 -18.85 -7.09
C GLU A 459 40.16 -18.97 -8.60
N GLU A 460 38.96 -18.84 -9.16
CA GLU A 460 38.75 -18.95 -10.60
C GLU A 460 38.98 -17.63 -11.32
N GLU A 461 39.38 -16.58 -10.61
CA GLU A 461 39.70 -15.31 -11.27
C GLU A 461 40.86 -15.49 -12.25
N ALA A 462 42.00 -15.94 -11.76
CA ALA A 462 43.18 -16.08 -12.61
C ALA A 462 42.89 -16.97 -13.81
N GLU A 463 42.29 -18.13 -13.58
CA GLU A 463 42.04 -19.06 -14.68
C GLU A 463 41.05 -18.47 -15.68
N LEU A 464 39.99 -17.84 -15.21
CA LEU A 464 39.00 -17.25 -16.12
C LEU A 464 39.58 -16.08 -16.88
N LYS A 465 40.38 -15.24 -16.21
CA LYS A 465 40.98 -14.08 -16.87
C LYS A 465 41.99 -14.52 -17.92
N ALA A 466 42.90 -15.44 -17.55
CA ALA A 466 43.90 -15.92 -18.50
C ALA A 466 43.26 -16.52 -19.74
N PHE A 467 42.08 -17.12 -19.60
CA PHE A 467 41.37 -17.69 -20.73
C PHE A 467 40.54 -16.64 -21.46
N LEU A 468 40.09 -15.61 -20.75
CA LEU A 468 39.35 -14.53 -21.40
C LEU A 468 40.27 -13.73 -22.32
N GLU A 469 41.51 -13.48 -21.90
CA GLU A 469 42.44 -12.74 -22.74
C GLU A 469 42.93 -13.60 -23.91
N ALA A 470 43.01 -14.92 -23.72
CA ALA A 470 43.30 -15.81 -24.84
C ALA A 470 42.14 -15.85 -25.83
N LEU A 471 40.90 -15.78 -25.32
CA LEU A 471 39.74 -15.69 -26.21
C LEU A 471 39.74 -14.38 -26.97
N TYR A 472 40.11 -13.28 -26.31
CA TYR A 472 40.31 -12.01 -27.01
C TYR A 472 41.38 -12.15 -28.08
N ARG A 473 42.46 -12.85 -27.75
CA ARG A 473 43.56 -13.03 -28.68
C ARG A 473 43.10 -13.69 -29.97
N MET A 474 42.48 -14.86 -29.87
CA MET A 474 42.07 -15.62 -31.06
C MET A 474 40.84 -15.04 -31.74
N GLU A 475 40.25 -13.97 -31.18
CA GLU A 475 39.19 -13.25 -31.88
C GLU A 475 39.76 -12.36 -32.97
N GLN A 476 41.05 -12.02 -32.91
CA GLN A 476 41.68 -11.12 -33.84
C GLN A 476 42.78 -11.77 -34.66
N GLU A 477 43.36 -12.86 -34.18
CA GLU A 477 44.44 -13.58 -34.85
C GLU A 477 43.96 -14.87 -35.49
N GLY A 478 42.66 -15.18 -35.39
CA GLY A 478 42.11 -16.36 -35.98
C GLY A 478 41.55 -16.10 -37.37
N ASP A 479 41.02 -17.16 -37.97
CA ASP A 479 40.46 -17.10 -39.31
C ASP A 479 38.98 -16.75 -39.23
N PHE A 480 38.22 -17.09 -40.27
CA PHE A 480 36.78 -16.84 -40.27
C PHE A 480 36.06 -17.73 -39.27
N GLN A 481 36.64 -18.87 -38.91
CA GLN A 481 36.01 -19.83 -38.00
C GLN A 481 36.32 -19.50 -36.54
N GLN A 482 37.59 -19.29 -36.23
CA GLN A 482 37.99 -18.96 -34.86
C GLN A 482 37.50 -17.58 -34.44
N LYS A 483 37.24 -16.68 -35.41
CA LYS A 483 36.82 -15.33 -35.06
C LYS A 483 35.33 -15.30 -34.71
N ALA A 484 34.49 -15.85 -35.58
CA ALA A 484 33.06 -15.94 -35.24
C ALA A 484 32.84 -16.77 -33.99
N ALA A 485 33.70 -17.75 -33.73
CA ALA A 485 33.50 -18.64 -32.59
C ALA A 485 33.78 -17.94 -31.27
N ALA A 486 35.01 -17.48 -31.07
CA ALA A 486 35.36 -16.80 -29.83
C ALA A 486 34.49 -15.59 -29.58
N LYS A 487 33.89 -15.01 -30.62
CA LYS A 487 33.06 -13.83 -30.44
C LYS A 487 31.80 -14.14 -29.64
N ALA A 488 31.30 -15.38 -29.72
CA ALA A 488 30.16 -15.78 -28.91
C ALA A 488 30.58 -16.15 -27.49
N PHE A 489 31.80 -16.67 -27.32
CA PHE A 489 32.23 -17.15 -26.01
C PHE A 489 32.53 -16.02 -25.03
N ILE A 490 33.05 -14.90 -25.54
CA ILE A 490 33.58 -13.87 -24.62
C ILE A 490 32.52 -13.34 -23.68
N PRO A 491 31.28 -13.07 -24.10
CA PRO A 491 30.29 -12.52 -23.16
C PRO A 491 30.16 -13.29 -21.85
N TYR A 492 30.41 -14.60 -21.84
CA TYR A 492 30.25 -15.37 -20.62
C TYR A 492 31.52 -15.38 -19.77
N ILE A 493 32.68 -15.64 -20.37
CA ILE A 493 33.92 -15.68 -19.62
C ILE A 493 34.19 -14.34 -18.95
N GLN A 494 33.84 -13.24 -19.63
CA GLN A 494 34.08 -11.92 -19.07
C GLN A 494 33.22 -11.68 -17.83
N GLN A 495 31.90 -11.80 -17.98
CA GLN A 495 31.01 -11.58 -16.85
C GLN A 495 31.34 -12.49 -15.69
N ALA A 496 31.85 -13.70 -15.97
CA ALA A 496 32.26 -14.59 -14.90
C ALA A 496 33.53 -14.11 -14.23
N TRP A 497 34.49 -13.62 -15.00
CA TRP A 497 35.69 -13.05 -14.41
C TRP A 497 35.34 -11.81 -13.59
N ILE A 498 34.46 -10.96 -14.11
CA ILE A 498 33.96 -9.83 -13.31
C ILE A 498 33.50 -10.31 -11.95
N LEU A 499 32.70 -11.39 -11.94
CA LEU A 499 32.15 -11.90 -10.69
C LEU A 499 33.22 -12.52 -9.81
N ALA A 500 34.22 -13.16 -10.41
CA ALA A 500 35.27 -13.79 -9.63
C ALA A 500 36.18 -12.76 -8.97
N GLN A 501 36.27 -11.57 -9.55
CA GLN A 501 37.14 -10.53 -9.03
C GLN A 501 36.57 -9.94 -7.75
N ARG A 502 37.47 -9.56 -6.84
CA ARG A 502 37.11 -8.90 -5.59
C ARG A 502 37.43 -7.41 -5.70
N TYR A 503 36.50 -6.58 -5.27
CA TYR A 503 36.56 -5.15 -5.54
C TYR A 503 36.83 -4.38 -4.25
N ASP A 504 37.32 -3.16 -4.43
CA ASP A 504 37.53 -2.26 -3.30
C ASP A 504 36.24 -1.54 -2.88
N ALA A 505 35.26 -1.46 -3.78
CA ALA A 505 33.99 -0.83 -3.45
C ALA A 505 32.94 -1.32 -4.44
N VAL A 506 31.71 -1.46 -3.95
CA VAL A 506 30.57 -1.90 -4.76
C VAL A 506 29.42 -0.96 -4.44
N VAL A 507 29.03 -0.15 -5.42
CA VAL A 507 27.95 0.82 -5.28
C VAL A 507 26.83 0.45 -6.24
N ALA A 508 25.59 0.72 -5.83
CA ALA A 508 24.46 0.39 -6.68
C ALA A 508 23.18 0.83 -6.01
N ASN A 509 22.17 1.12 -6.84
CA ASN A 509 20.79 1.27 -6.42
C ASN A 509 20.03 0.02 -6.82
N PRO A 510 20.08 -1.04 -6.02
CA PRO A 510 19.59 -2.35 -6.46
C PRO A 510 18.11 -2.31 -6.79
N PRO A 511 17.60 -3.33 -7.48
CA PRO A 511 16.18 -3.35 -7.83
C PRO A 511 15.30 -3.63 -6.62
N TYR A 512 14.09 -3.09 -6.68
CA TYR A 512 13.11 -3.23 -5.61
C TYR A 512 11.98 -4.14 -6.11
N MET A 513 11.82 -5.29 -5.46
CA MET A 513 10.81 -6.26 -5.88
C MET A 513 10.54 -7.21 -4.72
N GLY A 514 9.29 -7.26 -4.26
CA GLY A 514 8.92 -8.19 -3.22
C GLY A 514 8.74 -9.63 -3.71
N GLY A 515 8.65 -10.54 -2.75
CA GLY A 515 8.51 -11.96 -3.03
C GLY A 515 7.20 -12.33 -3.71
N LYS A 516 6.17 -11.49 -3.61
CA LYS A 516 4.94 -11.71 -4.36
C LYS A 516 4.95 -11.04 -5.72
N GLY A 517 6.15 -10.85 -6.26
CA GLY A 517 6.38 -10.51 -7.65
C GLY A 517 7.51 -11.37 -8.17
N MET A 518 8.23 -12.01 -7.26
CA MET A 518 9.28 -12.96 -7.65
C MET A 518 8.67 -14.21 -8.26
N ASN A 519 9.40 -14.79 -9.21
CA ASN A 519 8.94 -15.92 -9.98
C ASN A 519 9.50 -17.24 -9.45
N SER A 520 8.97 -18.35 -9.99
CA SER A 520 9.24 -19.67 -9.42
C SER A 520 10.73 -19.98 -9.40
N GLU A 521 11.46 -19.57 -10.44
CA GLU A 521 12.90 -19.84 -10.47
C GLU A 521 13.64 -18.98 -9.46
N LEU A 522 13.26 -17.71 -9.34
CA LEU A 522 13.98 -16.79 -8.46
C LEU A 522 13.72 -17.10 -6.99
N LYS A 523 12.53 -17.57 -6.65
CA LYS A 523 12.21 -17.86 -5.26
C LYS A 523 13.14 -18.93 -4.70
N GLU A 524 13.23 -20.09 -5.37
CA GLU A 524 14.02 -21.18 -4.83
C GLU A 524 15.51 -20.83 -4.78
N PHE A 525 16.00 -20.02 -5.72
CA PHE A 525 17.39 -19.54 -5.59
C PHE A 525 17.54 -18.63 -4.39
N ALA A 526 16.51 -17.85 -4.06
CA ALA A 526 16.57 -17.00 -2.88
C ALA A 526 16.58 -17.83 -1.60
N LYS A 527 15.82 -18.92 -1.57
CA LYS A 527 15.80 -19.77 -0.39
C LYS A 527 17.12 -20.53 -0.22
N ASN A 528 17.77 -20.89 -1.31
CA ASN A 528 18.97 -21.73 -1.24
C ASN A 528 20.25 -20.93 -1.10
N ASN A 529 20.25 -19.64 -1.46
CA ASN A 529 21.47 -18.84 -1.44
C ASN A 529 21.41 -17.63 -0.54
N PHE A 530 20.21 -17.14 -0.20
CA PHE A 530 20.04 -15.92 0.61
C PHE A 530 18.94 -16.16 1.62
N PRO A 531 19.20 -17.00 2.62
CA PRO A 531 18.15 -17.30 3.60
C PRO A 531 17.81 -16.12 4.48
N ASP A 532 18.82 -15.36 4.90
CA ASP A 532 18.62 -14.23 5.80
C ASP A 532 17.92 -13.06 5.12
N SER A 533 17.86 -13.04 3.79
CA SER A 533 17.31 -11.90 3.06
C SER A 533 16.59 -12.39 1.80
N LYS A 534 15.84 -13.49 1.91
CA LYS A 534 15.04 -13.94 0.78
C LYS A 534 13.87 -13.00 0.49
N ALA A 535 13.65 -11.99 1.32
CA ALA A 535 12.41 -11.21 1.25
C ALA A 535 12.32 -10.41 -0.04
N ASP A 536 13.21 -9.44 -0.21
CA ASP A 536 13.21 -8.57 -1.37
C ASP A 536 14.57 -8.64 -2.06
N LEU A 537 14.59 -8.23 -3.33
CA LEU A 537 15.85 -8.28 -4.08
C LEU A 537 16.89 -7.35 -3.47
N PHE A 538 16.47 -6.19 -2.92
CA PHE A 538 17.44 -5.22 -2.43
C PHE A 538 18.22 -5.74 -1.24
N ALA A 539 17.60 -6.59 -0.41
CA ALA A 539 18.35 -7.25 0.66
C ALA A 539 19.34 -8.24 0.07
N MET A 540 18.90 -9.07 -0.88
CA MET A 540 19.80 -10.03 -1.51
C MET A 540 21.02 -9.33 -2.09
N PHE A 541 20.83 -8.16 -2.70
CA PHE A 541 21.97 -7.40 -3.20
C PHE A 541 22.85 -6.91 -2.06
N MET A 542 22.24 -6.43 -0.97
CA MET A 542 23.02 -5.91 0.15
C MET A 542 23.94 -6.99 0.72
N GLN A 543 23.45 -8.23 0.80
CA GLN A 543 24.24 -9.31 1.39
C GLN A 543 25.27 -9.85 0.40
N ASN A 544 24.89 -10.00 -0.87
CA ASN A 544 25.80 -10.59 -1.84
C ASN A 544 26.98 -9.68 -2.14
N ALA A 545 26.82 -8.37 -1.93
CA ALA A 545 27.90 -7.44 -2.27
C ALA A 545 29.08 -7.58 -1.32
N PHE A 546 28.85 -8.05 -0.10
CA PHE A 546 29.94 -8.23 0.84
C PHE A 546 30.90 -9.31 0.38
N SER A 547 30.40 -10.33 -0.32
CA SER A 547 31.23 -11.39 -0.84
C SER A 547 31.99 -10.99 -2.11
N LEU A 548 31.91 -9.72 -2.50
CA LEU A 548 32.62 -9.21 -3.67
C LEU A 548 33.61 -8.11 -3.32
N LEU A 549 33.95 -7.96 -2.04
CA LEU A 549 34.75 -6.85 -1.58
C LEU A 549 36.05 -7.36 -0.96
N LYS A 550 37.14 -6.62 -1.17
CA LYS A 550 38.35 -6.90 -0.41
C LYS A 550 38.07 -6.67 1.07
N GLU A 551 38.92 -7.27 1.91
CA GLU A 551 38.76 -7.16 3.36
C GLU A 551 38.37 -5.75 3.79
N ASN A 552 39.15 -4.76 3.38
CA ASN A 552 38.86 -3.37 3.69
C ASN A 552 37.96 -2.71 2.65
N GLY A 553 37.21 -3.50 1.88
CA GLY A 553 36.33 -2.94 0.89
C GLY A 553 35.06 -2.37 1.49
N PHE A 554 34.37 -1.54 0.70
CA PHE A 554 33.16 -0.85 1.14
C PHE A 554 31.96 -1.30 0.33
N ASN A 555 30.82 -1.39 0.99
CA ASN A 555 29.53 -1.63 0.36
C ASN A 555 28.66 -0.42 0.63
N ALA A 556 28.13 0.20 -0.43
CA ALA A 556 27.38 1.44 -0.28
C ALA A 556 26.24 1.43 -1.29
N GLN A 557 25.03 1.20 -0.80
CA GLN A 557 23.82 1.17 -1.62
C GLN A 557 22.81 2.17 -1.08
N VAL A 558 21.73 2.33 -1.83
CA VAL A 558 20.54 3.03 -1.36
C VAL A 558 19.38 2.04 -1.45
N ASN A 559 18.72 1.81 -0.31
CA ASN A 559 17.73 0.75 -0.21
C ASN A 559 16.45 1.27 0.41
N MET A 560 15.40 0.47 0.28
CA MET A 560 14.23 0.62 1.13
C MET A 560 14.68 0.50 2.58
N GLN A 561 13.97 1.21 3.48
CA GLN A 561 14.42 1.30 4.87
C GLN A 561 14.03 0.08 5.70
N SER A 562 13.13 -0.77 5.21
CA SER A 562 12.54 -1.81 6.06
C SER A 562 13.57 -2.75 6.64
N TRP A 563 14.69 -2.98 5.95
CA TRP A 563 15.72 -3.86 6.48
C TRP A 563 16.25 -3.37 7.82
N MET A 564 15.95 -2.13 8.19
CA MET A 564 16.46 -1.55 9.41
C MET A 564 15.62 -1.92 10.64
N PHE A 565 14.38 -2.38 10.45
CA PHE A 565 13.48 -2.57 11.59
C PHE A 565 12.68 -3.86 11.57
N LEU A 566 12.24 -4.32 10.40
CA LEU A 566 11.42 -5.53 10.34
C LEU A 566 12.15 -6.72 10.93
N SER A 567 11.46 -7.46 11.79
CA SER A 567 12.07 -8.61 12.44
C SER A 567 12.33 -9.75 11.46
N SER A 568 11.70 -9.73 10.29
CA SER A 568 12.04 -10.69 9.25
C SER A 568 13.48 -10.54 8.78
N TYR A 569 14.14 -9.45 9.15
CA TYR A 569 15.53 -9.20 8.80
C TYR A 569 16.46 -9.26 10.00
N GLU A 570 15.94 -9.60 11.19
CA GLU A 570 16.78 -9.66 12.37
C GLU A 570 17.97 -10.61 12.14
N ALA A 571 17.70 -11.78 11.56
CA ALA A 571 18.77 -12.68 11.18
C ALA A 571 19.86 -11.94 10.43
N LEU A 572 19.45 -11.05 9.52
CA LEU A 572 20.39 -10.28 8.71
C LEU A 572 21.03 -9.16 9.51
N ARG A 573 20.21 -8.32 10.16
CA ARG A 573 20.75 -7.21 10.94
C ARG A 573 21.76 -7.69 11.97
N ASN A 574 21.60 -8.92 12.47
CA ASN A 574 22.61 -9.49 13.35
C ASN A 574 23.85 -9.89 12.57
N TRP A 575 23.67 -10.47 11.38
CA TRP A 575 24.82 -10.78 10.54
C TRP A 575 25.60 -9.52 10.21
N LEU A 576 24.92 -8.39 10.03
CA LEU A 576 25.60 -7.15 9.68
C LEU A 576 26.40 -6.61 10.85
N LEU A 577 25.77 -6.54 12.03
CA LEU A 577 26.39 -5.87 13.17
C LEU A 577 27.61 -6.62 13.69
N ASP A 578 27.76 -7.91 13.37
CA ASP A 578 28.83 -8.73 13.94
C ASP A 578 30.02 -8.94 13.01
N ASN A 579 29.81 -8.97 11.69
CA ASN A 579 30.92 -9.16 10.76
C ASN A 579 31.28 -7.92 9.98
N LYS A 580 30.36 -6.97 9.82
CA LYS A 580 30.58 -5.78 9.03
C LYS A 580 30.60 -4.54 9.94
N THR A 581 30.96 -3.41 9.36
CA THR A 581 31.11 -2.17 10.10
C THR A 581 30.29 -1.07 9.43
N PHE A 582 29.49 -0.37 10.23
CA PHE A 582 28.73 0.77 9.74
C PHE A 582 29.60 2.01 9.68
N ILE A 583 29.65 2.65 8.51
CA ILE A 583 30.48 3.84 8.33
C ILE A 583 29.61 5.09 8.40
N THR A 584 28.74 5.28 7.40
CA THR A 584 27.82 6.40 7.42
C THR A 584 26.54 6.02 6.69
N MET A 585 25.41 6.50 7.22
CA MET A 585 24.10 6.26 6.65
C MET A 585 23.34 7.57 6.57
N ALA A 586 22.56 7.71 5.51
CA ALA A 586 21.67 8.86 5.32
C ALA A 586 20.26 8.30 5.24
N HIS A 587 19.49 8.50 6.30
CA HIS A 587 18.14 7.96 6.38
C HIS A 587 17.18 8.96 5.74
N LEU A 588 16.57 8.57 4.62
CA LEU A 588 15.77 9.49 3.80
C LEU A 588 14.28 9.38 4.07
N GLY A 589 13.73 8.17 4.06
CA GLY A 589 12.31 8.02 4.32
C GLY A 589 11.49 8.13 3.05
N ALA A 590 10.39 8.88 3.10
CA ALA A 590 9.40 8.90 2.04
C ALA A 590 9.62 10.07 1.09
N ARG A 591 9.12 9.90 -0.14
CA ARG A 591 9.13 10.94 -1.17
C ARG A 591 10.55 11.41 -1.47
N ALA A 592 11.53 10.54 -1.22
CA ALA A 592 12.91 10.87 -1.54
C ALA A 592 13.12 11.00 -3.04
N PHE A 593 12.48 10.13 -3.83
CA PHE A 593 12.54 10.21 -5.27
C PHE A 593 11.38 11.04 -5.80
N GLY A 594 11.69 12.05 -6.61
CA GLY A 594 10.70 13.02 -7.03
C GLY A 594 10.06 12.74 -8.38
N GLN A 595 9.90 11.47 -8.71
CA GLN A 595 9.13 11.06 -9.88
C GLN A 595 8.42 9.75 -9.57
N ILE A 596 7.76 9.72 -8.41
CA ILE A 596 6.97 8.58 -7.97
C ILE A 596 5.78 9.11 -7.19
N SER A 597 4.64 8.45 -7.33
CA SER A 597 3.46 8.77 -6.57
C SER A 597 3.07 7.60 -5.69
N GLY A 598 2.40 7.90 -4.58
CA GLY A 598 1.99 6.88 -3.64
C GLY A 598 2.97 6.68 -2.51
N GLU A 599 2.46 6.54 -1.28
CA GLU A 599 3.31 6.32 -0.12
C GLU A 599 3.90 4.91 -0.11
N VAL A 600 4.15 4.36 -1.29
CA VAL A 600 4.65 2.99 -1.42
C VAL A 600 6.16 2.91 -1.26
N VAL A 601 6.84 4.02 -0.94
CA VAL A 601 8.29 4.11 -1.04
C VAL A 601 8.84 4.83 0.19
N GLN A 602 9.83 4.22 0.83
CA GLN A 602 10.67 4.84 1.84
C GLN A 602 12.06 4.24 1.75
N THR A 603 13.09 5.07 1.95
CA THR A 603 14.43 4.72 1.51
C THR A 603 15.47 5.13 2.55
N THR A 604 16.67 4.60 2.37
CA THR A 604 17.83 4.93 3.20
C THR A 604 19.10 4.54 2.46
N ALA A 605 20.14 5.35 2.60
CA ALA A 605 21.45 5.12 2.00
C ALA A 605 22.49 4.91 3.09
N TRP A 606 23.58 4.24 2.72
CA TRP A 606 24.56 3.85 3.74
C TRP A 606 25.86 3.42 3.07
N VAL A 607 26.87 3.23 3.92
CA VAL A 607 28.16 2.67 3.51
C VAL A 607 28.62 1.73 4.63
N ILE A 608 28.83 0.47 4.30
CA ILE A 608 29.21 -0.56 5.27
C ILE A 608 30.52 -1.17 4.83
N LYS A 609 31.53 -1.08 5.69
CA LYS A 609 32.85 -1.64 5.39
C LYS A 609 32.81 -3.17 5.51
N ASN A 610 33.69 -3.82 4.76
CA ASN A 610 33.75 -5.28 4.74
C ASN A 610 34.61 -5.83 5.88
N GLN A 611 35.04 -4.99 6.81
CA GLN A 611 35.76 -5.42 8.00
C GLN A 611 34.87 -5.25 9.22
N HIS A 612 35.11 -6.08 10.23
CA HIS A 612 34.45 -5.91 11.51
C HIS A 612 35.29 -5.03 12.43
N SER A 613 34.67 -3.99 12.97
CA SER A 613 35.25 -3.18 14.03
C SER A 613 34.14 -2.93 15.03
N GLU A 614 34.23 -3.59 16.20
CA GLU A 614 33.16 -3.49 17.19
C GLU A 614 32.98 -2.05 17.66
N ARG A 615 34.02 -1.48 18.23
CA ARG A 615 34.00 -0.13 18.78
C ARG A 615 33.73 0.96 17.73
N TYR A 616 33.43 0.67 16.47
CA TYR A 616 33.34 1.74 15.47
C TYR A 616 32.09 2.60 15.71
N GLN A 617 32.22 3.90 15.45
CA GLN A 617 31.17 4.87 15.69
C GLN A 617 30.64 5.39 14.36
N PRO A 618 29.47 4.96 13.90
CA PRO A 618 28.94 5.46 12.63
C PRO A 618 28.17 6.76 12.80
N VAL A 619 28.11 7.51 11.69
CA VAL A 619 27.47 8.82 11.66
C VAL A 619 26.14 8.67 10.91
N PHE A 620 25.07 9.20 11.51
CA PHE A 620 23.73 9.09 10.96
C PHE A 620 23.17 10.47 10.66
N PHE A 621 22.35 10.54 9.60
CA PHE A 621 21.73 11.77 9.16
C PHE A 621 20.24 11.52 8.99
N ARG A 622 19.43 12.12 9.85
CA ARG A 622 17.98 11.93 9.83
C ARG A 622 17.38 12.94 8.86
N LEU A 623 17.26 12.55 7.60
CA LEU A 623 16.72 13.41 6.57
C LEU A 623 15.38 12.87 6.06
N ILE A 624 14.44 12.63 6.98
CA ILE A 624 13.17 12.00 6.64
C ILE A 624 12.07 12.99 6.29
N ASP A 625 12.32 14.28 6.44
CA ASP A 625 11.29 15.30 6.29
C ASP A 625 11.50 16.10 5.00
N GLY A 626 10.39 16.65 4.49
CA GLY A 626 10.42 17.46 3.28
C GLY A 626 10.42 16.62 2.02
N ARG A 627 10.35 17.33 0.89
CA ARG A 627 10.45 16.69 -0.40
C ARG A 627 11.93 16.37 -0.68
N GLU A 628 12.20 15.75 -1.83
CA GLU A 628 13.58 15.46 -2.20
C GLU A 628 14.45 16.70 -2.07
N GLU A 629 13.94 17.85 -2.51
CA GLU A 629 14.72 19.08 -2.44
C GLU A 629 15.12 19.40 -1.01
N VAL A 630 14.23 19.14 -0.05
CA VAL A 630 14.51 19.48 1.34
C VAL A 630 15.72 18.70 1.84
N LYS A 631 15.78 17.40 1.51
CA LYS A 631 16.82 16.55 2.09
C LYS A 631 18.18 16.85 1.47
N LYS A 632 18.21 17.18 0.18
CA LYS A 632 19.48 17.53 -0.46
C LYS A 632 20.10 18.75 0.21
N SER A 633 19.29 19.77 0.50
CA SER A 633 19.79 20.93 1.22
C SER A 633 20.32 20.53 2.58
N ASP A 634 19.48 19.87 3.39
CA ASP A 634 19.85 19.54 4.76
C ASP A 634 21.03 18.57 4.83
N LEU A 635 21.30 17.81 3.76
CA LEU A 635 22.45 16.92 3.81
C LEU A 635 23.75 17.69 3.59
N LEU A 636 23.81 18.51 2.55
CA LEU A 636 24.97 19.37 2.35
C LEU A 636 25.23 20.22 3.58
N LEU A 637 24.19 20.57 4.32
CA LEU A 637 24.26 21.43 5.50
C LEU A 637 24.43 20.65 6.80
N ARG A 638 24.68 19.34 6.71
CA ARG A 638 24.91 18.49 7.87
C ARG A 638 23.91 18.73 9.00
N LYS A 639 22.63 18.87 8.66
CA LYS A 639 21.61 19.00 9.69
C LYS A 639 21.15 17.63 10.18
N ASN A 640 20.76 17.57 11.45
CA ASN A 640 20.15 16.38 12.05
C ASN A 640 21.11 15.19 12.01
N ILE A 641 22.15 15.29 12.83
CA ILE A 641 23.21 14.29 12.89
C ILE A 641 23.05 13.48 14.16
N PHE A 642 23.32 12.18 14.07
CA PHE A 642 23.40 11.30 15.24
C PHE A 642 24.68 10.49 15.14
N ASP A 643 25.62 10.78 16.05
CA ASP A 643 26.96 10.21 16.04
C ASP A 643 27.33 9.70 17.43
N LYS A 644 26.34 9.28 18.22
CA LYS A 644 26.54 8.99 19.62
C LYS A 644 26.33 7.51 19.96
N PHE A 645 26.15 6.65 18.97
CA PHE A 645 25.83 5.26 19.22
C PHE A 645 26.61 4.38 18.27
N THR A 646 27.39 3.45 18.81
CA THR A 646 28.12 2.51 17.99
C THR A 646 27.25 1.35 17.59
N GLN A 647 27.78 0.50 16.70
CA GLN A 647 27.04 -0.67 16.27
C GLN A 647 26.96 -1.74 17.35
N HIS A 648 27.77 -1.64 18.40
CA HIS A 648 27.62 -2.49 19.57
C HIS A 648 26.48 -2.01 20.47
N ASP A 649 26.09 -0.74 20.36
CA ASP A 649 24.97 -0.23 21.14
C ASP A 649 23.64 -0.67 20.56
N PHE A 650 23.57 -0.92 19.26
CA PHE A 650 22.35 -1.41 18.64
C PHE A 650 22.11 -2.87 18.93
N LYS A 651 23.12 -3.60 19.40
CA LYS A 651 22.94 -4.98 19.84
C LYS A 651 22.16 -5.10 21.13
N ASN A 652 21.93 -3.98 21.83
CA ASN A 652 21.21 -4.00 23.10
C ASN A 652 19.71 -3.79 22.92
N ILE A 653 19.25 -3.43 21.73
CA ILE A 653 17.83 -3.22 21.47
C ILE A 653 17.28 -4.48 20.82
N PRO A 654 16.31 -5.16 21.42
CA PRO A 654 15.89 -6.47 20.92
C PRO A 654 15.47 -6.42 19.46
N GLY A 655 15.89 -7.43 18.71
CA GLY A 655 15.80 -7.41 17.27
C GLY A 655 16.94 -6.68 16.59
N MET A 656 17.69 -5.87 17.34
CA MET A 656 18.84 -5.13 16.83
C MET A 656 18.42 -4.20 15.70
N PRO A 657 17.43 -3.33 15.92
CA PRO A 657 17.04 -2.36 14.88
C PRO A 657 18.01 -1.19 14.83
N ILE A 658 18.56 -0.94 13.65
CA ILE A 658 19.27 0.32 13.43
C ILE A 658 18.23 1.26 14.01
N ALA A 659 18.62 2.05 15.00
CA ALA A 659 17.71 3.04 15.63
C ALA A 659 18.55 4.22 16.08
N TYR A 660 19.40 4.70 15.19
CA TYR A 660 20.33 5.79 15.51
C TYR A 660 19.67 6.91 16.29
N TRP A 661 18.40 7.20 16.00
CA TRP A 661 17.69 8.34 16.55
C TRP A 661 17.41 8.23 18.04
N ILE A 662 17.84 7.15 18.68
CA ILE A 662 17.55 6.92 20.10
C ILE A 662 18.25 7.95 20.97
N ASP A 663 17.83 8.03 22.24
CA ASP A 663 18.55 8.76 23.27
C ASP A 663 19.37 7.76 24.09
N LEU A 664 19.96 8.23 25.19
CA LEU A 664 20.83 7.36 25.97
C LEU A 664 20.06 6.60 27.04
N PRO A 665 19.33 7.30 27.92
CA PRO A 665 18.61 6.58 28.99
C PRO A 665 17.63 5.55 28.49
N SER A 666 17.05 5.76 27.31
CA SER A 666 16.17 4.74 26.73
C SER A 666 16.96 3.53 26.26
N LEU A 667 18.22 3.73 25.85
CA LEU A 667 19.07 2.60 25.50
C LEU A 667 19.49 1.81 26.73
N LEU A 668 19.77 2.51 27.83
CA LEU A 668 20.26 1.85 29.04
C LEU A 668 19.15 1.26 29.89
N SER A 669 17.89 1.54 29.58
CA SER A 669 16.79 0.87 30.26
C SER A 669 16.57 -0.55 29.75
N PHE A 670 17.21 -0.91 28.64
CA PHE A 670 17.04 -2.24 28.07
C PHE A 670 17.95 -3.26 28.75
N ARG A 671 19.15 -2.83 29.16
CA ARG A 671 20.12 -3.75 29.75
C ARG A 671 19.82 -4.08 31.21
N HIS A 672 19.00 -3.28 31.90
CA HIS A 672 18.89 -3.36 33.34
C HIS A 672 17.57 -3.94 33.86
N HIS A 673 16.53 -4.02 33.04
CA HIS A 673 15.23 -4.50 33.52
C HIS A 673 14.85 -5.80 32.83
N LYS A 674 13.88 -6.49 33.42
CA LYS A 674 13.28 -7.66 32.79
C LYS A 674 12.30 -7.23 31.71
N LYS A 675 12.08 -8.12 30.76
CA LYS A 675 11.19 -7.85 29.64
C LYS A 675 9.74 -8.03 30.06
N LEU A 676 8.85 -7.25 29.44
CA LEU A 676 7.43 -7.38 29.73
C LEU A 676 6.96 -8.81 29.48
N GLY A 677 7.33 -9.38 28.34
CA GLY A 677 6.91 -10.73 28.01
C GLY A 677 7.25 -11.74 29.09
N GLU A 678 8.44 -11.63 29.68
CA GLU A 678 8.85 -12.56 30.73
C GLU A 678 7.86 -12.61 31.88
N LYS A 679 6.93 -11.67 31.98
CA LYS A 679 6.06 -11.56 33.14
C LYS A 679 4.58 -11.60 32.81
N ILE A 680 4.17 -11.28 31.58
CA ILE A 680 2.79 -11.37 31.15
C ILE A 680 2.75 -12.22 29.88
N ALA A 681 1.82 -13.16 29.83
CA ALA A 681 1.71 -14.08 28.70
C ALA A 681 0.95 -13.39 27.57
N LEU A 682 1.70 -12.88 26.59
CA LEU A 682 1.08 -12.26 25.42
C LEU A 682 0.69 -13.36 24.44
N LYS A 683 -0.61 -13.49 24.19
CA LYS A 683 -1.14 -14.62 23.42
C LYS A 683 -1.99 -14.11 22.26
N ALA A 684 -1.72 -14.60 21.05
CA ALA A 684 -2.55 -14.30 19.91
C ALA A 684 -3.75 -15.23 19.87
N GLY A 685 -4.89 -14.69 19.47
CA GLY A 685 -6.14 -15.41 19.53
C GLY A 685 -6.32 -16.37 18.37
N MET A 686 -7.56 -16.85 18.24
CA MET A 686 -7.91 -17.77 17.18
C MET A 686 -8.07 -17.04 15.86
N SER A 687 -8.28 -17.83 14.81
CA SER A 687 -8.72 -17.30 13.52
C SER A 687 -9.89 -18.16 13.08
N THR A 688 -11.11 -17.61 13.20
CA THR A 688 -12.31 -18.42 13.05
C THR A 688 -12.41 -19.07 11.68
N GLY A 689 -11.89 -18.41 10.64
CA GLY A 689 -12.05 -18.86 9.28
C GLY A 689 -13.17 -18.15 8.53
N ASP A 690 -14.09 -17.53 9.25
CA ASP A 690 -15.20 -16.80 8.62
C ASP A 690 -15.78 -15.85 9.67
N ASN A 691 -15.53 -14.55 9.52
CA ASN A 691 -16.02 -13.57 10.49
C ASN A 691 -17.48 -13.22 10.28
N ILE A 692 -18.03 -13.47 9.09
CA ILE A 692 -19.45 -13.21 8.86
C ILE A 692 -20.33 -14.38 9.26
N LYS A 693 -19.76 -15.58 9.37
CA LYS A 693 -20.53 -16.76 9.81
C LYS A 693 -20.48 -16.96 11.32
N PHE A 694 -19.31 -16.76 11.92
CA PHE A 694 -19.09 -17.17 13.31
C PHE A 694 -19.17 -16.02 14.31
N GLN A 695 -19.05 -14.77 13.85
CA GLN A 695 -19.04 -13.63 14.74
C GLN A 695 -20.32 -12.82 14.58
N ARG A 696 -20.82 -12.29 15.70
CA ARG A 696 -22.03 -11.48 15.72
C ARG A 696 -21.88 -10.41 16.78
N TYR A 697 -22.63 -9.32 16.63
CA TYR A 697 -22.79 -8.38 17.72
C TYR A 697 -23.72 -8.97 18.76
N TRP A 698 -23.37 -8.82 20.03
CA TRP A 698 -24.07 -9.55 21.08
C TRP A 698 -25.57 -9.30 21.07
N TYR A 699 -26.03 -8.23 20.43
CA TYR A 699 -27.45 -7.91 20.38
C TYR A 699 -28.16 -8.51 19.17
N GLU A 700 -27.41 -9.09 18.22
CA GLU A 700 -28.04 -9.76 17.10
C GLU A 700 -28.73 -11.06 17.52
N VAL A 701 -28.25 -11.69 18.58
CA VAL A 701 -28.72 -13.01 19.00
C VAL A 701 -29.35 -12.91 20.37
N SER A 702 -29.89 -14.03 20.83
CA SER A 702 -30.56 -14.08 22.12
C SER A 702 -29.58 -13.78 23.24
N ILE A 703 -30.10 -13.18 24.31
CA ILE A 703 -29.31 -12.98 25.52
C ILE A 703 -29.23 -14.25 26.34
N LYS A 704 -30.17 -15.18 26.16
CA LYS A 704 -30.06 -16.49 26.80
C LYS A 704 -29.07 -17.39 26.08
N LYS A 705 -28.82 -17.16 24.79
CA LYS A 705 -27.87 -17.94 24.02
C LYS A 705 -26.46 -17.36 24.06
N THR A 706 -26.20 -16.37 24.91
CA THR A 706 -24.87 -15.79 25.05
C THR A 706 -24.36 -15.99 26.47
N LEU A 707 -23.04 -16.12 26.59
CA LEU A 707 -22.41 -16.34 27.88
C LEU A 707 -22.29 -15.02 28.64
N ILE A 708 -23.33 -14.20 28.57
CA ILE A 708 -23.37 -12.93 29.29
C ILE A 708 -24.22 -13.12 30.53
N THR A 709 -23.60 -12.96 31.70
CA THR A 709 -24.30 -13.12 32.97
C THR A 709 -25.20 -11.91 33.20
N ASN A 710 -26.48 -12.07 32.88
CA ASN A 710 -27.45 -10.99 33.01
C ASN A 710 -27.75 -10.73 34.49
N LYS A 711 -28.25 -9.53 34.78
CA LYS A 711 -28.67 -9.17 36.12
C LYS A 711 -30.09 -9.62 36.45
N GLU A 712 -30.81 -10.25 35.51
CA GLU A 712 -32.21 -10.59 35.72
C GLU A 712 -32.56 -12.02 35.32
N SER A 713 -31.57 -12.91 35.20
CA SER A 713 -31.83 -14.31 34.88
C SER A 713 -31.07 -15.17 35.89
N ASN A 714 -31.69 -15.40 37.05
CA ASN A 714 -31.13 -16.30 38.05
C ASN A 714 -31.33 -17.78 37.71
N THR A 715 -32.18 -18.09 36.73
CA THR A 715 -32.30 -19.46 36.25
C THR A 715 -30.99 -19.91 35.62
N LYS A 716 -30.53 -21.11 35.99
CA LYS A 716 -29.17 -21.53 35.71
C LYS A 716 -28.83 -21.38 34.23
N ILE A 717 -27.59 -20.98 33.96
CA ILE A 717 -27.08 -20.82 32.60
C ILE A 717 -26.71 -22.22 32.09
N ASP A 718 -27.58 -22.81 31.27
CA ASP A 718 -27.36 -24.15 30.74
C ASP A 718 -26.24 -24.11 29.71
N ILE A 719 -25.08 -24.66 30.06
CA ILE A 719 -23.89 -24.57 29.21
C ILE A 719 -24.00 -25.53 28.04
N HIS A 720 -25.16 -26.20 27.90
CA HIS A 720 -25.49 -26.88 26.66
C HIS A 720 -26.15 -25.92 25.67
N ASN A 721 -26.96 -24.99 26.17
CA ASN A 721 -27.71 -24.05 25.35
C ASN A 721 -26.89 -22.86 24.88
N ILE A 722 -25.69 -22.65 25.43
CA ILE A 722 -24.91 -21.47 25.11
C ILE A 722 -24.23 -21.65 23.76
N LYS A 723 -24.49 -20.72 22.84
CA LYS A 723 -23.93 -20.74 21.49
C LYS A 723 -23.00 -19.56 21.20
N TRP A 724 -23.22 -18.42 21.84
CA TRP A 724 -22.45 -17.21 21.55
C TRP A 724 -21.70 -16.75 22.79
N PHE A 725 -20.39 -16.53 22.64
CA PHE A 725 -19.53 -16.13 23.72
C PHE A 725 -18.86 -14.81 23.38
N PRO A 726 -18.83 -13.84 24.30
CA PRO A 726 -18.17 -12.56 24.00
C PRO A 726 -16.71 -12.80 23.64
N CYS A 727 -16.23 -12.01 22.68
CA CYS A 727 -14.89 -12.18 22.12
C CYS A 727 -14.22 -10.82 21.98
N SER A 728 -13.10 -10.64 22.67
CA SER A 728 -12.32 -9.40 22.55
C SER A 728 -11.76 -9.32 21.15
N SER A 729 -12.38 -8.50 20.31
CA SER A 729 -12.01 -8.42 18.90
C SER A 729 -11.39 -7.06 18.58
N GLY A 730 -10.32 -6.71 19.28
CA GLY A 730 -9.65 -5.45 19.03
C GLY A 730 -10.59 -4.27 19.11
N GLY A 731 -10.80 -3.58 17.99
CA GLY A 731 -11.63 -2.39 17.97
C GLY A 731 -10.82 -1.13 17.87
N GLU A 732 -11.49 -0.01 18.17
CA GLU A 732 -10.88 1.30 18.06
C GLU A 732 -10.05 1.62 19.30
N TYR A 733 -9.43 2.80 19.29
CA TYR A 733 -8.57 3.19 20.40
C TYR A 733 -9.39 3.35 21.68
N ARG A 734 -8.92 2.72 22.77
CA ARG A 734 -9.62 2.76 24.04
C ARG A 734 -8.70 2.30 25.17
N LYS A 735 -8.68 3.03 26.28
CA LYS A 735 -7.57 2.89 27.22
C LYS A 735 -7.80 1.96 28.41
N TRP A 736 -9.04 1.63 28.79
CA TRP A 736 -9.16 0.89 30.05
C TRP A 736 -10.21 -0.21 30.10
N TYR A 737 -11.26 -0.23 29.28
CA TYR A 737 -12.23 -1.30 29.47
C TYR A 737 -13.05 -1.67 28.24
N GLY A 738 -13.34 -0.70 27.39
CA GLY A 738 -14.37 -0.83 26.36
C GLY A 738 -14.19 -1.88 25.28
N ASN A 739 -14.96 -1.72 24.19
CA ASN A 739 -14.93 -2.58 23.00
C ASN A 739 -15.55 -3.95 23.25
N ASN A 740 -16.42 -4.07 24.25
CA ASN A 740 -17.05 -5.34 24.58
C ASN A 740 -18.35 -5.46 23.76
N GLU A 741 -18.19 -5.85 22.50
CA GLU A 741 -19.28 -5.87 21.53
C GLU A 741 -19.42 -7.16 20.75
N ILE A 742 -18.38 -7.97 20.62
CA ILE A 742 -18.33 -9.05 19.65
C ILE A 742 -18.47 -10.39 20.36
N VAL A 743 -19.43 -11.19 19.91
CA VAL A 743 -19.64 -12.55 20.41
C VAL A 743 -19.38 -13.52 19.25
N VAL A 744 -18.83 -14.69 19.59
CA VAL A 744 -18.45 -15.68 18.60
C VAL A 744 -19.17 -17.00 18.89
N ASN A 745 -19.18 -17.87 17.88
CA ASN A 745 -19.87 -19.16 17.97
C ASN A 745 -18.90 -20.20 18.49
N TRP A 746 -18.94 -20.47 19.80
CA TRP A 746 -18.07 -21.44 20.45
C TRP A 746 -18.87 -22.54 21.13
N GLU A 747 -19.88 -23.05 20.43
CA GLU A 747 -20.74 -24.08 20.99
C GLU A 747 -20.10 -25.45 20.86
N ASN A 748 -20.29 -26.29 21.88
CA ASN A 748 -19.62 -27.59 21.97
C ASN A 748 -18.10 -27.42 21.89
N ASN A 749 -17.59 -26.42 22.62
CA ASN A 749 -16.17 -26.15 22.70
C ASN A 749 -15.56 -25.86 21.33
N GLY A 750 -16.35 -25.29 20.43
CA GLY A 750 -15.89 -24.97 19.10
C GLY A 750 -16.05 -26.06 18.07
N TYR A 751 -17.00 -26.98 18.28
CA TYR A 751 -17.19 -28.08 17.34
C TYR A 751 -17.41 -27.57 15.92
N GLU A 752 -17.88 -26.33 15.77
CA GLU A 752 -18.11 -25.75 14.45
C GLU A 752 -16.82 -25.15 13.89
N ILE A 753 -16.00 -24.54 14.74
CA ILE A 753 -14.82 -23.84 14.26
C ILE A 753 -13.65 -24.80 14.08
N ARG A 754 -13.54 -25.82 14.93
CA ARG A 754 -12.40 -26.74 14.84
C ARG A 754 -12.51 -27.61 13.60
N ASN A 755 -13.69 -28.16 13.36
CA ASN A 755 -13.91 -29.06 12.23
C ASN A 755 -14.20 -28.30 10.94
N PHE A 756 -14.24 -26.98 10.98
CA PHE A 756 -14.47 -26.16 9.80
C PHE A 756 -13.27 -26.28 8.88
N LYS A 757 -13.38 -27.12 7.85
CA LYS A 757 -12.31 -27.32 6.88
C LYS A 757 -12.67 -26.67 5.55
N PHE A 758 -11.69 -26.65 4.65
CA PHE A 758 -11.95 -26.26 3.27
C PHE A 758 -12.73 -27.37 2.58
N GLU A 759 -13.01 -27.17 1.29
CA GLU A 759 -13.72 -28.18 0.52
C GLU A 759 -12.88 -29.40 0.21
N ASN A 760 -11.56 -29.33 0.44
CA ASN A 760 -10.68 -30.46 0.19
C ASN A 760 -10.26 -31.21 1.45
N GLY A 761 -10.27 -30.57 2.62
CA GLY A 761 -9.93 -31.26 3.84
C GLY A 761 -8.90 -30.55 4.69
N LYS A 762 -8.04 -29.76 4.06
CA LYS A 762 -7.11 -28.91 4.81
C LYS A 762 -7.87 -28.03 5.77
N THR A 763 -7.53 -28.10 7.05
CA THR A 763 -8.28 -27.38 8.07
C THR A 763 -8.23 -25.88 7.80
N ARG A 764 -9.38 -25.23 7.98
CA ARG A 764 -9.54 -23.82 7.62
C ARG A 764 -9.39 -22.87 8.80
N SER A 765 -9.93 -23.20 9.96
CA SER A 765 -9.82 -22.35 11.14
C SER A 765 -8.54 -22.65 11.89
N ALA A 766 -8.16 -21.71 12.78
CA ALA A 766 -6.92 -21.78 13.54
C ALA A 766 -7.23 -21.46 15.01
N VAL A 767 -7.77 -22.44 15.72
CA VAL A 767 -8.04 -22.31 17.14
C VAL A 767 -6.71 -22.34 17.89
N ARG A 768 -6.24 -21.17 18.33
CA ARG A 768 -4.99 -21.06 19.07
C ARG A 768 -5.28 -20.66 20.51
N ASN A 769 -4.47 -21.18 21.43
CA ASN A 769 -4.55 -20.82 22.84
C ASN A 769 -5.98 -20.95 23.37
N ASP A 770 -6.68 -21.98 22.89
CA ASP A 770 -8.03 -22.27 23.39
C ASP A 770 -8.03 -22.57 24.88
N GLU A 771 -6.87 -22.75 25.50
CA GLU A 771 -6.80 -22.99 26.94
C GLU A 771 -7.03 -21.71 27.74
N TYR A 772 -6.61 -20.57 27.20
CA TYR A 772 -6.71 -19.30 27.90
C TYR A 772 -8.12 -18.70 27.85
N TYR A 773 -9.06 -19.36 27.17
CA TYR A 773 -10.38 -18.77 26.98
C TYR A 773 -11.12 -18.68 28.31
N PHE A 774 -12.13 -17.82 28.33
CA PHE A 774 -12.98 -17.58 29.49
C PHE A 774 -12.23 -16.96 30.66
N ARG A 775 -10.97 -16.59 30.47
CA ARG A 775 -10.12 -16.14 31.57
C ARG A 775 -10.16 -14.62 31.73
N GLU A 776 -9.68 -14.19 32.89
CA GLU A 776 -9.40 -12.80 33.15
C GLU A 776 -8.06 -12.42 32.53
N GLY A 777 -8.02 -11.25 31.89
CA GLY A 777 -6.77 -10.78 31.32
C GLY A 777 -6.94 -9.39 30.73
N ILE A 778 -5.92 -8.97 29.98
CA ILE A 778 -5.93 -7.69 29.30
C ILE A 778 -5.98 -7.93 27.80
N THR A 779 -6.51 -6.95 27.08
CA THR A 779 -6.65 -7.03 25.64
C THR A 779 -6.25 -5.71 25.02
N TRP A 780 -5.81 -5.77 23.77
CA TRP A 780 -5.47 -4.58 23.00
C TRP A 780 -5.85 -4.81 21.54
N SER A 781 -5.78 -3.74 20.76
CA SER A 781 -6.05 -3.81 19.33
C SER A 781 -4.75 -4.16 18.62
N LYS A 782 -4.63 -5.41 18.17
CA LYS A 782 -3.46 -5.82 17.40
C LYS A 782 -3.22 -4.88 16.24
N ILE A 783 -4.29 -4.47 15.56
CA ILE A 783 -4.21 -3.56 14.42
C ILE A 783 -4.68 -2.20 14.92
N SER A 784 -3.74 -1.35 15.30
CA SER A 784 -4.05 -0.02 15.83
C SER A 784 -3.28 1.01 15.01
N GLN A 785 -4.03 1.89 14.34
CA GLN A 785 -3.41 2.90 13.49
C GLN A 785 -2.53 3.85 14.30
N GLY A 786 -3.06 4.35 15.42
CA GLY A 786 -2.36 5.33 16.22
C GLY A 786 -1.49 4.74 17.30
N ASN A 787 -1.76 5.14 18.55
CA ASN A 787 -0.96 4.69 19.69
C ASN A 787 -1.30 3.28 20.11
N PHE A 788 -0.91 2.89 21.32
CA PHE A 788 -1.15 1.56 21.85
C PHE A 788 -1.87 1.69 23.19
N CYS A 789 -2.61 0.65 23.55
CA CYS A 789 -3.40 0.69 24.77
C CYS A 789 -4.04 -0.68 24.99
N VAL A 790 -4.20 -1.04 26.26
CA VAL A 790 -4.83 -2.31 26.63
C VAL A 790 -6.12 -2.02 27.38
N ARG A 791 -6.84 -3.07 27.75
CA ARG A 791 -8.12 -2.93 28.42
C ARG A 791 -8.33 -4.09 29.38
N TYR A 792 -9.19 -3.87 30.37
CA TYR A 792 -9.51 -4.97 31.26
C TYR A 792 -10.60 -5.83 30.63
N ARG A 793 -10.52 -7.12 30.91
CA ARG A 793 -11.27 -8.14 30.17
C ARG A 793 -11.69 -9.25 31.12
N PRO A 794 -12.87 -9.13 31.72
CA PRO A 794 -13.26 -10.08 32.79
C PRO A 794 -13.46 -11.49 32.29
N LYS A 795 -13.75 -12.42 33.22
CA LYS A 795 -13.95 -13.81 32.86
C LYS A 795 -15.12 -13.94 31.89
N GLY A 796 -15.11 -15.03 31.13
CA GLY A 796 -16.16 -15.29 30.17
C GLY A 796 -15.92 -14.75 28.78
N PHE A 797 -14.68 -14.44 28.43
CA PHE A 797 -14.32 -13.97 27.09
C PHE A 797 -13.50 -15.00 26.33
N VAL A 798 -13.74 -15.08 25.04
CA VAL A 798 -12.80 -15.67 24.09
C VAL A 798 -12.22 -14.54 23.26
N PHE A 799 -11.17 -14.85 22.49
CA PHE A 799 -10.52 -13.81 21.70
C PHE A 799 -9.95 -14.40 20.43
N ASP A 800 -10.01 -13.63 19.35
CA ASP A 800 -9.55 -14.02 18.03
C ASP A 800 -8.23 -13.29 17.73
N ASP A 801 -7.86 -13.22 16.45
CA ASP A 801 -6.57 -12.68 16.08
C ASP A 801 -6.55 -11.16 16.01
N THR A 802 -7.69 -10.53 15.73
CA THR A 802 -7.73 -9.06 15.70
C THR A 802 -7.68 -8.45 17.09
N GLY A 803 -7.90 -9.24 18.14
CA GLY A 803 -7.83 -8.74 19.51
C GLY A 803 -6.96 -9.58 20.43
N ARG A 804 -5.66 -9.35 20.36
CA ARG A 804 -4.71 -10.11 21.16
C ARG A 804 -4.84 -9.75 22.64
N CYS A 805 -4.67 -10.76 23.50
CA CYS A 805 -4.85 -10.60 24.93
C CYS A 805 -3.65 -11.15 25.69
N GLY A 806 -3.29 -10.47 26.77
CA GLY A 806 -2.20 -10.90 27.64
C GLY A 806 -2.75 -11.32 28.98
N PHE A 807 -2.23 -12.42 29.52
CA PHE A 807 -2.68 -12.97 30.78
C PHE A 807 -1.53 -13.14 31.76
N SER A 808 -1.81 -12.83 33.01
CA SER A 808 -0.99 -13.27 34.14
C SER A 808 -1.88 -13.94 35.17
N ASN A 809 -1.26 -14.72 36.04
CA ASN A 809 -2.00 -15.27 37.17
C ASN A 809 -2.10 -14.26 38.29
N ASN A 810 -1.02 -13.53 38.55
CA ASN A 810 -1.04 -12.44 39.52
C ASN A 810 -1.91 -11.31 38.98
N LYS A 811 -3.01 -11.02 39.66
CA LYS A 811 -3.87 -9.91 39.25
C LYS A 811 -3.20 -8.57 39.47
N ASN A 812 -2.24 -8.48 40.39
CA ASN A 812 -1.49 -7.25 40.57
C ASN A 812 -0.53 -7.01 39.40
N GLU A 813 0.23 -8.05 39.02
CA GLU A 813 1.07 -7.94 37.83
C GLU A 813 0.23 -7.72 36.58
N LEU A 814 -0.96 -8.31 36.53
CA LEU A 814 -1.86 -8.07 35.40
C LEU A 814 -2.31 -6.62 35.34
N LEU A 815 -2.60 -6.03 36.51
CA LEU A 815 -3.00 -4.63 36.57
C LEU A 815 -1.80 -3.70 36.40
N TYR A 816 -0.66 -4.06 37.01
CA TYR A 816 0.55 -3.25 36.86
C TYR A 816 0.98 -3.19 35.40
N ALA A 817 0.85 -4.30 34.68
CA ALA A 817 1.13 -4.29 33.24
C ALA A 817 0.06 -3.51 32.49
N ALA A 818 -1.19 -3.57 32.95
CA ALA A 818 -2.27 -2.85 32.30
C ALA A 818 -2.01 -1.35 32.29
N GLY A 819 -1.72 -0.78 33.47
CA GLY A 819 -1.47 0.65 33.55
C GLY A 819 -0.29 1.11 32.72
N LEU A 820 0.73 0.26 32.57
CA LEU A 820 1.86 0.59 31.73
C LEU A 820 1.45 0.66 30.25
N MET A 821 0.87 -0.42 29.73
CA MET A 821 0.52 -0.68 28.33
C MET A 821 -0.49 0.27 27.77
N CYS A 822 -0.82 1.31 28.54
CA CYS A 822 -1.66 2.41 28.09
C CYS A 822 -0.95 3.75 28.17
N THR A 823 0.24 3.78 28.76
CA THR A 823 0.97 5.02 28.94
C THR A 823 1.63 5.42 27.62
N PRO A 824 1.87 6.72 27.42
CA PRO A 824 2.75 7.14 26.32
C PRO A 824 4.14 6.56 26.44
N VAL A 825 4.53 6.12 27.65
CA VAL A 825 5.85 5.51 27.83
C VAL A 825 5.99 4.26 26.99
N VAL A 826 4.90 3.51 26.81
CA VAL A 826 4.96 2.32 25.98
C VAL A 826 5.00 2.70 24.52
N ASN A 827 4.22 3.70 24.11
CA ASN A 827 4.30 4.19 22.74
C ASN A 827 5.63 4.88 22.44
N HIS A 828 6.43 5.17 23.47
CA HIS A 828 7.80 5.60 23.25
C HIS A 828 8.69 4.43 22.89
N TYR A 829 8.43 3.27 23.49
CA TYR A 829 9.22 2.07 23.22
C TYR A 829 8.79 1.40 21.92
N LEU A 830 7.49 1.37 21.65
CA LEU A 830 7.01 0.74 20.42
C LEU A 830 7.38 1.52 19.16
N SER A 831 7.80 2.78 19.29
CA SER A 831 8.33 3.52 18.15
C SER A 831 9.77 3.11 17.83
N ILE A 832 10.50 2.59 18.81
CA ILE A 832 11.87 2.15 18.57
C ILE A 832 11.89 0.76 17.95
N LEU A 833 11.22 -0.20 18.58
CA LEU A 833 11.33 -1.59 18.15
C LEU A 833 10.72 -1.83 16.77
N ALA A 834 9.76 -1.01 16.36
CA ALA A 834 9.18 -1.15 15.02
C ALA A 834 8.17 -0.05 14.72
N PRO A 835 8.50 0.88 13.81
CA PRO A 835 7.54 1.93 13.45
C PRO A 835 6.57 1.49 12.36
N THR A 836 5.45 0.89 12.75
CA THR A 836 4.40 0.53 11.81
C THR A 836 3.04 0.69 12.46
N LEU A 837 2.07 -0.09 11.98
CA LEU A 837 0.76 -0.18 12.62
C LEU A 837 0.54 -1.50 13.35
N SER A 838 1.43 -2.47 13.16
CA SER A 838 1.25 -3.80 13.70
C SER A 838 1.91 -3.88 15.08
N PHE A 839 1.09 -4.07 16.11
CA PHE A 839 1.58 -4.29 17.47
C PHE A 839 1.44 -5.76 17.84
N THR A 840 2.28 -6.58 17.20
CA THR A 840 2.19 -8.03 17.35
C THR A 840 2.81 -8.50 18.66
N SER A 841 3.10 -9.80 18.75
CA SER A 841 3.60 -10.41 19.96
C SER A 841 5.12 -10.51 20.01
N GLY A 842 5.82 -10.08 18.96
CA GLY A 842 7.26 -10.18 18.92
C GLY A 842 7.98 -8.97 19.48
N GLU A 843 7.64 -7.78 18.97
CA GLU A 843 8.29 -6.55 19.42
C GLU A 843 7.80 -6.12 20.79
N LEU A 844 6.51 -6.32 21.07
CA LEU A 844 5.93 -5.88 22.32
C LEU A 844 6.38 -6.73 23.50
N ALA A 845 6.90 -7.93 23.24
CA ALA A 845 7.37 -8.78 24.34
C ALA A 845 8.67 -8.24 24.94
N SER A 846 9.49 -7.56 24.15
CA SER A 846 10.80 -7.10 24.58
C SER A 846 10.75 -5.74 25.28
N VAL A 847 9.57 -5.24 25.62
CA VAL A 847 9.48 -3.93 26.28
C VAL A 847 9.97 -4.06 27.72
N PRO A 848 10.66 -3.06 28.26
CA PRO A 848 11.07 -3.13 29.67
C PRO A 848 9.86 -3.25 30.58
N TYR A 849 10.13 -3.66 31.82
CA TYR A 849 9.04 -3.86 32.77
C TYR A 849 9.62 -3.83 34.18
N PRO A 850 9.59 -2.70 34.86
CA PRO A 850 10.32 -2.56 36.14
C PRO A 850 9.57 -3.28 37.26
N GLU A 851 10.24 -3.34 38.42
CA GLU A 851 9.66 -3.97 39.58
C GLU A 851 8.26 -3.42 39.86
N ILE A 852 7.44 -4.24 40.50
CA ILE A 852 6.04 -3.90 40.72
C ILE A 852 5.96 -2.84 41.81
N GLU A 853 5.54 -1.63 41.47
CA GLU A 853 5.19 -0.63 42.45
C GLU A 853 3.69 -0.65 42.68
N ASP A 854 3.29 -0.50 43.95
CA ASP A 854 1.89 -0.69 44.32
C ASP A 854 1.04 0.55 44.10
N GLU A 855 1.65 1.72 43.90
CA GLU A 855 0.86 2.93 43.66
C GLU A 855 0.20 2.88 42.29
N ILE A 856 0.78 2.17 41.33
CA ILE A 856 0.18 2.08 40.01
C ILE A 856 -1.02 1.15 40.01
N ILE A 857 -0.99 0.09 40.83
CA ILE A 857 -2.07 -0.90 40.80
C ILE A 857 -3.40 -0.29 41.23
N GLU A 858 -3.36 0.72 42.09
CA GLU A 858 -4.59 1.39 42.50
C GLU A 858 -5.00 2.50 41.53
N LEU A 859 -4.03 3.16 40.91
CA LEU A 859 -4.36 4.13 39.87
C LEU A 859 -5.01 3.44 38.67
N VAL A 860 -4.59 2.22 38.34
CA VAL A 860 -5.18 1.49 37.23
C VAL A 860 -6.62 1.10 37.55
N THR A 861 -6.87 0.60 38.76
CA THR A 861 -8.21 0.16 39.12
C THR A 861 -9.19 1.33 39.18
N ASN A 862 -8.77 2.47 39.72
CA ASN A 862 -9.57 3.69 39.54
C ASN A 862 -9.78 3.97 38.06
N ALA A 863 -8.73 3.77 37.25
CA ALA A 863 -8.84 4.03 35.82
C ALA A 863 -9.80 3.05 35.15
N ILE A 864 -9.67 1.76 35.46
CA ILE A 864 -10.50 0.76 34.79
C ILE A 864 -11.97 0.97 35.11
N GLU A 865 -12.30 1.28 36.37
CA GLU A 865 -13.70 1.43 36.71
C GLU A 865 -14.28 2.71 36.15
N ILE A 866 -13.45 3.74 35.91
CA ILE A 866 -13.95 4.93 35.24
C ILE A 866 -14.25 4.64 33.79
N ALA A 867 -13.43 3.78 33.16
CA ALA A 867 -13.63 3.42 31.77
C ALA A 867 -14.67 2.31 31.60
N LYS A 868 -14.85 1.46 32.62
CA LYS A 868 -16.00 0.57 32.62
C LYS A 868 -17.29 1.36 32.76
N ASN A 869 -17.29 2.38 33.63
CA ASN A 869 -18.50 3.16 33.86
C ASN A 869 -18.88 3.98 32.64
N ASP A 870 -17.88 4.49 31.92
CA ASP A 870 -18.16 5.23 30.68
C ASP A 870 -18.75 4.30 29.62
N TRP A 871 -18.17 3.11 29.47
CA TRP A 871 -18.64 2.19 28.44
C TRP A 871 -20.03 1.65 28.77
N ASP A 872 -20.22 1.20 30.02
CA ASP A 872 -21.49 0.63 30.46
C ASP A 872 -22.64 1.64 30.41
N SER A 873 -22.36 2.91 30.14
CA SER A 873 -23.39 3.94 30.08
C SER A 873 -24.15 3.95 28.75
N GLN A 874 -23.76 3.11 27.80
CA GLN A 874 -24.38 3.07 26.48
C GLN A 874 -25.24 1.83 26.35
N GLU A 875 -26.36 1.93 25.63
CA GLU A 875 -27.24 0.79 25.47
C GLU A 875 -26.64 -0.30 24.59
N GLN A 876 -25.43 -0.11 24.06
CA GLN A 876 -24.73 -1.14 23.33
C GLN A 876 -23.89 -2.04 24.23
N SER A 877 -23.71 -1.67 25.50
CA SER A 877 -22.98 -2.50 26.45
C SER A 877 -23.97 -3.41 27.19
N TRP A 878 -23.63 -4.70 27.28
CA TRP A 878 -24.48 -5.61 28.03
C TRP A 878 -24.60 -5.20 29.49
N ASP A 879 -23.58 -4.53 30.05
CA ASP A 879 -23.65 -4.03 31.41
C ASP A 879 -24.35 -2.66 31.45
N TYR A 880 -25.25 -2.43 30.48
CA TYR A 880 -26.05 -1.22 30.46
C TYR A 880 -27.15 -1.31 31.52
N VAL A 881 -27.40 -0.19 32.19
CA VAL A 881 -28.34 -0.13 33.31
C VAL A 881 -29.60 0.61 32.89
N CYS A 882 -29.47 1.92 32.67
CA CYS A 882 -30.58 2.79 32.30
C CYS A 882 -29.99 4.11 31.83
N SER A 883 -30.84 4.95 31.26
CA SER A 883 -30.37 6.20 30.67
C SER A 883 -29.78 7.11 31.75
N PRO A 884 -28.58 7.64 31.55
CA PRO A 884 -27.93 8.45 32.61
C PRO A 884 -28.75 9.65 33.06
N LEU A 885 -29.82 10.00 32.34
CA LEU A 885 -30.70 11.07 32.79
C LEU A 885 -31.53 10.68 34.01
N LEU A 886 -31.74 9.38 34.22
CA LEU A 886 -32.61 8.88 35.26
C LEU A 886 -31.90 8.70 36.60
N GLU A 887 -30.79 9.40 36.82
CA GLU A 887 -30.06 9.33 38.06
C GLU A 887 -30.31 10.52 38.98
N HIS A 888 -30.91 11.59 38.46
CA HIS A 888 -31.09 12.82 39.21
C HIS A 888 -32.54 12.96 39.65
N ASN A 889 -32.84 14.09 40.29
CA ASN A 889 -34.19 14.34 40.79
C ASN A 889 -35.12 14.65 39.61
N SER A 890 -36.29 14.01 39.60
CA SER A 890 -37.27 14.16 38.53
C SER A 890 -38.15 15.40 38.68
N THR A 891 -37.90 16.23 39.70
CA THR A 891 -38.61 17.50 39.82
C THR A 891 -37.86 18.64 39.12
N GLN A 892 -36.55 18.53 38.99
CA GLN A 892 -35.78 19.55 38.30
C GLN A 892 -36.18 19.63 36.83
N LEU A 893 -36.10 20.84 36.28
CA LEU A 893 -36.30 21.02 34.85
C LEU A 893 -35.32 20.14 34.08
N LEU A 894 -35.74 19.67 32.92
CA LEU A 894 -34.89 18.77 32.15
C LEU A 894 -33.73 19.53 31.51
N ARG A 895 -33.97 20.76 31.07
CA ARG A 895 -32.90 21.57 30.51
C ARG A 895 -31.89 21.98 31.56
N ASN A 896 -32.26 21.94 32.84
CA ASN A 896 -31.30 22.11 33.92
C ASN A 896 -30.60 20.80 34.26
N ILE A 897 -31.16 19.66 33.83
CA ILE A 897 -30.53 18.38 34.08
C ILE A 897 -29.44 18.10 33.06
N TYR A 898 -29.59 18.63 31.83
CA TYR A 898 -28.50 18.56 30.86
C TYR A 898 -27.26 19.28 31.37
N LYS A 899 -27.42 20.54 31.81
CA LYS A 899 -26.30 21.26 32.40
C LYS A 899 -25.67 20.47 33.54
N GLN A 900 -26.49 19.77 34.32
CA GLN A 900 -25.97 18.98 35.44
C GLN A 900 -25.09 17.83 34.93
N LYS A 901 -25.47 17.22 33.81
CA LYS A 901 -24.73 16.07 33.31
C LYS A 901 -23.52 16.45 32.47
N ILE A 902 -23.47 17.68 31.96
CA ILE A 902 -22.28 18.11 31.23
C ILE A 902 -21.18 18.50 32.20
N ASN A 903 -21.54 19.10 33.33
CA ASN A 903 -20.56 19.44 34.35
C ASN A 903 -20.05 18.18 35.05
N THR A 904 -20.88 17.13 35.12
CA THR A 904 -20.43 15.87 35.72
C THR A 904 -19.44 15.15 34.81
N ASN A 905 -19.71 15.15 33.50
CA ASN A 905 -18.89 14.40 32.56
C ASN A 905 -17.52 15.05 32.34
N ILE A 906 -17.38 16.34 32.65
CA ILE A 906 -16.08 16.99 32.49
C ILE A 906 -15.18 16.76 33.70
N LYS A 907 -15.77 16.69 34.89
CA LYS A 907 -14.98 16.32 36.07
C LYS A 907 -14.44 14.92 35.96
N LEU A 908 -15.22 14.01 35.37
CA LEU A 908 -14.78 12.64 35.24
C LEU A 908 -13.59 12.52 34.30
N VAL A 909 -13.43 13.48 33.38
CA VAL A 909 -12.30 13.42 32.46
C VAL A 909 -11.01 13.83 33.16
N GLU A 910 -11.07 14.90 33.97
CA GLU A 910 -9.88 15.29 34.72
C GLU A 910 -9.46 14.22 35.74
N THR A 911 -10.44 13.45 36.24
CA THR A 911 -10.10 12.40 37.21
C THR A 911 -9.29 11.29 36.55
N LEU A 912 -9.68 10.88 35.34
CA LEU A 912 -8.90 9.87 34.63
C LEU A 912 -7.60 10.45 34.10
N LEU A 913 -7.60 11.72 33.69
CA LEU A 913 -6.40 12.33 33.13
C LEU A 913 -5.31 12.46 34.18
N LEU A 914 -5.69 12.82 35.41
CA LEU A 914 -4.70 12.87 36.49
C LEU A 914 -4.25 11.48 36.90
N ILE A 915 -5.10 10.47 36.69
CA ILE A 915 -4.70 9.09 36.96
C ILE A 915 -3.76 8.58 35.87
N GLU A 916 -4.01 8.97 34.62
CA GLU A 916 -3.16 8.51 33.53
C GLU A 916 -1.79 9.17 33.57
N ASN A 917 -1.74 10.49 33.79
CA ASN A 917 -0.47 11.18 33.82
C ASN A 917 0.38 10.77 35.02
N THR A 918 -0.25 10.50 36.17
CA THR A 918 0.51 10.01 37.31
C THR A 918 1.10 8.64 37.03
N ILE A 919 0.41 7.82 36.23
CA ILE A 919 0.94 6.53 35.85
C ILE A 919 2.11 6.71 34.88
N ASN A 920 1.99 7.65 33.95
CA ASN A 920 3.08 7.93 33.03
C ASN A 920 4.31 8.40 33.79
N ASN A 921 4.17 9.51 34.52
CA ASN A 921 5.32 10.13 35.15
C ASN A 921 5.94 9.22 36.21
N ILE A 922 5.18 8.29 36.77
CA ILE A 922 5.76 7.32 37.69
C ILE A 922 6.62 6.32 36.94
N PHE A 923 6.10 5.82 35.81
CA PHE A 923 6.88 4.90 34.99
C PHE A 923 8.12 5.58 34.42
N ILE A 924 8.06 6.90 34.25
CA ILE A 924 9.20 7.63 33.71
C ILE A 924 10.33 7.67 34.73
N ASP A 925 9.99 7.82 36.01
CA ASP A 925 11.02 7.90 37.05
C ASP A 925 11.66 6.55 37.32
N LYS A 926 10.86 5.47 37.33
CA LYS A 926 11.43 4.15 37.61
C LYS A 926 12.36 3.70 36.50
N LEU A 927 11.96 3.89 35.25
CA LEU A 927 12.77 3.45 34.11
C LEU A 927 13.90 4.40 33.77
N GLN A 928 14.07 5.47 34.54
CA GLN A 928 15.17 6.41 34.35
C GLN A 928 15.14 6.97 32.92
N LEU A 929 14.02 7.60 32.61
CA LEU A 929 13.76 8.18 31.30
C LEU A 929 13.76 9.69 31.40
N ASP A 930 13.52 10.35 30.26
CA ASP A 930 13.54 11.81 30.17
C ASP A 930 12.11 12.31 29.93
N LYS A 931 11.64 13.20 30.80
CA LYS A 931 10.29 13.73 30.67
C LYS A 931 10.15 14.68 29.49
N THR A 932 11.26 15.19 28.94
CA THR A 932 11.16 16.02 27.75
C THR A 932 10.74 15.19 26.55
N ILE A 933 11.21 13.94 26.49
CA ILE A 933 10.92 13.08 25.33
C ILE A 933 9.51 12.52 25.40
N ILE A 934 9.10 12.05 26.58
CA ILE A 934 7.78 11.45 26.77
C ILE A 934 6.81 12.56 27.16
N LYS A 935 6.00 13.01 26.20
CA LYS A 935 4.97 13.99 26.53
C LYS A 935 3.86 13.35 27.34
N ALA A 936 3.32 14.11 28.28
CA ALA A 936 2.22 13.62 29.09
C ALA A 936 0.94 13.52 28.27
N VAL A 937 -0.11 12.96 28.88
CA VAL A 937 -1.38 12.75 28.20
C VAL A 937 -2.18 14.05 28.21
N LEU A 938 -2.66 14.46 27.04
CA LEU A 938 -3.50 15.64 26.93
C LEU A 938 -4.97 15.29 27.10
N GLN A 939 -5.81 16.32 27.19
CA GLN A 939 -7.24 16.09 27.39
C GLN A 939 -7.86 15.38 26.19
N SER A 940 -7.56 15.84 24.97
CA SER A 940 -8.15 15.23 23.78
C SER A 940 -7.72 13.77 23.57
N GLU A 941 -6.97 13.17 24.51
CA GLU A 941 -6.51 11.79 24.40
C GLU A 941 -7.17 10.87 25.42
N ILE A 942 -8.09 11.36 26.23
CA ILE A 942 -8.79 10.51 27.19
C ILE A 942 -9.86 9.72 26.45
N THR A 943 -9.75 8.39 26.50
CA THR A 943 -10.59 7.51 25.70
C THR A 943 -11.94 7.24 26.36
N LEU A 944 -12.62 8.29 26.80
CA LEU A 944 -13.96 8.19 27.36
C LEU A 944 -14.98 8.77 26.39
N LEU A 945 -16.19 8.21 26.41
CA LEU A 945 -17.25 8.69 25.51
C LEU A 945 -17.93 9.96 26.01
N CYS A 946 -17.73 10.33 27.28
CA CYS A 946 -18.25 11.58 27.80
C CYS A 946 -17.28 12.75 27.63
N ASN A 947 -16.16 12.53 26.93
CA ASN A 947 -15.13 13.54 26.72
C ASN A 947 -15.31 14.15 25.33
N PRO A 948 -15.84 15.37 25.21
CA PRO A 948 -16.14 15.93 23.88
C PRO A 948 -14.90 16.18 23.00
N ASN A 949 -13.70 16.29 23.57
CA ASN A 949 -12.51 16.52 22.76
C ASN A 949 -11.99 15.26 22.08
N TYR A 950 -12.34 14.08 22.59
CA TYR A 950 -11.98 12.82 21.93
C TYR A 950 -13.10 12.26 21.07
N ARG A 951 -14.35 12.40 21.50
CA ARG A 951 -15.48 11.88 20.74
C ARG A 951 -15.77 12.68 19.48
N TYR A 952 -15.29 13.93 19.41
CA TYR A 952 -15.55 14.81 18.26
C TYR A 952 -14.22 15.38 17.77
N LYS A 953 -13.38 14.50 17.21
CA LYS A 953 -12.08 14.92 16.71
C LYS A 953 -12.19 15.95 15.59
N ASN A 954 -13.30 15.98 14.89
CA ASN A 954 -13.42 16.80 13.67
C ASN A 954 -13.65 18.27 14.00
N ILE A 955 -14.68 18.56 14.79
CA ILE A 955 -15.08 19.94 15.06
C ILE A 955 -14.09 20.56 16.06
N GLN A 956 -13.42 21.62 15.62
CA GLN A 956 -12.44 22.34 16.43
C GLN A 956 -13.10 23.41 17.30
N ASP A 957 -14.23 23.94 16.86
CA ASP A 957 -14.89 25.08 17.48
C ASP A 957 -15.34 24.75 18.89
N HIS A 958 -16.02 25.68 19.56
CA HIS A 958 -16.54 25.47 20.89
C HIS A 958 -18.06 25.52 20.94
N THR A 959 -18.70 26.48 20.25
CA THR A 959 -20.15 26.50 20.21
C THR A 959 -20.69 25.38 19.33
N ASP A 960 -19.98 25.04 18.26
CA ASP A 960 -20.37 23.93 17.40
C ASP A 960 -19.92 22.59 17.94
N LEU A 961 -18.97 22.58 18.89
CA LEU A 961 -18.61 21.36 19.59
C LEU A 961 -19.56 21.09 20.76
N THR A 962 -20.18 22.15 21.32
CA THR A 962 -21.17 21.96 22.37
C THR A 962 -22.47 21.42 21.81
N ASN A 963 -23.01 22.09 20.77
CA ASN A 963 -24.28 21.68 20.20
C ASN A 963 -24.23 20.24 19.70
N LYS A 964 -23.08 19.81 19.19
CA LYS A 964 -22.94 18.43 18.71
C LYS A 964 -23.12 17.44 19.85
N TYR A 965 -22.52 17.72 21.01
CA TYR A 965 -22.67 16.83 22.16
C TYR A 965 -24.12 16.82 22.65
N TYR A 966 -24.77 17.99 22.66
CA TYR A 966 -26.18 18.06 23.02
C TYR A 966 -27.04 17.14 22.17
N THR A 967 -26.63 16.88 20.92
CA THR A 967 -27.46 16.10 20.02
C THR A 967 -27.37 14.61 20.30
N ASP A 968 -26.16 14.10 20.56
CA ASP A 968 -26.03 12.67 20.84
C ASP A 968 -26.69 12.29 22.16
N ILE A 969 -26.61 13.17 23.16
CA ILE A 969 -27.32 12.92 24.41
C ILE A 969 -28.82 12.89 24.16
N THR A 970 -29.32 13.85 23.37
CA THR A 970 -30.74 13.82 22.99
C THR A 970 -31.10 12.51 22.32
N ILE A 971 -30.23 12.00 21.46
CA ILE A 971 -30.51 10.75 20.76
C ILE A 971 -30.44 9.57 21.73
N ASP A 972 -29.44 9.58 22.62
CA ASP A 972 -29.25 8.46 23.54
C ASP A 972 -30.48 8.25 24.42
N ILE A 973 -31.13 9.34 24.83
CA ILE A 973 -32.33 9.22 25.65
C ILE A 973 -33.57 8.90 24.82
N LEU A 974 -33.55 9.20 23.52
CA LEU A 974 -34.68 8.86 22.66
C LEU A 974 -34.69 7.38 22.33
N SER A 975 -33.53 6.80 22.02
CA SER A 975 -33.44 5.38 21.75
C SER A 975 -33.77 4.52 22.96
N TYR A 976 -33.75 5.11 24.16
CA TYR A 976 -34.11 4.38 25.38
C TYR A 976 -35.61 4.40 25.62
N ILE A 977 -36.27 5.54 25.37
CA ILE A 977 -37.72 5.60 25.48
C ILE A 977 -38.37 4.65 24.49
N ILE A 978 -37.78 4.53 23.29
CA ILE A 978 -38.27 3.54 22.33
C ILE A 978 -37.90 2.13 22.78
N GLY A 979 -36.72 1.97 23.38
CA GLY A 979 -36.36 0.67 23.93
C GLY A 979 -37.31 0.24 25.04
N CYS A 980 -37.73 1.19 25.88
CA CYS A 980 -38.74 0.92 26.88
C CYS A 980 -40.06 0.53 26.22
N MET A 981 -40.41 1.20 25.13
CA MET A 981 -41.68 0.93 24.46
C MET A 981 -41.69 -0.47 23.89
N MET A 982 -40.60 -0.89 23.26
CA MET A 982 -40.50 -2.23 22.69
C MET A 982 -40.33 -3.31 23.74
N GLY A 983 -40.07 -2.94 24.99
CA GLY A 983 -39.88 -3.92 26.05
C GLY A 983 -38.45 -4.35 26.26
N ARG A 984 -37.48 -3.63 25.69
CA ARG A 984 -36.08 -3.98 25.90
C ARG A 984 -35.57 -3.52 27.25
N TYR A 985 -36.14 -2.45 27.79
CA TYR A 985 -35.76 -1.94 29.10
C TYR A 985 -37.02 -1.56 29.87
N SER A 986 -36.85 -1.27 31.15
CA SER A 986 -37.98 -0.92 32.00
C SER A 986 -37.51 0.00 33.12
N LEU A 987 -38.42 0.87 33.56
CA LEU A 987 -38.15 1.71 34.72
C LEU A 987 -38.26 0.91 36.01
N ASP A 988 -39.05 -0.17 35.99
CA ASP A 988 -39.26 -0.97 37.19
C ASP A 988 -38.11 -1.92 37.45
N ARG A 989 -37.46 -2.42 36.41
CA ARG A 989 -36.39 -3.39 36.53
C ARG A 989 -35.11 -2.84 35.90
N GLU A 990 -34.02 -2.87 36.67
CA GLU A 990 -32.76 -2.31 36.23
C GLU A 990 -32.06 -3.24 35.24
N GLY A 991 -31.46 -2.65 34.21
CA GLY A 991 -30.71 -3.42 33.22
C GLY A 991 -31.55 -3.87 32.05
N LEU A 992 -30.94 -4.73 31.24
CA LEU A 992 -31.64 -5.31 30.11
C LEU A 992 -32.80 -6.17 30.60
N VAL A 993 -33.92 -6.13 29.87
CA VAL A 993 -35.10 -6.97 30.25
C VAL A 993 -35.36 -8.09 29.23
N TYR A 994 -36.06 -7.79 28.14
CA TYR A 994 -36.41 -8.84 27.14
C TYR A 994 -35.48 -8.70 25.93
N ALA A 995 -34.85 -9.81 25.52
CA ALA A 995 -34.00 -9.78 24.30
C ALA A 995 -33.63 -11.19 23.86
N HIS A 996 -34.60 -11.97 23.39
CA HIS A 996 -34.29 -13.30 22.85
C HIS A 996 -35.35 -13.69 21.83
N GLU A 997 -35.08 -14.79 21.13
CA GLU A 997 -35.70 -15.05 19.84
C GLU A 997 -37.21 -15.29 19.94
N GLY A 998 -37.93 -14.79 18.96
CA GLY A 998 -39.31 -15.18 18.74
C GLY A 998 -40.32 -14.70 19.75
N ASN A 999 -40.10 -13.54 20.38
CA ASN A 999 -41.08 -12.95 21.27
C ASN A 999 -41.56 -13.95 22.35
N LYS A 1000 -40.71 -14.91 22.69
CA LYS A 1000 -41.06 -15.90 23.71
C LYS A 1000 -40.91 -15.31 25.10
N GLY A 1001 -41.87 -15.58 25.98
CA GLY A 1001 -41.79 -15.16 27.36
C GLY A 1001 -42.14 -13.71 27.64
N PHE A 1002 -42.50 -12.94 26.61
CA PHE A 1002 -42.87 -11.55 26.84
C PHE A 1002 -44.15 -11.44 27.65
N ALA A 1003 -45.12 -12.32 27.39
CA ALA A 1003 -46.38 -12.28 28.10
C ALA A 1003 -46.23 -12.66 29.57
N GLU A 1004 -45.32 -13.59 29.88
CA GLU A 1004 -45.09 -13.96 31.27
C GLU A 1004 -44.53 -12.80 32.07
N LEU A 1005 -43.90 -11.83 31.41
CA LEU A 1005 -43.38 -10.66 32.11
C LEU A 1005 -44.46 -9.62 32.37
N VAL A 1006 -45.48 -9.57 31.53
CA VAL A 1006 -46.55 -8.60 31.72
C VAL A 1006 -47.39 -8.98 32.94
N ALA A 1007 -47.57 -10.27 33.19
CA ALA A 1007 -48.27 -10.73 34.38
C ALA A 1007 -47.42 -10.63 35.63
N GLU A 1008 -46.12 -10.34 35.49
CA GLU A 1008 -45.24 -10.09 36.61
C GLU A 1008 -45.01 -8.59 36.83
N ASP A 1009 -45.85 -7.75 36.24
CA ASP A 1009 -45.72 -6.29 36.30
C ASP A 1009 -44.28 -5.87 36.06
N ALA A 1010 -43.72 -6.35 34.96
CA ALA A 1010 -42.36 -5.97 34.59
C ALA A 1010 -42.30 -4.57 34.01
N TYR A 1011 -43.42 -4.04 33.53
CA TYR A 1011 -43.45 -2.74 32.88
C TYR A 1011 -44.64 -1.91 33.36
N LYS A 1012 -44.99 -2.01 34.64
CA LYS A 1012 -46.21 -1.35 35.08
C LYS A 1012 -46.09 0.18 35.10
N THR A 1013 -44.86 0.71 35.13
CA THR A 1013 -44.67 2.15 35.14
C THR A 1013 -44.94 2.75 33.77
N PHE A 1014 -44.10 2.39 32.80
CA PHE A 1014 -44.32 2.77 31.41
C PHE A 1014 -44.71 1.53 30.62
N PRO A 1015 -45.94 1.41 30.14
CA PRO A 1015 -46.38 0.17 29.48
C PRO A 1015 -45.56 -0.17 28.25
N ALA A 1016 -45.25 -1.45 28.09
CA ALA A 1016 -44.59 -1.94 26.89
C ALA A 1016 -45.62 -2.23 25.81
N ASP A 1017 -45.34 -1.76 24.59
CA ASP A 1017 -46.36 -1.71 23.54
C ASP A 1017 -46.92 -3.10 23.27
N ASN A 1018 -48.20 -3.12 22.85
CA ASN A 1018 -48.98 -4.35 22.65
C ASN A 1018 -48.48 -5.43 21.69
N ASP A 1019 -48.12 -5.03 20.48
CA ASP A 1019 -47.81 -5.98 19.41
C ASP A 1019 -46.33 -5.89 19.09
N GLY A 1020 -45.64 -4.87 19.59
CA GLY A 1020 -44.31 -4.56 19.12
C GLY A 1020 -44.23 -3.78 17.82
N ILE A 1021 -45.37 -3.38 17.26
CA ILE A 1021 -45.42 -2.56 16.06
C ILE A 1021 -45.66 -1.13 16.52
N LEU A 1022 -44.61 -0.30 16.51
CA LEU A 1022 -44.75 1.11 16.83
C LEU A 1022 -44.92 1.91 15.55
N PRO A 1023 -46.10 2.48 15.28
CA PRO A 1023 -46.26 3.28 14.06
C PRO A 1023 -45.37 4.52 14.07
N LEU A 1024 -44.34 4.52 13.22
CA LEU A 1024 -43.44 5.67 13.10
C LEU A 1024 -43.89 6.53 11.93
N MET A 1025 -44.98 7.26 12.17
CA MET A 1025 -45.64 8.06 11.16
C MET A 1025 -45.47 9.54 11.48
N ASP A 1026 -45.75 10.37 10.49
CA ASP A 1026 -45.64 11.82 10.60
C ASP A 1026 -46.97 12.50 10.93
N ASP A 1027 -47.92 11.75 11.50
CA ASP A 1027 -49.17 12.31 12.00
C ASP A 1027 -49.76 11.31 12.98
N GLU A 1028 -50.33 11.83 14.07
CA GLU A 1028 -50.89 10.97 15.11
C GLU A 1028 -52.17 10.35 14.59
N TRP A 1029 -52.08 9.12 14.09
CA TRP A 1029 -53.25 8.32 13.74
C TRP A 1029 -53.58 7.28 14.81
N PHE A 1030 -52.56 6.65 15.38
CA PHE A 1030 -52.72 5.70 16.48
C PHE A 1030 -52.34 6.35 17.80
N ASP A 1031 -52.85 5.78 18.89
CA ASP A 1031 -52.56 6.28 20.22
C ASP A 1031 -51.29 5.68 20.79
N ASP A 1032 -51.06 4.40 20.56
CA ASP A 1032 -49.76 3.78 20.86
C ASP A 1032 -48.68 4.21 19.85
N ASP A 1033 -48.87 5.34 19.19
CA ASP A 1033 -47.86 5.89 18.30
C ASP A 1033 -46.65 6.35 19.11
N VAL A 1034 -45.47 6.32 18.46
CA VAL A 1034 -44.22 6.57 19.18
C VAL A 1034 -44.24 7.95 19.85
N THR A 1035 -44.40 8.99 19.04
CA THR A 1035 -44.41 10.35 19.59
C THR A 1035 -45.37 10.46 20.76
N SER A 1036 -46.61 9.98 20.58
CA SER A 1036 -47.59 10.00 21.65
C SER A 1036 -46.99 9.46 22.94
N ARG A 1037 -46.27 8.34 22.83
CA ARG A 1037 -45.73 7.67 24.00
C ARG A 1037 -44.50 8.38 24.58
N VAL A 1038 -43.75 9.09 23.74
CA VAL A 1038 -42.62 9.87 24.26
C VAL A 1038 -43.13 10.99 25.15
N LYS A 1039 -44.11 11.75 24.67
CA LYS A 1039 -44.78 12.74 25.51
C LYS A 1039 -45.29 12.08 26.78
N GLU A 1040 -45.93 10.92 26.65
CA GLU A 1040 -46.34 10.16 27.82
C GLU A 1040 -45.15 9.77 28.69
N PHE A 1041 -43.95 9.73 28.12
CA PHE A 1041 -42.77 9.34 28.90
C PHE A 1041 -42.26 10.50 29.75
N VAL A 1042 -42.21 11.70 29.18
CA VAL A 1042 -41.70 12.85 29.92
C VAL A 1042 -42.69 13.28 30.99
N ARG A 1043 -43.98 13.26 30.67
CA ARG A 1043 -45.01 13.49 31.69
C ARG A 1043 -44.91 12.48 32.81
N THR A 1044 -44.50 11.25 32.48
CA THR A 1044 -44.44 10.17 33.46
C THR A 1044 -43.19 10.23 34.32
N VAL A 1045 -42.18 11.00 33.95
CA VAL A 1045 -40.91 11.03 34.65
C VAL A 1045 -40.65 12.39 35.29
N TRP A 1046 -40.72 13.45 34.50
CA TRP A 1046 -40.33 14.78 34.96
C TRP A 1046 -41.51 15.66 35.29
N GLY A 1047 -42.72 15.11 35.25
CA GLY A 1047 -43.85 15.81 35.80
C GLY A 1047 -44.65 16.61 34.80
N GLU A 1048 -45.98 16.54 34.92
CA GLU A 1048 -46.85 17.43 34.17
C GLU A 1048 -46.53 18.89 34.46
N GLU A 1049 -45.87 19.16 35.59
CA GLU A 1049 -45.47 20.51 35.94
C GLU A 1049 -44.44 21.06 34.96
N HIS A 1050 -43.48 20.22 34.55
CA HIS A 1050 -42.41 20.64 33.66
C HIS A 1050 -42.55 20.04 32.27
N LEU A 1051 -43.70 19.45 31.95
CA LEU A 1051 -43.86 18.77 30.67
C LEU A 1051 -43.55 19.68 29.49
N GLN A 1052 -43.97 20.95 29.57
CA GLN A 1052 -43.82 21.82 28.41
C GLN A 1052 -42.43 22.45 28.36
N GLU A 1053 -41.89 22.88 29.50
CA GLU A 1053 -40.50 23.34 29.50
C GLU A 1053 -39.56 22.22 29.10
N ASN A 1054 -39.89 20.97 29.47
CA ASN A 1054 -39.05 19.84 29.12
C ASN A 1054 -39.20 19.45 27.65
N LEU A 1055 -40.42 19.55 27.12
CA LEU A 1055 -40.66 19.16 25.74
C LEU A 1055 -40.19 20.25 24.77
N GLU A 1056 -40.47 21.51 25.08
CA GLU A 1056 -39.97 22.60 24.25
C GLU A 1056 -38.45 22.54 24.13
N PHE A 1057 -37.76 22.03 25.15
CA PHE A 1057 -36.31 21.98 25.14
C PHE A 1057 -35.77 20.82 24.31
N ILE A 1058 -36.59 19.80 24.04
CA ILE A 1058 -36.11 18.71 23.19
C ILE A 1058 -36.15 19.11 21.73
N ALA A 1059 -37.04 20.04 21.36
CA ALA A 1059 -37.05 20.55 20.00
C ALA A 1059 -35.89 21.50 19.75
N GLU A 1060 -35.45 22.22 20.79
CA GLU A 1060 -34.30 23.11 20.64
C GLU A 1060 -33.03 22.31 20.36
N SER A 1061 -32.86 21.17 21.02
CA SER A 1061 -31.64 20.39 20.89
C SER A 1061 -31.62 19.55 19.63
N LEU A 1062 -32.78 19.22 19.07
CA LEU A 1062 -32.81 18.40 17.87
C LEU A 1062 -32.51 19.22 16.63
N CYS A 1063 -33.06 20.43 16.55
CA CYS A 1063 -32.84 21.30 15.39
C CYS A 1063 -31.45 21.91 15.36
N LEU A 1064 -30.64 21.69 16.40
CA LEU A 1064 -29.28 22.22 16.43
C LEU A 1064 -28.47 21.66 15.25
N TYR A 1065 -28.12 20.39 15.34
CA TYR A 1065 -27.34 19.72 14.29
C TYR A 1065 -28.11 18.63 13.57
N ALA A 1066 -28.92 17.85 14.28
CA ALA A 1066 -29.58 16.69 13.68
C ALA A 1066 -30.38 17.08 12.45
N ILE A 1067 -31.24 18.09 12.58
CA ILE A 1067 -32.17 18.49 11.54
C ILE A 1067 -32.23 20.01 11.47
N LYS A 1068 -33.11 20.52 10.61
CA LYS A 1068 -33.26 21.94 10.35
C LYS A 1068 -34.61 22.44 10.83
N PRO A 1069 -34.67 23.67 11.35
CA PRO A 1069 -35.92 24.16 11.92
C PRO A 1069 -36.92 24.57 10.85
N LYS A 1070 -38.15 24.77 11.31
CA LYS A 1070 -39.21 25.43 10.55
C LYS A 1070 -39.80 26.53 11.41
N LYS A 1071 -40.28 27.59 10.77
CA LYS A 1071 -41.06 28.58 11.50
C LYS A 1071 -42.35 27.94 12.00
N GLY A 1072 -42.71 28.25 13.25
CA GLY A 1072 -43.96 27.77 13.82
C GLY A 1072 -44.27 26.29 13.83
N GLU A 1073 -43.23 25.46 13.96
CA GLU A 1073 -43.31 24.00 13.96
C GLU A 1073 -43.30 23.75 15.46
N SER A 1074 -44.43 23.32 16.00
CA SER A 1074 -44.58 23.12 17.44
C SER A 1074 -43.56 22.11 17.94
N ALA A 1075 -43.25 22.18 19.24
CA ALA A 1075 -42.25 21.28 19.81
C ALA A 1075 -42.63 19.82 19.61
N LEU A 1076 -43.93 19.51 19.57
CA LEU A 1076 -44.35 18.13 19.39
C LEU A 1076 -44.20 17.68 17.94
N ASP A 1077 -44.61 18.52 16.99
CA ASP A 1077 -44.37 18.22 15.58
C ASP A 1077 -42.87 18.19 15.28
N THR A 1078 -42.05 18.86 16.09
CA THR A 1078 -40.60 18.81 15.89
C THR A 1078 -40.04 17.44 16.24
N ILE A 1079 -40.59 16.79 17.26
CA ILE A 1079 -40.09 15.49 17.68
C ILE A 1079 -40.62 14.39 16.77
N ARG A 1080 -41.89 14.51 16.36
CA ARG A 1080 -42.44 13.56 15.40
C ARG A 1080 -41.71 13.64 14.06
N ARG A 1081 -41.18 14.82 13.73
CA ARG A 1081 -40.48 14.96 12.45
C ARG A 1081 -39.11 14.27 12.51
N TYR A 1082 -38.35 14.51 13.58
CA TYR A 1082 -37.09 13.79 13.74
C TYR A 1082 -37.29 12.28 13.63
N LEU A 1083 -38.33 11.77 14.28
CA LEU A 1083 -38.53 10.33 14.39
C LEU A 1083 -38.75 9.70 13.01
N SER A 1084 -39.73 10.20 12.27
CA SER A 1084 -40.11 9.60 11.00
C SER A 1084 -39.13 9.89 9.87
N THR A 1085 -38.10 10.70 10.11
CA THR A 1085 -37.13 11.02 9.07
C THR A 1085 -35.70 10.70 9.48
N GLN A 1086 -35.25 11.18 10.64
CA GLN A 1086 -33.85 11.12 11.01
C GLN A 1086 -33.52 10.01 11.99
N PHE A 1087 -34.51 9.44 12.68
CA PHE A 1087 -34.20 8.47 13.72
C PHE A 1087 -33.70 7.16 13.12
N TRP A 1088 -34.37 6.68 12.07
CA TRP A 1088 -33.90 5.46 11.41
C TRP A 1088 -32.44 5.59 11.01
N LYS A 1089 -32.07 6.75 10.45
CA LYS A 1089 -30.66 7.01 10.16
C LYS A 1089 -29.81 6.80 11.40
N ASP A 1090 -30.17 7.47 12.50
CA ASP A 1090 -29.35 7.44 13.71
C ASP A 1090 -29.34 6.07 14.36
N HIS A 1091 -30.40 5.26 14.18
CA HIS A 1091 -30.35 3.92 14.75
C HIS A 1091 -29.53 2.98 13.86
N MET A 1092 -29.57 3.18 12.54
CA MET A 1092 -28.60 2.56 11.65
C MET A 1092 -27.19 2.78 12.16
N LYS A 1093 -26.80 4.05 12.31
CA LYS A 1093 -25.48 4.38 12.82
C LYS A 1093 -25.25 3.80 14.21
N MET A 1094 -26.31 3.73 15.03
CA MET A 1094 -26.12 3.48 16.44
C MET A 1094 -25.85 2.01 16.74
N TYR A 1095 -26.35 1.09 15.93
CA TYR A 1095 -26.08 -0.33 16.07
C TYR A 1095 -25.19 -0.87 14.95
N LYS A 1096 -24.62 -0.01 14.13
CA LYS A 1096 -23.71 -0.43 13.06
C LYS A 1096 -24.46 -1.24 12.01
N LYS A 1097 -25.51 -0.65 11.42
CA LYS A 1097 -26.34 -1.29 10.39
C LYS A 1097 -26.91 -2.65 10.77
N ARG A 1098 -26.85 -3.03 12.05
CA ARG A 1098 -27.46 -4.30 12.45
C ARG A 1098 -28.63 -4.02 13.38
N PRO A 1099 -29.65 -3.32 12.91
CA PRO A 1099 -30.65 -2.77 13.84
C PRO A 1099 -31.41 -3.85 14.58
N ILE A 1100 -31.84 -3.51 15.79
CA ILE A 1100 -32.76 -4.35 16.55
C ILE A 1100 -34.21 -3.88 16.39
N TYR A 1101 -34.43 -2.63 16.00
CA TYR A 1101 -35.76 -2.14 15.65
C TYR A 1101 -35.78 -1.95 14.14
N TRP A 1102 -36.42 -2.87 13.42
CA TRP A 1102 -36.40 -2.78 11.96
C TRP A 1102 -37.52 -1.87 11.49
N LEU A 1103 -37.24 -1.12 10.43
CA LEU A 1103 -38.17 -0.13 9.89
C LEU A 1103 -38.79 -0.70 8.61
N PHE A 1104 -40.05 -1.10 8.70
CA PHE A 1104 -40.82 -1.42 7.51
C PHE A 1104 -41.40 -0.15 6.91
N SER A 1105 -41.42 -0.08 5.58
CA SER A 1105 -41.83 1.12 4.88
C SER A 1105 -42.78 0.77 3.74
N SER A 1106 -43.96 1.41 3.73
CA SER A 1106 -44.88 1.24 2.61
C SER A 1106 -44.22 1.66 1.31
N GLY A 1107 -43.43 2.73 1.34
CA GLY A 1107 -42.74 3.23 0.16
C GLY A 1107 -41.94 4.47 0.47
N LYS A 1108 -41.93 5.43 -0.44
CA LYS A 1108 -41.17 6.66 -0.26
C LYS A 1108 -42.07 7.89 -0.13
N GLU A 1109 -43.39 7.73 -0.29
CA GLU A 1109 -44.32 8.72 0.22
C GLU A 1109 -44.38 8.71 1.74
N LYS A 1110 -43.91 7.63 2.37
CA LYS A 1110 -44.12 7.40 3.79
C LYS A 1110 -45.61 7.26 4.08
N ALA A 1111 -46.24 6.30 3.37
CA ALA A 1111 -47.66 6.04 3.53
C ALA A 1111 -47.94 5.16 4.75
N PHE A 1112 -46.98 4.32 5.15
CA PHE A 1112 -47.04 3.64 6.43
C PHE A 1112 -45.66 3.13 6.79
N GLU A 1113 -45.14 3.59 7.92
CA GLU A 1113 -43.86 3.18 8.47
C GLU A 1113 -44.05 2.78 9.92
N CYS A 1114 -43.35 1.74 10.35
CA CYS A 1114 -43.50 1.26 11.72
C CYS A 1114 -42.23 0.54 12.15
N LEU A 1115 -41.93 0.67 13.44
CA LEU A 1115 -40.77 0.01 14.03
C LEU A 1115 -41.17 -1.35 14.60
N VAL A 1116 -40.27 -2.32 14.47
CA VAL A 1116 -40.53 -3.69 14.91
C VAL A 1116 -39.28 -4.22 15.61
N TYR A 1117 -39.43 -4.68 16.86
CA TYR A 1117 -38.32 -5.21 17.62
C TYR A 1117 -37.89 -6.56 17.05
N LEU A 1118 -36.64 -6.64 16.59
CA LEU A 1118 -36.14 -7.86 15.96
C LEU A 1118 -36.45 -9.09 16.80
N HIS A 1119 -36.11 -9.03 18.09
CA HIS A 1119 -36.27 -10.21 18.94
C HIS A 1119 -37.74 -10.65 19.00
N ARG A 1120 -38.66 -9.69 18.99
CA ARG A 1120 -40.07 -9.96 19.23
C ARG A 1120 -40.81 -10.37 17.95
N TYR A 1121 -40.11 -11.00 17.01
CA TYR A 1121 -40.70 -11.37 15.74
C TYR A 1121 -40.97 -12.88 15.68
N ASN A 1122 -42.14 -13.23 15.14
CA ASN A 1122 -42.53 -14.60 14.92
C ASN A 1122 -43.27 -14.69 13.58
N ASP A 1123 -43.80 -15.88 13.29
CA ASP A 1123 -44.42 -16.12 11.99
C ASP A 1123 -45.58 -15.17 11.74
N ALA A 1124 -46.41 -14.93 12.75
CA ALA A 1124 -47.66 -14.18 12.55
C ALA A 1124 -47.51 -12.68 12.76
N THR A 1125 -46.28 -12.15 12.80
CA THR A 1125 -46.11 -10.72 13.03
C THR A 1125 -46.63 -9.91 11.84
N LEU A 1126 -46.16 -10.23 10.63
CA LEU A 1126 -46.67 -9.55 9.44
C LEU A 1126 -48.20 -9.62 9.36
N ALA A 1127 -48.78 -10.68 9.90
CA ALA A 1127 -50.24 -10.80 9.89
C ALA A 1127 -50.89 -9.70 10.71
N ARG A 1128 -50.41 -9.48 11.95
CA ARG A 1128 -51.02 -8.44 12.79
C ARG A 1128 -50.74 -7.05 12.23
N MET A 1129 -49.54 -6.84 11.68
CA MET A 1129 -49.26 -5.53 11.08
C MET A 1129 -50.26 -5.21 9.97
N ARG A 1130 -50.76 -6.23 9.27
CA ARG A 1130 -51.76 -6.02 8.23
C ARG A 1130 -53.17 -5.94 8.80
N THR A 1131 -53.47 -6.71 9.85
CA THR A 1131 -54.83 -6.76 10.38
C THR A 1131 -55.22 -5.44 11.03
N GLU A 1132 -54.45 -5.00 12.04
CA GLU A 1132 -54.84 -3.90 12.90
C GLU A 1132 -54.17 -2.58 12.53
N TYR A 1133 -53.50 -2.51 11.38
CA TYR A 1133 -52.80 -1.28 11.01
C TYR A 1133 -53.00 -0.94 9.54
N VAL A 1134 -52.49 -1.78 8.64
CA VAL A 1134 -52.59 -1.48 7.22
C VAL A 1134 -54.04 -1.46 6.77
N VAL A 1135 -54.89 -2.28 7.38
CA VAL A 1135 -56.30 -2.36 7.01
C VAL A 1135 -57.07 -1.21 7.66
N PRO A 1136 -56.98 -1.04 8.98
CA PRO A 1136 -57.71 0.07 9.63
C PRO A 1136 -57.30 1.44 9.12
N LEU A 1137 -56.10 1.59 8.57
CA LEU A 1137 -55.65 2.88 8.11
C LEU A 1137 -56.22 3.22 6.73
N LEU A 1138 -56.51 2.21 5.92
CA LEU A 1138 -57.04 2.48 4.59
C LEU A 1138 -58.51 2.86 4.63
N ALA A 1139 -59.24 2.41 5.65
CA ALA A 1139 -60.62 2.86 5.84
C ALA A 1139 -60.69 4.24 6.48
N ARG A 1140 -59.60 4.70 7.10
CA ARG A 1140 -59.52 6.08 7.57
C ARG A 1140 -59.21 7.03 6.42
N TYR A 1141 -58.23 6.66 5.60
CA TYR A 1141 -57.88 7.47 4.44
C TYR A 1141 -59.09 7.73 3.57
N GLN A 1142 -59.91 6.70 3.35
CA GLN A 1142 -61.10 6.87 2.52
C GLN A 1142 -62.14 7.73 3.24
N ALA A 1143 -62.35 7.50 4.53
CA ALA A 1143 -63.31 8.28 5.29
C ALA A 1143 -62.90 9.73 5.42
N ASN A 1144 -61.61 10.03 5.22
CA ASN A 1144 -61.14 11.41 5.25
C ASN A 1144 -60.97 12.01 3.86
N ILE A 1145 -60.76 11.18 2.84
CA ILE A 1145 -60.64 11.72 1.49
C ILE A 1145 -61.99 12.11 0.93
N ASP A 1146 -63.07 11.47 1.38
CA ASP A 1146 -64.42 11.89 1.00
C ASP A 1146 -64.85 13.12 1.78
N ARG A 1147 -64.28 13.35 2.97
CA ARG A 1147 -64.58 14.56 3.72
C ARG A 1147 -63.74 15.74 3.28
N LEU A 1148 -62.60 15.49 2.61
CA LEU A 1148 -61.78 16.57 2.06
C LEU A 1148 -62.23 16.98 0.68
N ASN A 1149 -62.93 16.12 -0.04
CA ASN A 1149 -63.50 16.48 -1.33
C ASN A 1149 -64.77 17.30 -1.19
N GLU A 1150 -65.32 17.39 0.02
CA GLU A 1150 -66.41 18.30 0.34
C GLU A 1150 -65.92 19.71 0.56
N GLN A 1151 -64.62 19.88 0.81
CA GLN A 1151 -64.08 21.11 1.37
C GLN A 1151 -63.32 21.96 0.36
N VAL A 1152 -62.72 21.34 -0.66
CA VAL A 1152 -62.09 22.11 -1.73
C VAL A 1152 -63.13 22.94 -2.48
N ASP A 1153 -64.33 22.38 -2.65
CA ASP A 1153 -65.37 23.06 -3.40
C ASP A 1153 -65.90 24.27 -2.65
N GLY A 1154 -66.14 24.13 -1.34
CA GLY A 1154 -66.71 25.16 -0.50
C GLY A 1154 -65.78 26.31 -0.17
N ALA A 1155 -64.58 26.32 -0.71
CA ALA A 1155 -63.61 27.38 -0.47
C ALA A 1155 -63.26 28.09 -1.76
N SER A 1156 -63.13 29.41 -1.67
CA SER A 1156 -62.62 30.27 -2.73
C SER A 1156 -61.60 31.22 -2.13
N GLY A 1157 -61.01 32.06 -2.97
CA GLY A 1157 -59.92 32.87 -2.50
C GLY A 1157 -58.69 32.01 -2.24
N GLY A 1158 -57.84 32.50 -1.34
CA GLY A 1158 -56.58 31.84 -1.06
C GLY A 1158 -56.69 30.55 -0.28
N GLU A 1159 -57.85 30.25 0.30
CA GLU A 1159 -57.99 29.07 1.15
C GLU A 1159 -58.28 27.80 0.36
N ALA A 1160 -59.10 27.89 -0.69
CA ALA A 1160 -59.34 26.74 -1.55
C ALA A 1160 -58.02 26.18 -2.08
N THR A 1161 -57.09 27.07 -2.44
CA THR A 1161 -55.76 26.62 -2.86
C THR A 1161 -55.06 25.89 -1.73
N ARG A 1162 -55.24 26.35 -0.50
CA ARG A 1162 -54.54 25.77 0.64
C ARG A 1162 -55.00 24.35 0.94
N LEU A 1163 -56.26 24.03 0.65
CA LEU A 1163 -56.77 22.71 0.96
C LEU A 1163 -56.46 21.69 -0.13
N LYS A 1164 -56.22 22.17 -1.36
CA LYS A 1164 -55.92 21.26 -2.46
C LYS A 1164 -54.62 20.51 -2.19
N ARG A 1165 -53.57 21.25 -1.78
CA ARG A 1165 -52.27 20.64 -1.56
C ARG A 1165 -52.29 19.59 -0.47
N GLU A 1166 -53.34 19.55 0.35
CA GLU A 1166 -53.44 18.57 1.42
C GLU A 1166 -54.23 17.33 1.02
N ARG A 1167 -55.17 17.48 0.08
CA ARG A 1167 -55.80 16.29 -0.51
C ARG A 1167 -54.86 15.61 -1.49
N ASP A 1168 -53.93 16.37 -2.06
CA ASP A 1168 -52.99 15.81 -3.03
C ASP A 1168 -51.93 14.96 -2.33
N SER A 1169 -51.40 15.44 -1.20
CA SER A 1169 -50.36 14.69 -0.50
C SER A 1169 -50.94 13.44 0.16
N LEU A 1170 -52.23 13.44 0.48
CA LEU A 1170 -52.84 12.31 1.17
C LEU A 1170 -53.31 11.22 0.22
N SER A 1171 -53.57 11.56 -1.05
CA SER A 1171 -54.05 10.56 -2.00
C SER A 1171 -52.91 9.67 -2.51
N LYS A 1172 -51.73 10.26 -2.74
CA LYS A 1172 -50.58 9.47 -3.15
C LYS A 1172 -50.17 8.46 -2.08
N LYS A 1173 -50.55 8.71 -0.83
CA LYS A 1173 -50.32 7.75 0.27
C LYS A 1173 -51.34 6.62 0.29
N PHE A 1174 -52.47 6.77 -0.40
CA PHE A 1174 -53.44 5.69 -0.47
C PHE A 1174 -53.09 4.67 -1.53
N ASN A 1175 -52.46 5.10 -2.63
CA ASN A 1175 -52.03 4.17 -3.66
C ASN A 1175 -50.78 3.39 -3.24
N GLU A 1176 -49.84 4.08 -2.60
CA GLU A 1176 -48.65 3.40 -2.08
C GLU A 1176 -49.02 2.34 -1.06
N LEU A 1177 -49.84 2.71 -0.07
CA LEU A 1177 -50.28 1.75 0.93
C LEU A 1177 -51.13 0.64 0.32
N ARG A 1178 -51.73 0.89 -0.84
CA ARG A 1178 -52.42 -0.16 -1.56
C ARG A 1178 -51.44 -1.07 -2.30
N SER A 1179 -50.30 -0.52 -2.75
CA SER A 1179 -49.26 -1.33 -3.36
C SER A 1179 -48.31 -1.92 -2.32
N PHE A 1180 -48.31 -1.39 -1.10
CA PHE A 1180 -47.60 -2.03 0.01
C PHE A 1180 -48.42 -3.10 0.70
N ASP A 1181 -49.75 -3.04 0.57
CA ASP A 1181 -50.59 -4.07 1.17
C ASP A 1181 -50.61 -5.33 0.33
N ASP A 1182 -50.73 -5.19 -0.99
CA ASP A 1182 -50.67 -6.36 -1.87
C ASP A 1182 -49.31 -7.05 -1.82
N ARG A 1183 -48.25 -6.34 -1.42
CA ARG A 1183 -46.96 -6.98 -1.19
C ARG A 1183 -46.80 -7.47 0.25
N LEU A 1184 -47.54 -6.89 1.19
CA LEU A 1184 -47.61 -7.45 2.53
C LEU A 1184 -48.65 -8.56 2.63
N ARG A 1185 -49.62 -8.60 1.72
CA ARG A 1185 -50.49 -9.76 1.58
C ARG A 1185 -49.75 -10.95 0.99
N HIS A 1186 -48.60 -10.71 0.35
CA HIS A 1186 -47.82 -11.80 -0.23
C HIS A 1186 -46.83 -12.39 0.76
N TYR A 1187 -46.10 -11.54 1.49
CA TYR A 1187 -45.11 -12.02 2.44
C TYR A 1187 -45.69 -12.38 3.79
N ALA A 1188 -46.93 -11.97 4.07
CA ALA A 1188 -47.62 -12.36 5.29
C ALA A 1188 -48.27 -13.73 5.19
N ASP A 1189 -48.80 -14.09 4.02
CA ASP A 1189 -49.29 -15.44 3.79
C ASP A 1189 -48.17 -16.46 3.82
N MET A 1190 -46.91 -16.01 3.74
CA MET A 1190 -45.76 -16.90 3.74
C MET A 1190 -45.39 -17.36 5.14
N ARG A 1191 -45.78 -16.62 6.16
CA ARG A 1191 -45.38 -16.87 7.55
C ARG A 1191 -43.90 -17.23 7.64
N ILE A 1192 -43.07 -16.24 7.26
CA ILE A 1192 -41.63 -16.40 7.35
C ILE A 1192 -41.21 -16.37 8.81
N SER A 1193 -40.38 -17.33 9.21
CA SER A 1193 -39.85 -17.39 10.57
C SER A 1193 -38.33 -17.28 10.51
N ILE A 1194 -37.77 -16.48 11.39
CA ILE A 1194 -36.35 -16.13 11.37
C ILE A 1194 -35.61 -16.93 12.44
N ASP A 1195 -34.32 -17.13 12.21
CA ASP A 1195 -33.40 -17.65 13.22
C ASP A 1195 -32.45 -16.52 13.58
N LEU A 1196 -32.54 -16.02 14.82
CA LEU A 1196 -31.72 -14.90 15.22
C LEU A 1196 -30.23 -15.21 15.06
N ASP A 1197 -29.84 -16.49 15.17
CA ASP A 1197 -28.44 -16.86 15.03
C ASP A 1197 -27.90 -16.52 13.65
N ASP A 1198 -28.76 -16.50 12.63
CA ASP A 1198 -28.31 -16.27 11.25
C ASP A 1198 -27.72 -14.88 11.06
N GLY A 1199 -27.80 -14.01 12.07
CA GLY A 1199 -27.35 -12.64 11.91
C GLY A 1199 -28.44 -11.75 11.36
N VAL A 1200 -28.12 -10.46 11.28
CA VAL A 1200 -29.09 -9.47 10.82
C VAL A 1200 -28.89 -9.17 9.35
N LYS A 1201 -27.66 -9.31 8.86
CA LYS A 1201 -27.43 -9.16 7.43
C LYS A 1201 -28.25 -10.17 6.63
N VAL A 1202 -28.39 -11.38 7.15
CA VAL A 1202 -29.02 -12.46 6.40
C VAL A 1202 -30.54 -12.32 6.44
N ASN A 1203 -31.11 -12.08 7.63
CA ASN A 1203 -32.56 -12.00 7.75
C ASN A 1203 -33.14 -10.80 7.02
N TYR A 1204 -32.37 -9.73 6.89
CA TYR A 1204 -32.93 -8.49 6.35
C TYR A 1204 -33.23 -8.58 4.86
N GLY A 1205 -32.63 -9.54 4.15
CA GLY A 1205 -32.91 -9.74 2.74
C GLY A 1205 -33.99 -10.76 2.44
N LYS A 1206 -34.41 -11.54 3.44
CA LYS A 1206 -35.47 -12.51 3.23
C LYS A 1206 -36.81 -11.86 2.91
N PHE A 1207 -36.96 -10.58 3.24
CA PHE A 1207 -38.24 -9.89 3.12
C PHE A 1207 -38.34 -9.02 1.86
N GLY A 1208 -37.42 -9.19 0.92
CA GLY A 1208 -37.42 -8.37 -0.27
C GLY A 1208 -37.42 -6.89 0.02
N ASP A 1209 -38.44 -6.18 -0.46
CA ASP A 1209 -38.52 -4.73 -0.36
C ASP A 1209 -39.59 -4.27 0.63
N LEU A 1210 -39.99 -5.12 1.57
CA LEU A 1210 -40.88 -4.65 2.63
C LEU A 1210 -40.15 -3.74 3.60
N LEU A 1211 -38.83 -3.88 3.73
CA LEU A 1211 -38.05 -3.13 4.69
C LEU A 1211 -37.38 -1.92 4.03
N ALA A 1212 -36.65 -1.16 4.83
CA ALA A 1212 -36.00 0.06 4.38
C ALA A 1212 -34.49 -0.13 4.36
N ASP A 1213 -33.84 0.44 3.35
CA ASP A 1213 -32.38 0.40 3.21
C ASP A 1213 -31.87 -1.03 3.14
N VAL A 1214 -32.64 -1.92 2.49
CA VAL A 1214 -32.27 -3.32 2.42
C VAL A 1214 -30.89 -3.52 1.81
N LYS A 1215 -30.47 -2.62 0.91
CA LYS A 1215 -29.14 -2.73 0.34
C LYS A 1215 -28.08 -2.03 1.18
N ALA A 1216 -28.43 -0.92 1.84
CA ALA A 1216 -27.51 -0.32 2.79
C ALA A 1216 -27.11 -1.31 3.86
N ILE A 1217 -28.04 -2.18 4.25
CA ILE A 1217 -27.81 -3.17 5.29
C ILE A 1217 -27.23 -4.44 4.68
N THR A 1218 -28.04 -5.16 3.90
CA THR A 1218 -27.63 -6.46 3.38
C THR A 1218 -26.52 -6.35 2.35
N GLY A 1219 -26.38 -5.21 1.68
CA GLY A 1219 -25.37 -5.10 0.66
C GLY A 1219 -25.92 -5.47 -0.69
N ASN A 1220 -26.82 -6.46 -0.71
CA ASN A 1220 -27.52 -6.86 -1.92
C ASN A 1220 -28.87 -6.17 -2.01
N ALA A 1221 -29.30 -5.89 -3.24
CA ALA A 1221 -30.58 -5.23 -3.43
C ALA A 1221 -31.70 -6.13 -2.94
N PRO A 1222 -32.90 -5.58 -2.77
CA PRO A 1222 -34.04 -6.38 -2.29
C PRO A 1222 -34.59 -7.25 -3.40
N GLU A 1223 -34.63 -8.56 -3.16
CA GLU A 1223 -35.21 -9.51 -4.11
C GLU A 1223 -36.72 -9.34 -4.12
N ILE A 1224 -37.23 -8.60 -5.11
CA ILE A 1224 -38.66 -8.33 -5.21
C ILE A 1224 -39.38 -9.58 -5.69
N ILE A 1225 -40.66 -9.68 -5.34
CA ILE A 1225 -41.48 -10.80 -5.80
C ILE A 1225 -42.86 -10.26 -6.20
N SER B 4 -19.65 24.67 9.42
CA SER B 4 -20.13 23.29 9.28
C SER B 4 -19.56 22.65 8.02
N ASN B 5 -18.26 22.84 7.78
CA ASN B 5 -17.62 22.34 6.55
C ASN B 5 -17.19 20.87 6.67
N MET B 6 -17.04 20.17 5.54
CA MET B 6 -16.58 18.77 5.50
C MET B 6 -16.34 18.42 4.04
N THR B 7 -15.13 17.99 3.67
CA THR B 7 -14.84 17.77 2.24
C THR B 7 -15.11 16.31 1.84
N TYR B 8 -15.35 16.07 0.57
CA TYR B 8 -15.53 14.67 0.11
C TYR B 8 -14.17 13.97 0.19
N ASN B 9 -13.10 14.67 -0.15
CA ASN B 9 -11.79 14.03 -0.01
C ASN B 9 -11.57 13.57 1.42
N ASN B 10 -12.03 14.36 2.40
CA ASN B 10 -12.05 13.88 3.78
C ASN B 10 -12.84 12.57 3.87
N VAL B 11 -13.99 12.51 3.21
CA VAL B 11 -14.87 11.36 3.34
C VAL B 11 -14.29 10.14 2.64
N PHE B 12 -13.69 10.33 1.47
CA PHE B 12 -13.05 9.19 0.79
C PHE B 12 -11.91 8.63 1.63
N ASP B 13 -11.23 9.48 2.39
CA ASP B 13 -10.14 9.01 3.23
C ASP B 13 -10.63 8.07 4.33
N HIS B 14 -11.73 8.43 5.00
CA HIS B 14 -12.35 7.51 5.95
C HIS B 14 -12.77 6.22 5.25
N ALA B 15 -13.46 6.35 4.11
CA ALA B 15 -13.89 5.16 3.38
C ALA B 15 -12.71 4.32 2.93
N TYR B 16 -11.69 4.96 2.37
CA TYR B 16 -10.48 4.24 1.97
C TYR B 16 -9.88 3.49 3.15
N GLU B 17 -9.87 4.13 4.33
CA GLU B 17 -9.31 3.48 5.51
C GLU B 17 -10.23 2.39 6.03
N MET B 18 -11.55 2.60 5.95
CA MET B 18 -12.51 1.55 6.28
C MET B 18 -12.21 0.27 5.51
N LEU B 19 -11.92 0.38 4.21
CA LEU B 19 -11.73 -0.79 3.37
C LEU B 19 -10.40 -1.49 3.65
N LYS B 20 -9.36 -0.73 4.00
CA LYS B 20 -8.11 -1.35 4.43
C LYS B 20 -8.36 -2.26 5.64
N GLU B 21 -9.14 -1.76 6.60
CA GLU B 21 -9.52 -2.59 7.74
C GLU B 21 -10.40 -3.75 7.31
N ASN B 22 -11.40 -3.47 6.48
CA ASN B 22 -12.36 -4.51 6.12
C ASN B 22 -11.69 -5.69 5.42
N ILE B 23 -10.67 -5.41 4.60
CA ILE B 23 -9.96 -6.50 3.93
C ILE B 23 -9.15 -7.30 4.93
N ARG B 24 -8.58 -6.63 5.94
CA ARG B 24 -7.74 -7.33 6.91
C ARG B 24 -8.56 -8.13 7.90
N TYR B 25 -9.77 -7.67 8.22
CA TYR B 25 -10.61 -8.36 9.20
C TYR B 25 -11.31 -9.58 8.63
N ASP B 26 -11.36 -9.74 7.31
CA ASP B 26 -12.03 -10.87 6.68
C ASP B 26 -11.10 -11.71 5.82
N ASP B 27 -9.84 -11.31 5.67
CA ASP B 27 -8.88 -12.02 4.83
C ASP B 27 -9.43 -12.23 3.42
N ILE B 28 -9.75 -11.11 2.77
CA ILE B 28 -10.19 -11.14 1.38
C ILE B 28 -8.95 -11.18 0.49
N ARG B 29 -9.02 -11.98 -0.57
CA ARG B 29 -7.83 -12.24 -1.38
C ARG B 29 -8.07 -11.97 -2.86
N ASP B 30 -9.15 -12.50 -3.43
CA ASP B 30 -9.52 -12.21 -4.81
C ASP B 30 -10.64 -11.18 -4.83
N THR B 31 -10.66 -10.39 -5.90
CA THR B 31 -11.69 -9.36 -6.03
C THR B 31 -13.10 -9.93 -6.06
N ASP B 32 -13.25 -11.20 -6.43
CA ASP B 32 -14.58 -11.82 -6.46
C ASP B 32 -15.25 -11.83 -5.10
N ASP B 33 -14.54 -11.47 -4.03
CA ASP B 33 -15.08 -11.43 -2.68
C ASP B 33 -14.88 -10.08 -2.02
N LEU B 34 -14.54 -9.03 -2.78
CA LEU B 34 -14.26 -7.71 -2.23
C LEU B 34 -15.46 -6.79 -2.20
N HIS B 35 -16.56 -7.19 -2.84
CA HIS B 35 -17.67 -6.26 -3.05
C HIS B 35 -18.20 -5.72 -1.73
N ASP B 36 -18.53 -6.61 -0.79
CA ASP B 36 -19.13 -6.18 0.47
C ASP B 36 -18.24 -5.18 1.19
N ALA B 37 -16.98 -5.53 1.44
CA ALA B 37 -16.08 -4.66 2.19
C ALA B 37 -16.06 -3.24 1.63
N ILE B 38 -16.25 -3.10 0.32
CA ILE B 38 -16.23 -1.77 -0.29
C ILE B 38 -17.55 -1.04 -0.02
N HIS B 39 -18.67 -1.77 -0.10
CA HIS B 39 -19.97 -1.13 0.09
C HIS B 39 -20.11 -0.59 1.50
N MET B 40 -19.75 -1.39 2.51
CA MET B 40 -19.87 -0.97 3.90
C MET B 40 -18.98 0.24 4.18
N ALA B 41 -17.72 0.17 3.74
CA ALA B 41 -16.79 1.28 3.98
C ALA B 41 -17.38 2.59 3.49
N ALA B 42 -18.06 2.56 2.34
CA ALA B 42 -18.66 3.79 1.82
C ALA B 42 -19.82 4.24 2.69
N ASP B 43 -20.74 3.33 3.02
CA ASP B 43 -21.94 3.69 3.77
C ASP B 43 -21.57 4.27 5.14
N ASN B 44 -20.59 3.67 5.82
CA ASN B 44 -20.18 4.13 7.13
C ASN B 44 -19.48 5.48 7.10
N ALA B 45 -19.08 5.96 5.92
CA ALA B 45 -18.39 7.23 5.78
C ALA B 45 -19.31 8.38 5.38
N VAL B 46 -20.54 8.10 4.97
CA VAL B 46 -21.45 9.18 4.56
C VAL B 46 -21.74 10.06 5.77
N PRO B 47 -21.72 11.39 5.63
CA PRO B 47 -22.06 12.25 6.76
C PRO B 47 -23.53 12.13 7.13
N HIS B 48 -23.84 12.51 8.36
CA HIS B 48 -25.18 12.34 8.91
C HIS B 48 -25.96 13.64 9.01
N TYR B 49 -25.31 14.76 9.23
CA TYR B 49 -26.02 16.02 9.35
C TYR B 49 -26.26 16.67 8.00
N TYR B 50 -27.38 17.37 7.89
CA TYR B 50 -27.72 18.09 6.66
C TYR B 50 -26.61 19.10 6.33
N ALA B 51 -26.15 19.83 7.35
CA ALA B 51 -25.09 20.80 7.12
C ALA B 51 -23.85 20.13 6.54
N ASP B 52 -23.48 18.94 7.06
CA ASP B 52 -22.27 18.30 6.58
C ASP B 52 -22.46 17.68 5.20
N ILE B 53 -23.63 17.07 4.95
CA ILE B 53 -23.84 16.38 3.69
C ILE B 53 -23.78 17.36 2.52
N PHE B 54 -24.44 18.52 2.66
CA PHE B 54 -24.30 19.56 1.64
C PHE B 54 -22.84 19.96 1.46
N SER B 55 -22.11 20.10 2.56
CA SER B 55 -20.70 20.48 2.47
C SER B 55 -19.92 19.50 1.61
N VAL B 56 -20.23 18.22 1.73
CA VAL B 56 -19.52 17.20 0.96
C VAL B 56 -19.80 17.37 -0.53
N MET B 57 -21.07 17.51 -0.89
CA MET B 57 -21.44 17.66 -2.29
C MET B 57 -20.69 18.84 -2.92
N ALA B 58 -20.66 19.98 -2.23
CA ALA B 58 -20.10 21.20 -2.80
C ALA B 58 -18.62 21.05 -3.12
N SER B 59 -18.02 19.92 -2.77
CA SER B 59 -16.59 19.75 -2.87
C SER B 59 -16.22 18.98 -4.13
N GLU B 60 -14.92 18.93 -4.38
CA GLU B 60 -14.37 18.25 -5.54
C GLU B 60 -14.41 16.73 -5.33
N GLY B 61 -14.46 16.01 -6.45
CA GLY B 61 -14.45 14.56 -6.43
C GLY B 61 -15.81 13.90 -6.52
N ILE B 62 -16.87 14.68 -6.49
CA ILE B 62 -18.23 14.14 -6.56
C ILE B 62 -19.10 15.11 -7.34
N ASP B 63 -19.90 14.56 -8.25
CA ASP B 63 -20.86 15.33 -9.04
C ASP B 63 -22.28 14.99 -8.61
N LEU B 64 -23.25 15.62 -9.26
CA LEU B 64 -24.63 15.54 -8.83
C LEU B 64 -25.50 14.68 -9.73
N GLU B 65 -24.95 14.11 -10.81
CA GLU B 65 -25.67 13.15 -11.64
C GLU B 65 -25.22 11.74 -11.28
N PHE B 66 -26.18 10.90 -10.87
CA PHE B 66 -25.87 9.51 -10.57
C PHE B 66 -25.35 8.76 -11.80
N GLU B 67 -25.01 7.49 -11.60
CA GLU B 67 -24.69 6.56 -12.68
C GLU B 67 -25.73 5.46 -12.85
N ASP B 68 -26.33 5.02 -11.75
CA ASP B 68 -27.10 3.78 -11.71
C ASP B 68 -28.38 4.05 -10.93
N SER B 69 -29.52 3.97 -11.61
CA SER B 69 -30.79 4.34 -10.98
C SER B 69 -31.09 3.47 -9.77
N GLY B 70 -30.76 2.18 -9.85
CA GLY B 70 -31.11 1.26 -8.77
C GLY B 70 -30.59 1.70 -7.41
N LEU B 71 -29.37 2.23 -7.38
CA LEU B 71 -28.79 2.73 -6.14
C LEU B 71 -29.41 4.05 -5.71
N MET B 72 -30.35 4.57 -6.48
CA MET B 72 -30.95 5.87 -6.19
C MET B 72 -32.33 5.65 -5.59
N PRO B 73 -32.53 5.92 -4.30
CA PRO B 73 -33.85 5.67 -3.71
C PRO B 73 -34.83 6.57 -4.45
N ASP B 74 -35.85 5.97 -5.07
CA ASP B 74 -36.96 6.77 -5.65
C ASP B 74 -37.70 7.14 -4.37
N THR B 75 -37.52 8.35 -3.84
CA THR B 75 -37.84 8.73 -2.47
C THR B 75 -38.07 10.23 -2.41
N LYS B 76 -38.92 10.65 -1.47
CA LYS B 76 -39.20 12.06 -1.24
C LYS B 76 -38.20 12.65 -0.26
N ASP B 77 -37.19 11.88 0.13
CA ASP B 77 -36.24 12.27 1.17
C ASP B 77 -34.89 12.59 0.53
N VAL B 78 -34.65 13.88 0.28
CA VAL B 78 -33.50 14.28 -0.51
C VAL B 78 -32.18 14.08 0.23
N ILE B 79 -32.20 14.15 1.56
CA ILE B 79 -30.98 13.85 2.30
C ILE B 79 -30.56 12.41 2.06
N ARG B 80 -31.52 11.50 1.88
CA ARG B 80 -31.19 10.13 1.48
C ARG B 80 -30.57 10.12 0.09
N ILE B 81 -31.06 10.99 -0.80
CA ILE B 81 -30.56 11.01 -2.17
C ILE B 81 -29.13 11.53 -2.21
N LEU B 82 -28.93 12.77 -1.75
CA LEU B 82 -27.58 13.29 -1.61
C LEU B 82 -26.70 12.32 -0.82
N GLN B 83 -27.28 11.64 0.16
CA GLN B 83 -26.56 10.62 0.90
C GLN B 83 -26.27 9.41 0.03
N ALA B 84 -27.17 9.10 -0.91
CA ALA B 84 -26.91 8.02 -1.85
C ALA B 84 -25.80 8.40 -2.82
N ARG B 85 -25.85 9.62 -3.35
CA ARG B 85 -24.87 10.05 -4.35
C ARG B 85 -23.44 9.96 -3.80
N ILE B 86 -23.27 10.16 -2.51
CA ILE B 86 -21.93 10.09 -1.91
C ILE B 86 -21.51 8.64 -1.74
N TYR B 87 -22.47 7.76 -1.45
CA TYR B 87 -22.19 6.33 -1.40
C TYR B 87 -21.64 5.84 -2.73
N GLU B 88 -22.34 6.12 -3.82
CA GLU B 88 -21.95 5.62 -5.14
C GLU B 88 -20.57 6.12 -5.53
N GLN B 89 -20.32 7.42 -5.39
CA GLN B 89 -19.01 7.96 -5.72
C GLN B 89 -17.91 7.28 -4.92
N LEU B 90 -18.15 7.03 -3.63
CA LEU B 90 -17.14 6.38 -2.80
C LEU B 90 -16.84 4.97 -3.29
N THR B 91 -17.89 4.21 -3.64
CA THR B 91 -17.69 2.85 -4.09
C THR B 91 -16.91 2.79 -5.40
N ILE B 92 -17.24 3.69 -6.33
CA ILE B 92 -16.54 3.72 -7.62
C ILE B 92 -15.05 3.95 -7.39
N ASP B 93 -14.71 4.97 -6.61
CA ASP B 93 -13.30 5.29 -6.37
C ASP B 93 -12.60 4.13 -5.67
N LEU B 94 -13.27 3.50 -4.70
CA LEU B 94 -12.64 2.43 -3.94
C LEU B 94 -12.25 1.26 -4.85
N TRP B 95 -13.16 0.84 -5.73
CA TRP B 95 -12.85 -0.26 -6.64
C TRP B 95 -11.64 0.07 -7.50
N GLU B 96 -11.41 1.36 -7.79
CA GLU B 96 -10.24 1.76 -8.57
C GLU B 96 -8.93 1.55 -7.83
N ASP B 97 -8.99 1.25 -6.53
CA ASP B 97 -7.81 0.89 -5.76
C ASP B 97 -7.89 -0.54 -5.24
N ALA B 98 -8.83 -1.34 -5.75
CA ALA B 98 -9.06 -2.66 -5.17
C ALA B 98 -7.85 -3.57 -5.34
N GLU B 99 -7.37 -3.74 -6.58
CA GLU B 99 -6.21 -4.58 -6.80
C GLU B 99 -4.98 -4.04 -6.07
N ASP B 100 -4.89 -2.72 -5.93
CA ASP B 100 -3.78 -2.13 -5.17
C ASP B 100 -3.79 -2.61 -3.73
N LEU B 101 -4.98 -2.61 -3.10
CA LEU B 101 -5.06 -3.01 -1.70
C LEU B 101 -4.93 -4.53 -1.56
N LEU B 102 -5.74 -5.29 -2.31
CA LEU B 102 -5.57 -6.74 -2.33
C LEU B 102 -4.10 -7.11 -2.53
N ASN B 103 -3.40 -6.36 -3.37
CA ASN B 103 -1.95 -6.52 -3.45
C ASN B 103 -1.27 -6.03 -2.19
N GLU B 104 -1.73 -4.90 -1.64
CA GLU B 104 -1.07 -4.37 -0.45
C GLU B 104 -1.30 -5.25 0.77
N TYR B 105 -2.51 -5.82 0.90
CA TYR B 105 -2.78 -6.67 2.06
C TYR B 105 -2.19 -8.06 1.86
N LEU B 106 -2.27 -8.60 0.64
CA LEU B 106 -1.55 -9.84 0.34
C LEU B 106 -0.05 -9.66 0.53
N GLU B 107 0.47 -8.51 0.12
CA GLU B 107 1.90 -8.20 0.19
C GLU B 107 2.32 -7.62 1.53
N GLU B 108 1.46 -7.69 2.56
CA GLU B 108 1.75 -7.10 3.85
C GLU B 108 2.21 -8.09 4.90
N VAL B 109 2.04 -9.40 4.66
CA VAL B 109 2.47 -10.40 5.63
C VAL B 109 3.87 -10.87 5.29
N GLU B 110 4.05 -11.46 4.11
CA GLU B 110 5.34 -12.01 3.68
C GLU B 110 5.87 -13.01 4.72
N GLU B 111 5.03 -13.99 5.05
CA GLU B 111 5.40 -14.99 6.04
C GLU B 111 4.63 -16.28 5.83
#